data_9NL8
# 
_entry.id   9NL8 
# 
_audit_conform.dict_name       mmcif_pdbx.dic 
_audit_conform.dict_version    5.406 
_audit_conform.dict_location   http://mmcif.pdb.org/dictionaries/ascii/mmcif_pdbx.dic 
# 
loop_
_database_2.database_id 
_database_2.database_code 
_database_2.pdbx_database_accession 
_database_2.pdbx_DOI 
PDB   9NL8         pdb_00009nl8 10.2210/pdb9nl8/pdb 
WWPDB D_1000293047 ?            ?                   
# 
_pdbx_audit_revision_history.ordinal             1 
_pdbx_audit_revision_history.data_content_type   'Structure model' 
_pdbx_audit_revision_history.major_revision      1 
_pdbx_audit_revision_history.minor_revision      0 
_pdbx_audit_revision_history.revision_date       2025-09-10 
_pdbx_audit_revision_history.part_number         ? 
# 
_pdbx_audit_revision_details.ordinal             1 
_pdbx_audit_revision_details.revision_ordinal    1 
_pdbx_audit_revision_details.data_content_type   'Structure model' 
_pdbx_audit_revision_details.provider            repository 
_pdbx_audit_revision_details.type                'Initial release' 
_pdbx_audit_revision_details.description         ? 
_pdbx_audit_revision_details.details             ? 
# 
_pdbx_database_status.status_code                     REL 
_pdbx_database_status.status_code_sf                  REL 
_pdbx_database_status.status_code_mr                  ? 
_pdbx_database_status.entry_id                        9NL8 
_pdbx_database_status.recvd_initial_deposition_date   2025-03-02 
_pdbx_database_status.SG_entry                        N 
_pdbx_database_status.deposit_site                    RCSB 
_pdbx_database_status.process_site                    RCSB 
_pdbx_database_status.status_code_cs                  ? 
_pdbx_database_status.status_code_nmr_data            ? 
_pdbx_database_status.methods_development_category    ? 
_pdbx_database_status.pdb_format_compatible           Y 
# 
_pdbx_contact_author.id                 2 
_pdbx_contact_author.email              rs17@nyu.edu 
_pdbx_contact_author.name_first         Ruojie 
_pdbx_contact_author.name_last          Sha 
_pdbx_contact_author.name_mi            ? 
_pdbx_contact_author.role               'principal investigator/group leader' 
_pdbx_contact_author.identifier_ORCID   0000-0002-0807-734X 
# 
loop_
_audit_author.name 
_audit_author.pdbx_ordinal 
_audit_author.identifier_ORCID 
'Horvath, A.'   1 0009-0008-5770-8014 
'Vecchioni, S.' 2 0000-0001-8243-650X 
'Woloszyn, K.'  3 0000-0003-1200-583X 
'Ohayon, Y.P.'  4 0000-0001-7500-4282 
'Sha, R.'       5 0000-0002-0807-734X 
# 
_citation.abstract                  ? 
_citation.abstract_id_CAS           ? 
_citation.book_id_ISBN              ? 
_citation.book_publisher            ? 
_citation.book_publisher_city       ? 
_citation.book_title                ? 
_citation.coordinate_linkage        ? 
_citation.country                   ? 
_citation.database_id_Medline       ? 
_citation.details                   ? 
_citation.id                        primary 
_citation.journal_abbrev            'To Be Published' 
_citation.journal_id_ASTM           ? 
_citation.journal_id_CSD            0353 
_citation.journal_id_ISSN           ? 
_citation.journal_full              ? 
_citation.journal_issue             ? 
_citation.journal_volume            ? 
_citation.language                  ? 
_citation.page_first                ? 
_citation.page_last                 ? 
_citation.title                     'Shifted tensegrity triangles' 
_citation.year                      ? 
_citation.database_id_CSD           ? 
_citation.pdbx_database_id_DOI      ? 
_citation.pdbx_database_id_PubMed   ? 
_citation.pdbx_database_id_patent   ? 
_citation.unpublished_flag          ? 
# 
loop_
_citation_author.citation_id 
_citation_author.name 
_citation_author.ordinal 
_citation_author.identifier_ORCID 
primary 'Horvath, A.'   1 0009-0008-5770-8014 
primary 'Vecchioni, S.' 2 0000-0001-8243-650X 
primary 'Woloszyn, K.'  3 0000-0003-1200-583X 
primary 'Ohayon, Y.P.'  4 0000-0001-7500-4282 
primary 'Sha, R.'       5 0000-0002-0807-734X 
# 
loop_
_entity.id 
_entity.type 
_entity.src_method 
_entity.pdbx_description 
_entity.formula_weight 
_entity.pdbx_number_of_molecules 
_entity.pdbx_ec 
_entity.pdbx_mutation 
_entity.pdbx_fragment 
_entity.details 
1 polymer syn 
;DNA (5'-D(*GP*AP*CP*CP*TP*GP*TP*A)-3')
;
2426.617 1 ? ? ? ? 
2 polymer syn 
;DNA (5'-D(P*TP*AP*CP*AP*CP*CP*G)-3')
;
2082.400 1 ? ? ? ? 
3 polymer syn 
;DNA (5'-D(P*CP*TP*GP*CP*TP*GP*AP*CP*TP*GP*TP*GP*GP*T)-3')
;
4302.788 1 ? ? ? ? 
4 polymer syn 
;DNA (5'-D(P*CP*GP*GP*AP*CP*AP*GP*TP*C*AP*GP*CP*A)-3')
;
3985.613 1 ? ? ? ? 
# 
loop_
_entity_poly.entity_id 
_entity_poly.type 
_entity_poly.nstd_linkage 
_entity_poly.nstd_monomer 
_entity_poly.pdbx_seq_one_letter_code 
_entity_poly.pdbx_seq_one_letter_code_can 
_entity_poly.pdbx_strand_id 
_entity_poly.pdbx_target_identifier 
1 polydeoxyribonucleotide no no '(DG)(DA)(DC)(DC)(DT)(DG)(DT)(DA)'                         GACCTGTA       B ? 
2 polydeoxyribonucleotide no no '(DT)(DA)(DC)(DA)(DC)(DC)(DG)'                             TACACCG        C ? 
3 polydeoxyribonucleotide no no '(DC)(DT)(DG)(DC)(DT)(DG)(DA)(DC)(DT)(DG)(DT)(DG)(DG)(DT)' CTGCTGACTGTGGT A ? 
4 polydeoxyribonucleotide no no '(DC)(DG)(DG)(DA)(DC)(DA)(DG)(DT)(DC)(DA)(DG)(DC)(DA)'     CGGACAGTCAGCA  E ? 
# 
loop_
_entity_poly_seq.entity_id 
_entity_poly_seq.num 
_entity_poly_seq.mon_id 
_entity_poly_seq.hetero 
1 1  DG n 
1 2  DA n 
1 3  DC n 
1 4  DC n 
1 5  DT n 
1 6  DG n 
1 7  DT n 
1 8  DA n 
2 1  DT n 
2 2  DA n 
2 3  DC n 
2 4  DA n 
2 5  DC n 
2 6  DC n 
2 7  DG n 
3 1  DC n 
3 2  DT n 
3 3  DG n 
3 4  DC n 
3 5  DT n 
3 6  DG n 
3 7  DA n 
3 8  DC n 
3 9  DT n 
3 10 DG n 
3 11 DT n 
3 12 DG n 
3 13 DG n 
3 14 DT n 
4 1  DC n 
4 2  DG n 
4 3  DG n 
4 4  DA n 
4 5  DC n 
4 6  DA n 
4 7  DG n 
4 8  DT n 
4 9  DC n 
4 10 DA n 
4 11 DG n 
4 12 DC n 
4 13 DA n 
# 
loop_
_pdbx_entity_src_syn.entity_id 
_pdbx_entity_src_syn.pdbx_src_id 
_pdbx_entity_src_syn.pdbx_alt_source_flag 
_pdbx_entity_src_syn.pdbx_beg_seq_num 
_pdbx_entity_src_syn.pdbx_end_seq_num 
_pdbx_entity_src_syn.organism_scientific 
_pdbx_entity_src_syn.organism_common_name 
_pdbx_entity_src_syn.ncbi_taxonomy_id 
_pdbx_entity_src_syn.details 
1 1 sample 1 8  'synthetic construct' ? 32630 ? 
2 1 sample 1 7  'synthetic construct' ? 32630 ? 
3 1 sample 1 14 'synthetic construct' ? 32630 ? 
4 1 sample 1 13 'synthetic construct' ? 32630 ? 
# 
loop_
_chem_comp.id 
_chem_comp.type 
_chem_comp.mon_nstd_flag 
_chem_comp.name 
_chem_comp.pdbx_synonyms 
_chem_comp.formula 
_chem_comp.formula_weight 
DA 'DNA linking' y "2'-DEOXYADENOSINE-5'-MONOPHOSPHATE" ? 'C10 H14 N5 O6 P' 331.222 
DC 'DNA linking' y "2'-DEOXYCYTIDINE-5'-MONOPHOSPHATE"  ? 'C9 H14 N3 O7 P'  307.197 
DG 'DNA linking' y "2'-DEOXYGUANOSINE-5'-MONOPHOSPHATE" ? 'C10 H14 N5 O7 P' 347.221 
DT 'DNA linking' y "THYMIDINE-5'-MONOPHOSPHATE"         ? 'C10 H15 N2 O8 P' 322.208 
# 
loop_
_pdbx_poly_seq_scheme.asym_id 
_pdbx_poly_seq_scheme.entity_id 
_pdbx_poly_seq_scheme.seq_id 
_pdbx_poly_seq_scheme.mon_id 
_pdbx_poly_seq_scheme.ndb_seq_num 
_pdbx_poly_seq_scheme.pdb_seq_num 
_pdbx_poly_seq_scheme.auth_seq_num 
_pdbx_poly_seq_scheme.pdb_mon_id 
_pdbx_poly_seq_scheme.auth_mon_id 
_pdbx_poly_seq_scheme.pdb_strand_id 
_pdbx_poly_seq_scheme.pdb_ins_code 
_pdbx_poly_seq_scheme.hetero 
A 1 1  DG 1  1  1  DG DG B . n 
A 1 2  DA 2  2  2  DA DA B . n 
A 1 3  DC 3  3  3  DC DC B . n 
A 1 4  DC 4  4  4  DC DC B . n 
A 1 5  DT 5  5  5  DT DT B . n 
A 1 6  DG 6  6  6  DG DG B . n 
A 1 7  DT 7  7  7  DT DT B . n 
A 1 8  DA 8  8  8  DA DA B . n 
B 2 1  DT 1  16 16 DT DT C . n 
B 2 2  DA 2  17 17 DA DA C . n 
B 2 3  DC 3  18 18 DC DC C . n 
B 2 4  DA 4  19 19 DA DA C . n 
B 2 5  DC 5  20 20 DC DC C . n 
B 2 6  DC 6  21 21 DC DC C . n 
B 2 7  DG 7  22 22 DG DG C . n 
C 3 1  DC 1  2  2  DC DC A . n 
C 3 2  DT 2  3  3  DT DT A . n 
C 3 3  DG 3  4  4  DG DG A . n 
C 3 4  DC 4  5  5  DC DC A . n 
C 3 5  DT 5  6  6  DT DT A . n 
C 3 6  DG 6  7  7  DG DG A . n 
C 3 7  DA 7  8  8  DA DA A . n 
C 3 8  DC 8  9  9  DC DC A . n 
C 3 9  DT 9  10 10 DT DT A . n 
C 3 10 DG 10 11 11 DG DG A . n 
C 3 11 DT 11 12 12 DT DT A . n 
C 3 12 DG 12 13 13 DG DG A . n 
C 3 13 DG 13 14 14 DG DG A . n 
C 3 14 DT 14 15 15 DT DT A . n 
D 4 1  DC 1  9  9  DC DC E . n 
D 4 2  DG 2  10 10 DG DG E . n 
D 4 3  DG 3  11 11 DG DG E . n 
D 4 4  DA 4  12 12 DA DA E . n 
D 4 5  DC 5  13 13 DC DC E . n 
D 4 6  DA 6  14 14 DA DA E . n 
D 4 7  DG 7  15 15 DG DG E . n 
D 4 8  DT 8  16 16 DT DT E . n 
D 4 9  DC 9  17 17 DC DC E . n 
D 4 10 DA 10 18 18 DA DA E . n 
D 4 11 DG 11 19 19 DG DG E . n 
D 4 12 DC 12 20 20 DC DC E . n 
D 4 13 DA 13 21 21 DA DA E . n 
# 
loop_
_software.citation_id 
_software.classification 
_software.compiler_name 
_software.compiler_version 
_software.contact_author 
_software.contact_author_email 
_software.date 
_software.description 
_software.dependencies 
_software.hardware 
_software.language 
_software.location 
_software.mods 
_software.name 
_software.os 
_software.os_version 
_software.type 
_software.version 
_software.pdbx_ordinal 
? refinement       ? ? ? ? ? ? ? ? ? ? ? PHENIX    ? ? ? 1.21.1_5286 1 
? 'data reduction' ? ? ? ? ? ? ? ? ? ? ? autoPROC  ? ? ? .           2 
? 'data scaling'   ? ? ? ? ? ? ? ? ? ? ? STARANISO ? ? ? .           3 
? phasing          ? ? ? ? ? ? ? ? ? ? ? PHASER    ? ? ? .           4 
# 
_cell.angle_alpha                  90.000 
_cell.angle_alpha_esd              ? 
_cell.angle_beta                   90.000 
_cell.angle_beta_esd               ? 
_cell.angle_gamma                  120.000 
_cell.angle_gamma_esd              ? 
_cell.entry_id                     9NL8 
_cell.details                      ? 
_cell.formula_units_Z              ? 
_cell.length_a                     107.966 
_cell.length_a_esd                 ? 
_cell.length_b                     107.966 
_cell.length_b_esd                 ? 
_cell.length_c                     92.483 
_cell.length_c_esd                 ? 
_cell.volume                       933612.299 
_cell.volume_esd                   ? 
_cell.Z_PDB                        9 
_cell.reciprocal_angle_alpha       ? 
_cell.reciprocal_angle_beta        ? 
_cell.reciprocal_angle_gamma       ? 
_cell.reciprocal_angle_alpha_esd   ? 
_cell.reciprocal_angle_beta_esd    ? 
_cell.reciprocal_angle_gamma_esd   ? 
_cell.reciprocal_length_a          ? 
_cell.reciprocal_length_b          ? 
_cell.reciprocal_length_c          ? 
_cell.reciprocal_length_a_esd      ? 
_cell.reciprocal_length_b_esd      ? 
_cell.reciprocal_length_c_esd      ? 
_cell.pdbx_unique_axis             ? 
_cell.pdbx_esd_method              ? 
# 
_symmetry.entry_id                         9NL8 
_symmetry.cell_setting                     ? 
_symmetry.Int_Tables_number                146 
_symmetry.space_group_name_Hall            'R 3' 
_symmetry.space_group_name_H-M             'H 3' 
_symmetry.pdbx_full_space_group_name_H-M   ? 
# 
_exptl.absorpt_coefficient_mu     ? 
_exptl.absorpt_correction_T_max   ? 
_exptl.absorpt_correction_T_min   ? 
_exptl.absorpt_correction_type    ? 
_exptl.absorpt_process_details    ? 
_exptl.entry_id                   9NL8 
_exptl.crystals_number            1 
_exptl.details                    ? 
_exptl.method                     'X-RAY DIFFRACTION' 
_exptl.method_details             ? 
# 
_exptl_crystal.colour                       ? 
_exptl_crystal.density_diffrn               ? 
_exptl_crystal.density_Matthews             ? 
_exptl_crystal.density_method               ? 
_exptl_crystal.density_percent_sol          ? 
_exptl_crystal.description                  ? 
_exptl_crystal.F_000                        ? 
_exptl_crystal.id                           1 
_exptl_crystal.preparation                  ? 
_exptl_crystal.size_max                     ? 
_exptl_crystal.size_mid                     ? 
_exptl_crystal.size_min                     ? 
_exptl_crystal.size_rad                     ? 
_exptl_crystal.colour_lustre                ? 
_exptl_crystal.colour_modifier              ? 
_exptl_crystal.colour_primary               ? 
_exptl_crystal.density_meas                 ? 
_exptl_crystal.density_meas_esd             ? 
_exptl_crystal.density_meas_gt              ? 
_exptl_crystal.density_meas_lt              ? 
_exptl_crystal.density_meas_temp            ? 
_exptl_crystal.density_meas_temp_esd        ? 
_exptl_crystal.density_meas_temp_gt         ? 
_exptl_crystal.density_meas_temp_lt         ? 
_exptl_crystal.pdbx_crystal_image_url       ? 
_exptl_crystal.pdbx_crystal_image_format    ? 
_exptl_crystal.pdbx_mosaicity               ? 
_exptl_crystal.pdbx_mosaicity_esd           ? 
_exptl_crystal.pdbx_mosaic_method           ? 
_exptl_crystal.pdbx_mosaic_block_size       ? 
_exptl_crystal.pdbx_mosaic_block_size_esd   ? 
# 
_exptl_crystal_grow.apparatus       ? 
_exptl_crystal_grow.atmosphere      ? 
_exptl_crystal_grow.crystal_id      1 
_exptl_crystal_grow.details         ? 
_exptl_crystal_grow.method          'VAPOR DIFFUSION, HANGING DROP' 
_exptl_crystal_grow.method_ref      ? 
_exptl_crystal_grow.pH              ? 
_exptl_crystal_grow.pressure        ? 
_exptl_crystal_grow.pressure_esd    ? 
_exptl_crystal_grow.seeding         ? 
_exptl_crystal_grow.seeding_ref     ? 
_exptl_crystal_grow.temp_details    '338-293 at 0.4/hr' 
_exptl_crystal_grow.temp_esd        ? 
_exptl_crystal_grow.time            ? 
_exptl_crystal_grow.pdbx_details    '100 mM MOPS, 1.25 M magnesium sulfate' 
_exptl_crystal_grow.pdbx_pH_range   ? 
_exptl_crystal_grow.temp            293 
# 
_diffrn.ambient_environment              ? 
_diffrn.ambient_temp                     100 
_diffrn.ambient_temp_details             ? 
_diffrn.ambient_temp_esd                 ? 
_diffrn.crystal_id                       1 
_diffrn.crystal_support                  ? 
_diffrn.crystal_treatment                ? 
_diffrn.details                          ? 
_diffrn.id                               1 
_diffrn.ambient_pressure                 ? 
_diffrn.ambient_pressure_esd             ? 
_diffrn.ambient_pressure_gt              ? 
_diffrn.ambient_pressure_lt              ? 
_diffrn.ambient_temp_gt                  ? 
_diffrn.ambient_temp_lt                  ? 
_diffrn.pdbx_serial_crystal_experiment   N 
# 
_diffrn_detector.details                      ? 
_diffrn_detector.detector                     PIXEL 
_diffrn_detector.diffrn_id                    1 
_diffrn_detector.type                         'DECTRIS EIGER X 9M' 
_diffrn_detector.area_resol_mean              ? 
_diffrn_detector.dtime                        ? 
_diffrn_detector.pdbx_frames_total            ? 
_diffrn_detector.pdbx_collection_time_total   ? 
_diffrn_detector.pdbx_collection_date         2023-03-19 
_diffrn_detector.pdbx_frequency               ? 
_diffrn_detector.id                           ? 
_diffrn_detector.number_of_axes               ? 
# 
_diffrn_radiation.collimation                      ? 
_diffrn_radiation.diffrn_id                        1 
_diffrn_radiation.filter_edge                      ? 
_diffrn_radiation.inhomogeneity                    ? 
_diffrn_radiation.monochromator                    ? 
_diffrn_radiation.polarisn_norm                    ? 
_diffrn_radiation.polarisn_ratio                   ? 
_diffrn_radiation.probe                            ? 
_diffrn_radiation.type                             ? 
_diffrn_radiation.xray_symbol                      ? 
_diffrn_radiation.wavelength_id                    1 
_diffrn_radiation.pdbx_monochromatic_or_laue_m_l   M 
_diffrn_radiation.pdbx_wavelength_list             ? 
_diffrn_radiation.pdbx_wavelength                  ? 
_diffrn_radiation.pdbx_diffrn_protocol             'SINGLE WAVELENGTH' 
_diffrn_radiation.pdbx_analyzer                    ? 
_diffrn_radiation.pdbx_scattering_type             x-ray 
# 
_diffrn_radiation_wavelength.id           1 
_diffrn_radiation_wavelength.wavelength   0.991870 
_diffrn_radiation_wavelength.wt           1.0 
# 
_diffrn_source.current                     ? 
_diffrn_source.details                     ? 
_diffrn_source.diffrn_id                   1 
_diffrn_source.power                       ? 
_diffrn_source.size                        ? 
_diffrn_source.source                      SYNCHROTRON 
_diffrn_source.target                      ? 
_diffrn_source.type                        'APS BEAMLINE 17-ID' 
_diffrn_source.voltage                     ? 
_diffrn_source.take-off_angle              ? 
_diffrn_source.pdbx_wavelength_list        0.991870 
_diffrn_source.pdbx_wavelength             ? 
_diffrn_source.pdbx_synchrotron_beamline   17-ID 
_diffrn_source.pdbx_synchrotron_site       APS 
# 
_reflns.B_iso_Wilson_estimate                          -70.11 
_reflns.entry_id                                       9NL8 
_reflns.data_reduction_details                         ? 
_reflns.data_reduction_method                          ? 
_reflns.d_resolution_high                              3.768 
_reflns.d_resolution_low                               65.752 
_reflns.details                                        ? 
_reflns.limit_h_max                                    ? 
_reflns.limit_h_min                                    ? 
_reflns.limit_k_max                                    ? 
_reflns.limit_k_min                                    ? 
_reflns.limit_l_max                                    ? 
_reflns.limit_l_min                                    ? 
_reflns.number_all                                     ? 
_reflns.number_obs                                     2729 
_reflns.observed_criterion                             ? 
_reflns.observed_criterion_F_max                       ? 
_reflns.observed_criterion_F_min                       ? 
_reflns.observed_criterion_I_max                       ? 
_reflns.observed_criterion_I_min                       ? 
_reflns.observed_criterion_sigma_F                     ? 
_reflns.observed_criterion_sigma_I                     ? 
_reflns.percent_possible_obs                           87.0 
_reflns.R_free_details                                 ? 
_reflns.Rmerge_F_all                                   ? 
_reflns.Rmerge_F_obs                                   ? 
_reflns.Friedel_coverage                               ? 
_reflns.number_gt                                      ? 
_reflns.threshold_expression                           ? 
_reflns.pdbx_redundancy                                9.1 
_reflns.pdbx_netI_over_av_sigmaI                       ? 
_reflns.pdbx_netI_over_sigmaI                          10.1 
_reflns.pdbx_res_netI_over_av_sigmaI_2                 ? 
_reflns.pdbx_res_netI_over_sigmaI_2                    ? 
_reflns.pdbx_chi_squared                               ? 
_reflns.pdbx_scaling_rejects                           ? 
_reflns.pdbx_d_res_high_opt                            ? 
_reflns.pdbx_d_res_low_opt                             ? 
_reflns.pdbx_d_res_opt_method                          ? 
_reflns.phase_calculation_details                      ? 
_reflns.pdbx_Rrim_I_all                                ? 
_reflns.pdbx_Rpim_I_all                                ? 
_reflns.pdbx_d_opt                                     ? 
_reflns.pdbx_number_measured_all                       ? 
_reflns.pdbx_diffrn_id                                 1 
_reflns.pdbx_ordinal                                   1 
_reflns.pdbx_CC_half                                   0.507 
_reflns.pdbx_CC_star                                   ? 
_reflns.pdbx_R_split                                   ? 
_reflns.pdbx_Rmerge_I_obs                              ? 
_reflns.pdbx_Rmerge_I_all                              ? 
_reflns.pdbx_Rsym_value                                ? 
_reflns.pdbx_CC_split_method                           ? 
_reflns.pdbx_aniso_diffraction_limit_axis_1_ortho[1]   ? 
_reflns.pdbx_aniso_diffraction_limit_axis_1_ortho[2]   ? 
_reflns.pdbx_aniso_diffraction_limit_axis_1_ortho[3]   ? 
_reflns.pdbx_aniso_diffraction_limit_axis_2_ortho[1]   ? 
_reflns.pdbx_aniso_diffraction_limit_axis_2_ortho[2]   ? 
_reflns.pdbx_aniso_diffraction_limit_axis_2_ortho[3]   ? 
_reflns.pdbx_aniso_diffraction_limit_axis_3_ortho[1]   ? 
_reflns.pdbx_aniso_diffraction_limit_axis_3_ortho[2]   ? 
_reflns.pdbx_aniso_diffraction_limit_axis_3_ortho[3]   ? 
_reflns.pdbx_aniso_diffraction_limit_1                 ? 
_reflns.pdbx_aniso_diffraction_limit_2                 ? 
_reflns.pdbx_aniso_diffraction_limit_3                 ? 
_reflns.pdbx_aniso_B_tensor_eigenvector_1_ortho[1]     ? 
_reflns.pdbx_aniso_B_tensor_eigenvector_1_ortho[2]     ? 
_reflns.pdbx_aniso_B_tensor_eigenvector_1_ortho[3]     ? 
_reflns.pdbx_aniso_B_tensor_eigenvector_2_ortho[1]     ? 
_reflns.pdbx_aniso_B_tensor_eigenvector_2_ortho[2]     ? 
_reflns.pdbx_aniso_B_tensor_eigenvector_2_ortho[3]     ? 
_reflns.pdbx_aniso_B_tensor_eigenvector_3_ortho[1]     ? 
_reflns.pdbx_aniso_B_tensor_eigenvector_3_ortho[2]     ? 
_reflns.pdbx_aniso_B_tensor_eigenvector_3_ortho[3]     ? 
_reflns.pdbx_aniso_B_tensor_eigenvalue_1               ? 
_reflns.pdbx_aniso_B_tensor_eigenvalue_2               ? 
_reflns.pdbx_aniso_B_tensor_eigenvalue_3               ? 
_reflns.pdbx_orthogonalization_convention              ? 
_reflns.pdbx_percent_possible_ellipsoidal              ? 
_reflns.pdbx_percent_possible_spherical                ? 
_reflns.pdbx_percent_possible_ellipsoidal_anomalous    ? 
_reflns.pdbx_percent_possible_spherical_anomalous      ? 
_reflns.pdbx_redundancy_anomalous                      ? 
_reflns.pdbx_CC_half_anomalous                         ? 
_reflns.pdbx_absDiff_over_sigma_anomalous              ? 
_reflns.pdbx_percent_possible_anomalous                ? 
_reflns.pdbx_observed_signal_threshold                 ? 
_reflns.pdbx_signal_type                               ? 
_reflns.pdbx_signal_details                            ? 
_reflns.pdbx_signal_software_id                        ? 
# 
loop_
_reflns_shell.d_res_high 
_reflns_shell.d_res_low 
_reflns_shell.meanI_over_sigI_all 
_reflns_shell.meanI_over_sigI_obs 
_reflns_shell.number_measured_all 
_reflns_shell.number_measured_obs 
_reflns_shell.number_possible 
_reflns_shell.number_unique_all 
_reflns_shell.number_unique_obs 
_reflns_shell.percent_possible_obs 
_reflns_shell.Rmerge_F_all 
_reflns_shell.Rmerge_F_obs 
_reflns_shell.meanI_over_sigI_gt 
_reflns_shell.meanI_over_uI_all 
_reflns_shell.meanI_over_uI_gt 
_reflns_shell.number_measured_gt 
_reflns_shell.number_unique_gt 
_reflns_shell.percent_possible_gt 
_reflns_shell.Rmerge_F_gt 
_reflns_shell.Rmerge_I_gt 
_reflns_shell.pdbx_redundancy 
_reflns_shell.pdbx_chi_squared 
_reflns_shell.pdbx_netI_over_sigmaI_all 
_reflns_shell.pdbx_netI_over_sigmaI_obs 
_reflns_shell.pdbx_Rrim_I_all 
_reflns_shell.pdbx_Rpim_I_all 
_reflns_shell.pdbx_rejects 
_reflns_shell.pdbx_ordinal 
_reflns_shell.pdbx_diffrn_id 
_reflns_shell.pdbx_CC_half 
_reflns_shell.pdbx_CC_star 
_reflns_shell.pdbx_R_split 
_reflns_shell.percent_possible_all 
_reflns_shell.Rmerge_I_all 
_reflns_shell.Rmerge_I_obs 
_reflns_shell.pdbx_Rsym_value 
_reflns_shell.pdbx_percent_possible_ellipsoidal 
_reflns_shell.pdbx_percent_possible_spherical 
_reflns_shell.pdbx_percent_possible_ellipsoidal_anomalous 
_reflns_shell.pdbx_percent_possible_spherical_anomalous 
_reflns_shell.pdbx_redundancy_anomalous 
_reflns_shell.pdbx_CC_half_anomalous 
_reflns_shell.pdbx_absDiff_over_sigma_anomalous 
_reflns_shell.pdbx_percent_possible_anomalous 
3.768  4.121  ? ? ? ? ? ? 196 ? ? ? ? ? ? ? ? ? ? ? ? ? ? ? ? ? ? 1 1 0.439 ? ? ? ? ? ? ? ? ? ? ? ? ? ? 
10.448 65.752 ? ? ? ? ? ? 195 ? ? ? ? ? ? ? ? ? ? ? ? ? ? ? ? ? ? 2 1 0.999 ? ? ? ? ? ? ? ? ? ? ? ? ? ? 
# 
_refine.aniso_B[1][1]                            ? 
_refine.aniso_B[1][2]                            ? 
_refine.aniso_B[1][3]                            ? 
_refine.aniso_B[2][2]                            ? 
_refine.aniso_B[2][3]                            ? 
_refine.aniso_B[3][3]                            ? 
_refine.B_iso_max                                ? 
_refine.B_iso_mean                               70.38 
_refine.B_iso_min                                ? 
_refine.correlation_coeff_Fo_to_Fc               ? 
_refine.correlation_coeff_Fo_to_Fc_free          ? 
_refine.details                                  ? 
_refine.diff_density_max                         ? 
_refine.diff_density_max_esd                     ? 
_refine.diff_density_min                         ? 
_refine.diff_density_min_esd                     ? 
_refine.diff_density_rms                         ? 
_refine.diff_density_rms_esd                     ? 
_refine.entry_id                                 9NL8 
_refine.pdbx_refine_id                           'X-RAY DIFFRACTION' 
_refine.ls_abs_structure_details                 ? 
_refine.ls_abs_structure_Flack                   ? 
_refine.ls_abs_structure_Flack_esd               ? 
_refine.ls_abs_structure_Rogers                  ? 
_refine.ls_abs_structure_Rogers_esd              ? 
_refine.ls_d_res_high                            3.77 
_refine.ls_d_res_low                             33.01 
_refine.ls_extinction_coef                       ? 
_refine.ls_extinction_coef_esd                   ? 
_refine.ls_extinction_expression                 ? 
_refine.ls_extinction_method                     ? 
_refine.ls_goodness_of_fit_all                   ? 
_refine.ls_goodness_of_fit_all_esd               ? 
_refine.ls_goodness_of_fit_obs                   ? 
_refine.ls_goodness_of_fit_obs_esd               ? 
_refine.ls_hydrogen_treatment                    ? 
_refine.ls_matrix_type                           ? 
_refine.ls_number_constraints                    ? 
_refine.ls_number_parameters                     ? 
_refine.ls_number_reflns_all                     ? 
_refine.ls_number_reflns_obs                     2717 
_refine.ls_number_reflns_R_free                  273 
_refine.ls_number_reflns_R_work                  2444 
_refine.ls_number_restraints                     ? 
_refine.ls_percent_reflns_obs                    66.74 
_refine.ls_percent_reflns_R_free                 10.05 
_refine.ls_R_factor_all                          ? 
_refine.ls_R_factor_obs                          0.3039 
_refine.ls_R_factor_R_free                       0.3506 
_refine.ls_R_factor_R_free_error                 ? 
_refine.ls_R_factor_R_free_error_details         ? 
_refine.ls_R_factor_R_work                       0.2987 
_refine.ls_R_Fsqd_factor_obs                     ? 
_refine.ls_R_I_factor_obs                        ? 
_refine.ls_redundancy_reflns_all                 ? 
_refine.ls_redundancy_reflns_obs                 ? 
_refine.ls_restrained_S_all                      ? 
_refine.ls_restrained_S_obs                      ? 
_refine.ls_shift_over_esd_max                    ? 
_refine.ls_shift_over_esd_mean                   ? 
_refine.ls_structure_factor_coef                 ? 
_refine.ls_weighting_details                     ? 
_refine.ls_weighting_scheme                      ? 
_refine.ls_wR_factor_all                         ? 
_refine.ls_wR_factor_obs                         ? 
_refine.ls_wR_factor_R_free                      ? 
_refine.ls_wR_factor_R_work                      ? 
_refine.occupancy_max                            ? 
_refine.occupancy_min                            ? 
_refine.solvent_model_details                    'FLAT BULK SOLVENT MODEL' 
_refine.solvent_model_param_bsol                 ? 
_refine.solvent_model_param_ksol                 ? 
_refine.correlation_coeff_I_to_Fcsqd_work        ? 
_refine.correlation_coeff_I_to_Fcsqd_free        ? 
_refine.pdbx_R_complete                          ? 
_refine.ls_R_factor_gt                           ? 
_refine.ls_goodness_of_fit_gt                    ? 
_refine.ls_goodness_of_fit_ref                   ? 
_refine.ls_shift_over_su_max                     ? 
_refine.ls_shift_over_su_max_lt                  ? 
_refine.ls_shift_over_su_mean                    ? 
_refine.ls_shift_over_su_mean_lt                 ? 
_refine.pdbx_ls_sigma_I                          ? 
_refine.pdbx_ls_sigma_F                          1.98 
_refine.pdbx_ls_sigma_Fsqd                       ? 
_refine.pdbx_data_cutoff_high_absF               ? 
_refine.pdbx_data_cutoff_high_rms_absF           ? 
_refine.pdbx_data_cutoff_low_absF                ? 
_refine.pdbx_isotropic_thermal_model             ? 
_refine.pdbx_ls_cross_valid_method               'FREE R-VALUE' 
_refine.pdbx_method_to_determine_struct          'MOLECULAR REPLACEMENT' 
_refine.pdbx_starting_model                      ? 
_refine.pdbx_stereochemistry_target_values       'GeoStd + Monomer Library + CDL v1.2' 
_refine.pdbx_R_Free_selection_details            ? 
_refine.pdbx_stereochem_target_val_spec_case     ? 
_refine.pdbx_overall_ESU_R                       ? 
_refine.pdbx_overall_ESU_R_Free                  ? 
_refine.pdbx_solvent_vdw_probe_radii             1.1000 
_refine.pdbx_solvent_ion_probe_radii             ? 
_refine.pdbx_solvent_shrinkage_radii             0.9000 
_refine.pdbx_real_space_R                        ? 
_refine.pdbx_density_correlation                 ? 
_refine.pdbx_pd_number_of_powder_patterns        ? 
_refine.pdbx_pd_number_of_points                 ? 
_refine.pdbx_pd_meas_number_of_points            ? 
_refine.pdbx_pd_proc_ls_prof_R_factor            ? 
_refine.pdbx_pd_proc_ls_prof_wR_factor           ? 
_refine.pdbx_pd_Marquardt_correlation_coeff      ? 
_refine.pdbx_pd_Fsqrd_R_factor                   ? 
_refine.pdbx_pd_ls_matrix_band_width             ? 
_refine.pdbx_overall_phase_error                 20.2437 
_refine.pdbx_overall_SU_R_free_Cruickshank_DPI   ? 
_refine.pdbx_overall_SU_R_free_Blow_DPI          ? 
_refine.pdbx_overall_SU_R_Blow_DPI               ? 
_refine.pdbx_TLS_residual_ADP_flag               ? 
_refine.pdbx_diffrn_id                           1 
_refine.overall_SU_B                             ? 
_refine.overall_SU_ML                            0.6376 
_refine.overall_SU_R_Cruickshank_DPI             ? 
_refine.overall_SU_R_free                        ? 
_refine.overall_FOM_free_R_set                   ? 
_refine.overall_FOM_work_R_set                   ? 
_refine.pdbx_average_fsc_overall                 ? 
_refine.pdbx_average_fsc_work                    ? 
_refine.pdbx_average_fsc_free                    ? 
# 
_refine_hist.pdbx_refine_id                   'X-RAY DIFFRACTION' 
_refine_hist.cycle_id                         LAST 
_refine_hist.details                          ? 
_refine_hist.d_res_high                       3.77 
_refine_hist.d_res_low                        33.01 
_refine_hist.number_atoms_solvent             0 
_refine_hist.number_atoms_total               855 
_refine_hist.number_reflns_all                ? 
_refine_hist.number_reflns_obs                ? 
_refine_hist.number_reflns_R_free             ? 
_refine_hist.number_reflns_R_work             ? 
_refine_hist.R_factor_all                     ? 
_refine_hist.R_factor_obs                     ? 
_refine_hist.R_factor_R_free                  ? 
_refine_hist.R_factor_R_work                  ? 
_refine_hist.pdbx_number_residues_total       ? 
_refine_hist.pdbx_B_iso_mean_ligand           ? 
_refine_hist.pdbx_B_iso_mean_solvent          ? 
_refine_hist.pdbx_number_atoms_protein        0 
_refine_hist.pdbx_number_atoms_nucleic_acid   855 
_refine_hist.pdbx_number_atoms_ligand         0 
_refine_hist.pdbx_number_atoms_lipid          ? 
_refine_hist.pdbx_number_atoms_carb           ? 
_refine_hist.pdbx_pseudo_atom_details         ? 
# 
loop_
_refine_ls_restr.pdbx_refine_id 
_refine_ls_restr.criterion 
_refine_ls_restr.dev_ideal 
_refine_ls_restr.dev_ideal_target 
_refine_ls_restr.number 
_refine_ls_restr.rejects 
_refine_ls_restr.type 
_refine_ls_restr.weight 
_refine_ls_restr.pdbx_restraint_function 
'X-RAY DIFFRACTION' ? 0.0061  ? 956  ? f_bond_d           ? ? 
'X-RAY DIFFRACTION' ? 0.8259  ? 1467 ? f_angle_d          ? ? 
'X-RAY DIFFRACTION' ? 0.0442  ? 166  ? f_chiral_restr     ? ? 
'X-RAY DIFFRACTION' ? 0.0045  ? 42   ? f_plane_restr      ? ? 
'X-RAY DIFFRACTION' ? 38.0399 ? 442  ? f_dihedral_angle_d ? ? 
# 
loop_
_refine_ls_shell.pdbx_refine_id 
_refine_ls_shell.d_res_high 
_refine_ls_shell.d_res_low 
_refine_ls_shell.number_reflns_all 
_refine_ls_shell.number_reflns_obs 
_refine_ls_shell.number_reflns_R_free 
_refine_ls_shell.number_reflns_R_work 
_refine_ls_shell.percent_reflns_obs 
_refine_ls_shell.percent_reflns_R_free 
_refine_ls_shell.R_factor_all 
_refine_ls_shell.R_factor_obs 
_refine_ls_shell.R_factor_R_free_error 
_refine_ls_shell.R_factor_R_work 
_refine_ls_shell.redundancy_reflns_all 
_refine_ls_shell.redundancy_reflns_obs 
_refine_ls_shell.wR_factor_all 
_refine_ls_shell.wR_factor_obs 
_refine_ls_shell.wR_factor_R_free 
_refine_ls_shell.wR_factor_R_work 
_refine_ls_shell.pdbx_R_complete 
_refine_ls_shell.correlation_coeff_Fo_to_Fc 
_refine_ls_shell.correlation_coeff_Fo_to_Fc_free 
_refine_ls_shell.correlation_coeff_I_to_Fcsqd_work 
_refine_ls_shell.correlation_coeff_I_to_Fcsqd_free 
_refine_ls_shell.pdbx_total_number_of_bins_used 
_refine_ls_shell.pdbx_phase_error 
_refine_ls_shell.pdbx_fsc_work 
_refine_ls_shell.pdbx_fsc_free 
_refine_ls_shell.R_factor_R_free 
'X-RAY DIFFRACTION' 3.77 4.74  . . 76  708  38.60 . . . . 0.3186 . . . . . . . . . . . . . . . 0.3500 
'X-RAY DIFFRACTION' 4.75 33.01 . . 197 1736 95.22 . . . . 0.2803 . . . . . . . . . . . . . . . 0.3511 
# 
_struct.entry_id                     9NL8 
_struct.title                        
'[3,7,10-1] Shifted tensegrity triangle with an (arm,center,arm) distribution of (3,7,10) base pairs and 1 nt sticky ends' 
_struct.pdbx_model_details           ? 
_struct.pdbx_formula_weight          ? 
_struct.pdbx_formula_weight_method   ? 
_struct.pdbx_model_type_details      ? 
_struct.pdbx_CASP_flag               N 
# 
_struct_keywords.entry_id        9NL8 
_struct_keywords.text            'tensegrity triangle, DNA' 
_struct_keywords.pdbx_keywords   DNA 
# 
loop_
_struct_asym.id 
_struct_asym.pdbx_blank_PDB_chainid_flag 
_struct_asym.pdbx_modified 
_struct_asym.entity_id 
_struct_asym.details 
A N N 1 ? 
B N N 2 ? 
C N N 3 ? 
D N N 4 ? 
# 
loop_
_struct_ref.id 
_struct_ref.db_name 
_struct_ref.db_code 
_struct_ref.pdbx_db_accession 
_struct_ref.pdbx_db_isoform 
_struct_ref.entity_id 
_struct_ref.pdbx_seq_one_letter_code 
_struct_ref.pdbx_align_begin 
1 PDB 9NL8 9NL8 ? 1 ? 1 
2 PDB 9NL8 9NL8 ? 2 ? 1 
3 PDB 9NL8 9NL8 ? 3 ? 1 
4 PDB 9NL8 9NL8 ? 4 ? 1 
# 
loop_
_struct_ref_seq.align_id 
_struct_ref_seq.ref_id 
_struct_ref_seq.pdbx_PDB_id_code 
_struct_ref_seq.pdbx_strand_id 
_struct_ref_seq.seq_align_beg 
_struct_ref_seq.pdbx_seq_align_beg_ins_code 
_struct_ref_seq.seq_align_end 
_struct_ref_seq.pdbx_seq_align_end_ins_code 
_struct_ref_seq.pdbx_db_accession 
_struct_ref_seq.db_align_beg 
_struct_ref_seq.pdbx_db_align_beg_ins_code 
_struct_ref_seq.db_align_end 
_struct_ref_seq.pdbx_db_align_end_ins_code 
_struct_ref_seq.pdbx_auth_seq_align_beg 
_struct_ref_seq.pdbx_auth_seq_align_end 
1 1 9NL8 B 1 ? 8  ? 9NL8 1  ? 8  ? 1  8  
2 2 9NL8 C 1 ? 7  ? 9NL8 16 ? 22 ? 16 22 
3 3 9NL8 A 1 ? 14 ? 9NL8 2  ? 15 ? 2  15 
4 4 9NL8 E 1 ? 13 ? 9NL8 9  ? 21 ? 9  21 
# 
_pdbx_struct_assembly.id                   1 
_pdbx_struct_assembly.details              author_defined_assembly 
_pdbx_struct_assembly.method_details       ? 
_pdbx_struct_assembly.oligomeric_details   dodecameric 
_pdbx_struct_assembly.oligomeric_count     12 
# 
loop_
_pdbx_struct_assembly_gen.assembly_id 
_pdbx_struct_assembly_gen.oper_expression 
_pdbx_struct_assembly_gen.asym_id_list 
1 1 A,B,C,D 
1 2 A,B,C,D 
1 3 A,B,C,D 
# 
_pdbx_struct_assembly_auth_evidence.id                     1 
_pdbx_struct_assembly_auth_evidence.assembly_id            1 
_pdbx_struct_assembly_auth_evidence.experimental_support   'native gel electrophoresis' 
_pdbx_struct_assembly_auth_evidence.details                ? 
# 
loop_
_pdbx_struct_oper_list.id 
_pdbx_struct_oper_list.type 
_pdbx_struct_oper_list.name 
_pdbx_struct_oper_list.symmetry_operation 
_pdbx_struct_oper_list.matrix[1][1] 
_pdbx_struct_oper_list.matrix[1][2] 
_pdbx_struct_oper_list.matrix[1][3] 
_pdbx_struct_oper_list.vector[1] 
_pdbx_struct_oper_list.matrix[2][1] 
_pdbx_struct_oper_list.matrix[2][2] 
_pdbx_struct_oper_list.matrix[2][3] 
_pdbx_struct_oper_list.vector[2] 
_pdbx_struct_oper_list.matrix[3][1] 
_pdbx_struct_oper_list.matrix[3][2] 
_pdbx_struct_oper_list.matrix[3][3] 
_pdbx_struct_oper_list.vector[3] 
1 'identity operation'         1_555 x,y,z         1.0000000000 0.0000000000  0.0000000000  0.0000000000   0.0000000000  1.0000000000  0.0000000000  0.0000000000   0.0000000000  0.0000000000  1.0000000000  0.0000000000  
2 'crystal symmetry operation' 2_655 -y+1,x-y,z    0.6329251700 -0.7640165082 -0.1252377917 -11.6447945595 -0.1806868252 -0.3030619295 0.9356846360  -35.6249685827 -0.7528333152 -0.5695895383 -0.3298632405 8.2791300196  
3 'crystal symmetry operation' 3_665 -x+y+1,-x+1,z 0.6329251700 -0.1806868252 -0.7528333152 7.1661260043   -0.7640165082 -0.3030619295 -0.5695895383 -14.9776811462 -0.1252377917 0.9356846360  -0.3298632405 34.6063480628 
# 
loop_
_struct_conn.id 
_struct_conn.conn_type_id 
_struct_conn.pdbx_leaving_atom_flag 
_struct_conn.pdbx_PDB_id 
_struct_conn.ptnr1_label_asym_id 
_struct_conn.ptnr1_label_comp_id 
_struct_conn.ptnr1_label_seq_id 
_struct_conn.ptnr1_label_atom_id 
_struct_conn.pdbx_ptnr1_label_alt_id 
_struct_conn.pdbx_ptnr1_PDB_ins_code 
_struct_conn.pdbx_ptnr1_standard_comp_id 
_struct_conn.ptnr1_symmetry 
_struct_conn.ptnr2_label_asym_id 
_struct_conn.ptnr2_label_comp_id 
_struct_conn.ptnr2_label_seq_id 
_struct_conn.ptnr2_label_atom_id 
_struct_conn.pdbx_ptnr2_label_alt_id 
_struct_conn.pdbx_ptnr2_PDB_ins_code 
_struct_conn.ptnr1_auth_asym_id 
_struct_conn.ptnr1_auth_comp_id 
_struct_conn.ptnr1_auth_seq_id 
_struct_conn.ptnr2_auth_asym_id 
_struct_conn.ptnr2_auth_comp_id 
_struct_conn.ptnr2_auth_seq_id 
_struct_conn.ptnr2_symmetry 
_struct_conn.pdbx_ptnr3_label_atom_id 
_struct_conn.pdbx_ptnr3_label_seq_id 
_struct_conn.pdbx_ptnr3_label_comp_id 
_struct_conn.pdbx_ptnr3_label_asym_id 
_struct_conn.pdbx_ptnr3_label_alt_id 
_struct_conn.pdbx_ptnr3_PDB_ins_code 
_struct_conn.details 
_struct_conn.pdbx_dist_value 
_struct_conn.pdbx_value_order 
_struct_conn.pdbx_role 
hydrog1  hydrog ? ? C DT 2  N3 ? ? ? 1_555 D DA 13 N1 ? ? A DT 3  E DA 21 1_555 ? ? ? ? ? ? WATSON-CRICK ? ? ? 
hydrog2  hydrog ? ? C DT 2  O4 ? ? ? 1_555 D DA 13 N6 ? ? A DT 3  E DA 21 1_555 ? ? ? ? ? ? WATSON-CRICK ? ? ? 
hydrog3  hydrog ? ? C DG 3  N1 ? ? ? 1_555 D DC 12 N3 ? ? A DG 4  E DC 20 1_555 ? ? ? ? ? ? WATSON-CRICK ? ? ? 
hydrog4  hydrog ? ? C DG 3  N2 ? ? ? 1_555 D DC 12 O2 ? ? A DG 4  E DC 20 1_555 ? ? ? ? ? ? WATSON-CRICK ? ? ? 
hydrog5  hydrog ? ? C DG 3  O6 ? ? ? 1_555 D DC 12 N4 ? ? A DG 4  E DC 20 1_555 ? ? ? ? ? ? WATSON-CRICK ? ? ? 
hydrog6  hydrog ? ? C DC 4  N3 ? ? ? 1_555 D DG 11 N1 ? ? A DC 5  E DG 19 1_555 ? ? ? ? ? ? WATSON-CRICK ? ? ? 
hydrog7  hydrog ? ? C DC 4  N4 ? ? ? 1_555 D DG 11 O6 ? ? A DC 5  E DG 19 1_555 ? ? ? ? ? ? WATSON-CRICK ? ? ? 
hydrog8  hydrog ? ? C DC 4  O2 ? ? ? 1_555 D DG 11 N2 ? ? A DC 5  E DG 19 1_555 ? ? ? ? ? ? WATSON-CRICK ? ? ? 
hydrog9  hydrog ? ? C DT 5  N3 ? ? ? 1_555 D DA 10 N1 ? ? A DT 6  E DA 18 1_555 ? ? ? ? ? ? WATSON-CRICK ? ? ? 
hydrog10 hydrog ? ? C DT 5  O4 ? ? ? 1_555 D DA 10 N6 ? ? A DT 6  E DA 18 1_555 ? ? ? ? ? ? WATSON-CRICK ? ? ? 
hydrog11 hydrog ? ? C DG 6  N1 ? ? ? 1_555 D DC 9  N3 ? ? A DG 7  E DC 17 1_555 ? ? ? ? ? ? WATSON-CRICK ? ? ? 
hydrog12 hydrog ? ? C DG 6  N2 ? ? ? 1_555 D DC 9  O2 ? ? A DG 7  E DC 17 1_555 ? ? ? ? ? ? WATSON-CRICK ? ? ? 
hydrog13 hydrog ? ? C DG 6  O6 ? ? ? 1_555 D DC 9  N4 ? ? A DG 7  E DC 17 1_555 ? ? ? ? ? ? WATSON-CRICK ? ? ? 
hydrog14 hydrog ? ? C DA 7  N1 ? ? ? 1_555 D DT 8  N3 ? ? A DA 8  E DT 16 1_555 ? ? ? ? ? ? WATSON-CRICK ? ? ? 
hydrog15 hydrog ? ? C DA 7  N6 ? ? ? 1_555 D DT 8  O4 ? ? A DA 8  E DT 16 1_555 ? ? ? ? ? ? WATSON-CRICK ? ? ? 
hydrog16 hydrog ? ? C DC 8  N3 ? ? ? 1_555 D DG 7  N1 ? ? A DC 9  E DG 15 1_555 ? ? ? ? ? ? WATSON-CRICK ? ? ? 
hydrog17 hydrog ? ? C DC 8  N4 ? ? ? 1_555 D DG 7  O6 ? ? A DC 9  E DG 15 1_555 ? ? ? ? ? ? WATSON-CRICK ? ? ? 
hydrog18 hydrog ? ? C DC 8  O2 ? ? ? 1_555 D DG 7  N2 ? ? A DC 9  E DG 15 1_555 ? ? ? ? ? ? WATSON-CRICK ? ? ? 
hydrog19 hydrog ? ? C DT 9  N3 ? ? ? 1_555 D DA 6  N1 ? ? A DT 10 E DA 14 1_555 ? ? ? ? ? ? WATSON-CRICK ? ? ? 
hydrog20 hydrog ? ? C DT 9  O4 ? ? ? 1_555 D DA 6  N6 ? ? A DT 10 E DA 14 1_555 ? ? ? ? ? ? WATSON-CRICK ? ? ? 
hydrog21 hydrog ? ? C DG 10 N1 ? ? ? 1_555 D DC 5  N3 ? ? A DG 11 E DC 13 1_555 ? ? ? ? ? ? WATSON-CRICK ? ? ? 
hydrog22 hydrog ? ? C DG 10 N2 ? ? ? 1_555 D DC 5  O2 ? ? A DG 11 E DC 13 1_555 ? ? ? ? ? ? WATSON-CRICK ? ? ? 
hydrog23 hydrog ? ? C DG 10 O6 ? ? ? 1_555 D DC 5  N4 ? ? A DG 11 E DC 13 1_555 ? ? ? ? ? ? WATSON-CRICK ? ? ? 
hydrog24 hydrog ? ? C DT 11 N3 ? ? ? 1_555 D DA 4  N1 ? ? A DT 12 E DA 12 1_555 ? ? ? ? ? ? WATSON-CRICK ? ? ? 
hydrog25 hydrog ? ? C DT 11 O4 ? ? ? 1_555 D DA 4  N6 ? ? A DT 12 E DA 12 1_555 ? ? ? ? ? ? WATSON-CRICK ? ? ? 
hydrog26 hydrog ? ? A DA 2  N1 ? ? ? 1_555 C DT 14 N3 ? ? B DA 2  A DT 15 1_555 ? ? ? ? ? ? WATSON-CRICK ? ? ? 
hydrog27 hydrog ? ? A DA 2  N6 ? ? ? 1_555 C DT 14 O4 ? ? B DA 2  A DT 15 1_555 ? ? ? ? ? ? WATSON-CRICK ? ? ? 
hydrog28 hydrog ? ? A DC 3  N3 ? ? ? 1_555 C DG 13 N1 ? ? B DC 3  A DG 14 1_555 ? ? ? ? ? ? WATSON-CRICK ? ? ? 
hydrog29 hydrog ? ? A DC 3  N4 ? ? ? 1_555 C DG 13 O6 ? ? B DC 3  A DG 14 1_555 ? ? ? ? ? ? WATSON-CRICK ? ? ? 
hydrog30 hydrog ? ? A DC 3  O2 ? ? ? 1_555 C DG 13 N2 ? ? B DC 3  A DG 14 1_555 ? ? ? ? ? ? WATSON-CRICK ? ? ? 
hydrog31 hydrog ? ? A DC 4  N3 ? ? ? 1_555 C DG 12 N1 ? ? B DC 4  A DG 13 1_555 ? ? ? ? ? ? WATSON-CRICK ? ? ? 
hydrog32 hydrog ? ? A DC 4  N4 ? ? ? 1_555 C DG 12 O6 ? ? B DC 4  A DG 13 1_555 ? ? ? ? ? ? WATSON-CRICK ? ? ? 
hydrog33 hydrog ? ? A DC 4  O2 ? ? ? 1_555 C DG 12 N2 ? ? B DC 4  A DG 13 1_555 ? ? ? ? ? ? WATSON-CRICK ? ? ? 
hydrog34 hydrog ? ? A DT 5  N3 ? ? ? 1_555 B DA 4  N1 ? ? B DT 5  C DA 19 1_555 ? ? ? ? ? ? WATSON-CRICK ? ? ? 
hydrog35 hydrog ? ? A DT 5  O4 ? ? ? 1_555 B DA 4  N6 ? ? B DT 5  C DA 19 1_555 ? ? ? ? ? ? WATSON-CRICK ? ? ? 
hydrog36 hydrog ? ? A DG 6  N1 ? ? ? 1_555 B DC 3  N3 ? ? B DG 6  C DC 18 1_555 ? ? ? ? ? ? WATSON-CRICK ? ? ? 
hydrog37 hydrog ? ? A DG 6  N2 ? ? ? 1_555 B DC 3  O2 ? ? B DG 6  C DC 18 1_555 ? ? ? ? ? ? WATSON-CRICK ? ? ? 
hydrog38 hydrog ? ? A DG 6  O6 ? ? ? 1_555 B DC 3  N4 ? ? B DG 6  C DC 18 1_555 ? ? ? ? ? ? WATSON-CRICK ? ? ? 
hydrog39 hydrog ? ? A DT 7  N3 ? ? ? 1_555 B DA 2  N1 ? ? B DT 7  C DA 17 1_555 ? ? ? ? ? ? WATSON-CRICK ? ? ? 
hydrog40 hydrog ? ? A DT 7  O4 ? ? ? 1_555 B DA 2  N6 ? ? B DT 7  C DA 17 1_555 ? ? ? ? ? ? WATSON-CRICK ? ? ? 
hydrog41 hydrog ? ? A DA 8  N1 ? ? ? 1_555 B DT 1  N3 ? ? B DA 8  C DT 16 1_555 ? ? ? ? ? ? WATSON-CRICK ? ? ? 
hydrog42 hydrog ? ? A DA 8  N6 ? ? ? 1_555 B DT 1  O4 ? ? B DA 8  C DT 16 1_555 ? ? ? ? ? ? WATSON-CRICK ? ? ? 
hydrog43 hydrog ? ? B DC 5  N3 ? ? ? 1_555 D DG 3  N1 ? ? C DC 20 E DG 11 1_555 ? ? ? ? ? ? WATSON-CRICK ? ? ? 
hydrog44 hydrog ? ? B DC 5  N4 ? ? ? 1_555 D DG 3  O6 ? ? C DC 20 E DG 11 1_555 ? ? ? ? ? ? WATSON-CRICK ? ? ? 
hydrog45 hydrog ? ? B DC 5  O2 ? ? ? 1_555 D DG 3  N2 ? ? C DC 20 E DG 11 1_555 ? ? ? ? ? ? WATSON-CRICK ? ? ? 
hydrog46 hydrog ? ? B DC 6  N3 ? ? ? 1_555 D DG 2  N1 ? ? C DC 21 E DG 10 1_555 ? ? ? ? ? ? WATSON-CRICK ? ? ? 
hydrog47 hydrog ? ? B DC 6  N4 ? ? ? 1_555 D DG 2  O6 ? ? C DC 21 E DG 10 1_555 ? ? ? ? ? ? WATSON-CRICK ? ? ? 
hydrog48 hydrog ? ? B DC 6  O2 ? ? ? 1_555 D DG 2  N2 ? ? C DC 21 E DG 10 1_555 ? ? ? ? ? ? WATSON-CRICK ? ? ? 
hydrog49 hydrog ? ? B DG 7  N1 ? ? ? 1_555 D DC 1  N3 ? ? C DG 22 E DC 9  1_555 ? ? ? ? ? ? WATSON-CRICK ? ? ? 
hydrog50 hydrog ? ? B DG 7  N2 ? ? ? 1_555 D DC 1  O2 ? ? C DG 22 E DC 9  1_555 ? ? ? ? ? ? WATSON-CRICK ? ? ? 
hydrog51 hydrog ? ? B DG 7  O6 ? ? ? 1_555 D DC 1  N4 ? ? C DG 22 E DC 9  1_555 ? ? ? ? ? ? WATSON-CRICK ? ? ? 
# 
_struct_conn_type.id          hydrog 
_struct_conn_type.criteria    ? 
_struct_conn_type.reference   ? 
# 
_pdbx_entry_details.entry_id                   9NL8 
_pdbx_entry_details.compound_details           ? 
_pdbx_entry_details.source_details             ? 
_pdbx_entry_details.nonpolymer_details         ? 
_pdbx_entry_details.sequence_details           ? 
_pdbx_entry_details.has_ligand_of_interest     ? 
_pdbx_entry_details.has_protein_modification   N 
# 
loop_
_pdbx_validate_rmsd_angle.id 
_pdbx_validate_rmsd_angle.PDB_model_num 
_pdbx_validate_rmsd_angle.auth_atom_id_1 
_pdbx_validate_rmsd_angle.auth_asym_id_1 
_pdbx_validate_rmsd_angle.auth_comp_id_1 
_pdbx_validate_rmsd_angle.auth_seq_id_1 
_pdbx_validate_rmsd_angle.PDB_ins_code_1 
_pdbx_validate_rmsd_angle.label_alt_id_1 
_pdbx_validate_rmsd_angle.auth_atom_id_2 
_pdbx_validate_rmsd_angle.auth_asym_id_2 
_pdbx_validate_rmsd_angle.auth_comp_id_2 
_pdbx_validate_rmsd_angle.auth_seq_id_2 
_pdbx_validate_rmsd_angle.PDB_ins_code_2 
_pdbx_validate_rmsd_angle.label_alt_id_2 
_pdbx_validate_rmsd_angle.auth_atom_id_3 
_pdbx_validate_rmsd_angle.auth_asym_id_3 
_pdbx_validate_rmsd_angle.auth_comp_id_3 
_pdbx_validate_rmsd_angle.auth_seq_id_3 
_pdbx_validate_rmsd_angle.PDB_ins_code_3 
_pdbx_validate_rmsd_angle.label_alt_id_3 
_pdbx_validate_rmsd_angle.angle_value 
_pdbx_validate_rmsd_angle.angle_target_value 
_pdbx_validate_rmsd_angle.angle_deviation 
_pdbx_validate_rmsd_angle.angle_standard_deviation 
_pdbx_validate_rmsd_angle.linker_flag 
1 1 "O4'" B DT 7 ? ? "C1'" B DT 7 ? ? N1 B DT 7 ? ? 110.65 108.30 2.35 0.30 N 
2 1 "O4'" A DT 3 ? ? "C1'" A DT 3 ? ? N1 A DT 3 ? ? 110.24 108.30 1.94 0.30 N 
3 1 "O4'" A DT 6 ? ? "C1'" A DT 6 ? ? N1 A DT 6 ? ? 110.46 108.30 2.16 0.30 N 
# 
loop_
_space_group_symop.id 
_space_group_symop.operation_xyz 
1 x,y,z                 
2 -y,x-y,z              
3 -x+y,-x,z             
4 x+1/3,y+2/3,z+2/3     
5 -y+1/3,x-y+2/3,z+2/3  
6 -x+y+1/3,-x+2/3,z+2/3 
7 x+2/3,y+1/3,z+1/3     
8 -y+2/3,x-y+1/3,z+1/3  
9 -x+y+2/3,-x+1/3,z+1/3 
# 
loop_
_pdbx_refine_tls.id 
_pdbx_refine_tls.pdbx_refine_id 
_pdbx_refine_tls.details 
_pdbx_refine_tls.method 
_pdbx_refine_tls.origin_x 
_pdbx_refine_tls.origin_y 
_pdbx_refine_tls.origin_z 
_pdbx_refine_tls.T[1][1] 
_pdbx_refine_tls.T[1][1]_esd 
_pdbx_refine_tls.T[1][2] 
_pdbx_refine_tls.T[1][2]_esd 
_pdbx_refine_tls.T[1][3] 
_pdbx_refine_tls.T[1][3]_esd 
_pdbx_refine_tls.T[2][2] 
_pdbx_refine_tls.T[2][2]_esd 
_pdbx_refine_tls.T[2][3] 
_pdbx_refine_tls.T[2][3]_esd 
_pdbx_refine_tls.T[3][3] 
_pdbx_refine_tls.T[3][3]_esd 
_pdbx_refine_tls.L[1][1] 
_pdbx_refine_tls.L[1][1]_esd 
_pdbx_refine_tls.L[1][2] 
_pdbx_refine_tls.L[1][2]_esd 
_pdbx_refine_tls.L[1][3] 
_pdbx_refine_tls.L[1][3]_esd 
_pdbx_refine_tls.L[2][2] 
_pdbx_refine_tls.L[2][2]_esd 
_pdbx_refine_tls.L[2][3] 
_pdbx_refine_tls.L[2][3]_esd 
_pdbx_refine_tls.L[3][3] 
_pdbx_refine_tls.L[3][3]_esd 
_pdbx_refine_tls.S[1][1] 
_pdbx_refine_tls.S[1][1]_esd 
_pdbx_refine_tls.S[1][2] 
_pdbx_refine_tls.S[1][2]_esd 
_pdbx_refine_tls.S[1][3] 
_pdbx_refine_tls.S[1][3]_esd 
_pdbx_refine_tls.S[2][1] 
_pdbx_refine_tls.S[2][1]_esd 
_pdbx_refine_tls.S[2][2] 
_pdbx_refine_tls.S[2][2]_esd 
_pdbx_refine_tls.S[2][3] 
_pdbx_refine_tls.S[2][3]_esd 
_pdbx_refine_tls.S[3][1] 
_pdbx_refine_tls.S[3][1]_esd 
_pdbx_refine_tls.S[3][2] 
_pdbx_refine_tls.S[3][2]_esd 
_pdbx_refine_tls.S[3][3] 
_pdbx_refine_tls.S[3][3]_esd 
1 'X-RAY DIFFRACTION' ? refined 7.3788749377  -14.3000774776 -6.0112080858 0.740976432366  ? -0.665730687780 ? 0.224536222821  ? 0.52762439629   ? 0.081620541198 ? 1.24213406145  ? 0.3287812819   ? 0.079486037712  ? -0.527362794901 ? 0.791769665144 ? -0.932261907624 ? 1.717235971187 ? -0.228989593721 ? 0.44946886852   ? 0.336810538457  ? -0.140615232862 ? 0.218049756592  ? -0.290773623608 ? -0.115079258106 ? 0.321928276296  ? 0.060076231366 ? 
2 'X-RAY DIFFRACTION' ? refined 3.327092350   -9.1684625305  3.7168788792  -0.315234253405 ? -0.587833169664 ? -0.242737132214 ? -0.232156322953 ? 0.484064465741 ? 1.15972173137  ? 0.211071196145 ? 0.129874201867  ? 0.075566848118  ? 0.404482875180 ? -0.068081081715 ? 0.197718014536 ? 0.181958828283  ? -0.151528987345 ? -0.129862208212 ? -0.069387659807 ? 0.312064498342  ? 0.044207793779  ? -0.137878709261 ? -0.026781012844 ? 0.205109057103 ? 
3 'X-RAY DIFFRACTION' ? refined -1.9453262383 6.750685637    -1.7822582175 0.575211688101  ? -0.043870968515 ? -0.400705267692 ? 0.374693484290  ? 1.051319171089 ? 0.14970477473  ? 1.0859620201   ? -1.690132947310 ? 0.01894450687   ? 3.24348616039  ? -0.005553048394 ? 1.52615389132  ? 0.06856649393   ? 0.064277975252  ? 0.430944338663  ? -0.042866089064 ? -0.002662915627 ? 0.481743579522  ? -0.776040440242 ? -0.690317263581 ? 0.092190625639 ? 
4 'X-RAY DIFFRACTION' ? refined -4.1000562421 6.1346904083   3.6432159398  0.523059605005  ? 1.02984038373   ? -1.53826568925  ? 0.888112210474  ? 1.484690324079 ? -0.36661004970 ? 0.287709150427 ? 0.106237358502  ? -0.097970374179 ? 0.571084417674 ? 0.213352978118  ? 0.227428708109 ? 0.160280028916  ? 0.125397395306  ? 0.167112375097  ? -0.144038918887 ? -0.144005944903 ? 0.378522144654  ? -0.095648505537 ? -0.236687018111 ? 0.21064080646  ? 
# 
loop_
_pdbx_refine_tls_group.id 
_pdbx_refine_tls_group.pdbx_refine_id 
_pdbx_refine_tls_group.refine_tls_id 
_pdbx_refine_tls_group.beg_label_asym_id 
_pdbx_refine_tls_group.beg_label_seq_id 
_pdbx_refine_tls_group.beg_auth_asym_id 
_pdbx_refine_tls_group.beg_auth_seq_id 
_pdbx_refine_tls_group.beg_PDB_ins_code 
_pdbx_refine_tls_group.end_label_asym_id 
_pdbx_refine_tls_group.end_label_seq_id 
_pdbx_refine_tls_group.end_auth_asym_id 
_pdbx_refine_tls_group.end_auth_seq_id 
_pdbx_refine_tls_group.end_PDB_ins_code 
_pdbx_refine_tls_group.selection 
_pdbx_refine_tls_group.selection_details 
1 'X-RAY DIFFRACTION' 1 A ? B 1  ? A ? B 8  ? ? 
;(chain 'B' and resid 1 through 8)
;
2 'X-RAY DIFFRACTION' 2 B ? C 16 ? B ? C 22 ? ? 
;(chain 'C' and resid 16 through 22)
;
3 'X-RAY DIFFRACTION' 3 C ? A 2  ? C ? A 15 ? ? 
;(chain 'A' and resid 2 through 15)
;
4 'X-RAY DIFFRACTION' 4 D ? E 9  ? D ? E 21 ? ? 
;(chain 'E' and resid 9 through 21)
;
# 
loop_
_chem_comp_atom.comp_id 
_chem_comp_atom.atom_id 
_chem_comp_atom.type_symbol 
_chem_comp_atom.pdbx_aromatic_flag 
_chem_comp_atom.pdbx_stereo_config 
_chem_comp_atom.pdbx_ordinal 
DA OP3    O N N 1   
DA P      P N N 2   
DA OP1    O N N 3   
DA OP2    O N N 4   
DA "O5'"  O N N 5   
DA "C5'"  C N N 6   
DA "C4'"  C N R 7   
DA "O4'"  O N N 8   
DA "C3'"  C N S 9   
DA "O3'"  O N N 10  
DA "C2'"  C N N 11  
DA "C1'"  C N R 12  
DA N9     N Y N 13  
DA C8     C Y N 14  
DA N7     N Y N 15  
DA C5     C Y N 16  
DA C6     C Y N 17  
DA N6     N N N 18  
DA N1     N Y N 19  
DA C2     C Y N 20  
DA N3     N Y N 21  
DA C4     C Y N 22  
DA HOP3   H N N 23  
DA HOP2   H N N 24  
DA "H5'"  H N N 25  
DA "H5''" H N N 26  
DA "H4'"  H N N 27  
DA "H3'"  H N N 28  
DA "HO3'" H N N 29  
DA "H2'"  H N N 30  
DA "H2''" H N N 31  
DA "H1'"  H N N 32  
DA H8     H N N 33  
DA H61    H N N 34  
DA H62    H N N 35  
DA H2     H N N 36  
DC OP3    O N N 37  
DC P      P N N 38  
DC OP1    O N N 39  
DC OP2    O N N 40  
DC "O5'"  O N N 41  
DC "C5'"  C N N 42  
DC "C4'"  C N R 43  
DC "O4'"  O N N 44  
DC "C3'"  C N S 45  
DC "O3'"  O N N 46  
DC "C2'"  C N N 47  
DC "C1'"  C N R 48  
DC N1     N N N 49  
DC C2     C N N 50  
DC O2     O N N 51  
DC N3     N N N 52  
DC C4     C N N 53  
DC N4     N N N 54  
DC C5     C N N 55  
DC C6     C N N 56  
DC HOP3   H N N 57  
DC HOP2   H N N 58  
DC "H5'"  H N N 59  
DC "H5''" H N N 60  
DC "H4'"  H N N 61  
DC "H3'"  H N N 62  
DC "HO3'" H N N 63  
DC "H2'"  H N N 64  
DC "H2''" H N N 65  
DC "H1'"  H N N 66  
DC H41    H N N 67  
DC H42    H N N 68  
DC H5     H N N 69  
DC H6     H N N 70  
DG OP3    O N N 71  
DG P      P N N 72  
DG OP1    O N N 73  
DG OP2    O N N 74  
DG "O5'"  O N N 75  
DG "C5'"  C N N 76  
DG "C4'"  C N R 77  
DG "O4'"  O N N 78  
DG "C3'"  C N S 79  
DG "O3'"  O N N 80  
DG "C2'"  C N N 81  
DG "C1'"  C N R 82  
DG N9     N Y N 83  
DG C8     C Y N 84  
DG N7     N Y N 85  
DG C5     C Y N 86  
DG C6     C N N 87  
DG O6     O N N 88  
DG N1     N N N 89  
DG C2     C N N 90  
DG N2     N N N 91  
DG N3     N N N 92  
DG C4     C Y N 93  
DG HOP3   H N N 94  
DG HOP2   H N N 95  
DG "H5'"  H N N 96  
DG "H5''" H N N 97  
DG "H4'"  H N N 98  
DG "H3'"  H N N 99  
DG "HO3'" H N N 100 
DG "H2'"  H N N 101 
DG "H2''" H N N 102 
DG "H1'"  H N N 103 
DG H8     H N N 104 
DG H1     H N N 105 
DG H21    H N N 106 
DG H22    H N N 107 
DT OP3    O N N 108 
DT P      P N N 109 
DT OP1    O N N 110 
DT OP2    O N N 111 
DT "O5'"  O N N 112 
DT "C5'"  C N N 113 
DT "C4'"  C N R 114 
DT "O4'"  O N N 115 
DT "C3'"  C N S 116 
DT "O3'"  O N N 117 
DT "C2'"  C N N 118 
DT "C1'"  C N R 119 
DT N1     N N N 120 
DT C2     C N N 121 
DT O2     O N N 122 
DT N3     N N N 123 
DT C4     C N N 124 
DT O4     O N N 125 
DT C5     C N N 126 
DT C7     C N N 127 
DT C6     C N N 128 
DT HOP3   H N N 129 
DT HOP2   H N N 130 
DT "H5'"  H N N 131 
DT "H5''" H N N 132 
DT "H4'"  H N N 133 
DT "H3'"  H N N 134 
DT "HO3'" H N N 135 
DT "H2'"  H N N 136 
DT "H2''" H N N 137 
DT "H1'"  H N N 138 
DT H3     H N N 139 
DT H71    H N N 140 
DT H72    H N N 141 
DT H73    H N N 142 
DT H6     H N N 143 
# 
loop_
_chem_comp_bond.comp_id 
_chem_comp_bond.atom_id_1 
_chem_comp_bond.atom_id_2 
_chem_comp_bond.value_order 
_chem_comp_bond.pdbx_aromatic_flag 
_chem_comp_bond.pdbx_stereo_config 
_chem_comp_bond.pdbx_ordinal 
DA OP3   P      sing N N 1   
DA OP3   HOP3   sing N N 2   
DA P     OP1    doub N N 3   
DA P     OP2    sing N N 4   
DA P     "O5'"  sing N N 5   
DA OP2   HOP2   sing N N 6   
DA "O5'" "C5'"  sing N N 7   
DA "C5'" "C4'"  sing N N 8   
DA "C5'" "H5'"  sing N N 9   
DA "C5'" "H5''" sing N N 10  
DA "C4'" "O4'"  sing N N 11  
DA "C4'" "C3'"  sing N N 12  
DA "C4'" "H4'"  sing N N 13  
DA "O4'" "C1'"  sing N N 14  
DA "C3'" "O3'"  sing N N 15  
DA "C3'" "C2'"  sing N N 16  
DA "C3'" "H3'"  sing N N 17  
DA "O3'" "HO3'" sing N N 18  
DA "C2'" "C1'"  sing N N 19  
DA "C2'" "H2'"  sing N N 20  
DA "C2'" "H2''" sing N N 21  
DA "C1'" N9     sing N N 22  
DA "C1'" "H1'"  sing N N 23  
DA N9    C8     sing Y N 24  
DA N9    C4     sing Y N 25  
DA C8    N7     doub Y N 26  
DA C8    H8     sing N N 27  
DA N7    C5     sing Y N 28  
DA C5    C6     sing Y N 29  
DA C5    C4     doub Y N 30  
DA C6    N6     sing N N 31  
DA C6    N1     doub Y N 32  
DA N6    H61    sing N N 33  
DA N6    H62    sing N N 34  
DA N1    C2     sing Y N 35  
DA C2    N3     doub Y N 36  
DA C2    H2     sing N N 37  
DA N3    C4     sing Y N 38  
DC OP3   P      sing N N 39  
DC OP3   HOP3   sing N N 40  
DC P     OP1    doub N N 41  
DC P     OP2    sing N N 42  
DC P     "O5'"  sing N N 43  
DC OP2   HOP2   sing N N 44  
DC "O5'" "C5'"  sing N N 45  
DC "C5'" "C4'"  sing N N 46  
DC "C5'" "H5'"  sing N N 47  
DC "C5'" "H5''" sing N N 48  
DC "C4'" "O4'"  sing N N 49  
DC "C4'" "C3'"  sing N N 50  
DC "C4'" "H4'"  sing N N 51  
DC "O4'" "C1'"  sing N N 52  
DC "C3'" "O3'"  sing N N 53  
DC "C3'" "C2'"  sing N N 54  
DC "C3'" "H3'"  sing N N 55  
DC "O3'" "HO3'" sing N N 56  
DC "C2'" "C1'"  sing N N 57  
DC "C2'" "H2'"  sing N N 58  
DC "C2'" "H2''" sing N N 59  
DC "C1'" N1     sing N N 60  
DC "C1'" "H1'"  sing N N 61  
DC N1    C2     sing N N 62  
DC N1    C6     sing N N 63  
DC C2    O2     doub N N 64  
DC C2    N3     sing N N 65  
DC N3    C4     doub N N 66  
DC C4    N4     sing N N 67  
DC C4    C5     sing N N 68  
DC N4    H41    sing N N 69  
DC N4    H42    sing N N 70  
DC C5    C6     doub N N 71  
DC C5    H5     sing N N 72  
DC C6    H6     sing N N 73  
DG OP3   P      sing N N 74  
DG OP3   HOP3   sing N N 75  
DG P     OP1    doub N N 76  
DG P     OP2    sing N N 77  
DG P     "O5'"  sing N N 78  
DG OP2   HOP2   sing N N 79  
DG "O5'" "C5'"  sing N N 80  
DG "C5'" "C4'"  sing N N 81  
DG "C5'" "H5'"  sing N N 82  
DG "C5'" "H5''" sing N N 83  
DG "C4'" "O4'"  sing N N 84  
DG "C4'" "C3'"  sing N N 85  
DG "C4'" "H4'"  sing N N 86  
DG "O4'" "C1'"  sing N N 87  
DG "C3'" "O3'"  sing N N 88  
DG "C3'" "C2'"  sing N N 89  
DG "C3'" "H3'"  sing N N 90  
DG "O3'" "HO3'" sing N N 91  
DG "C2'" "C1'"  sing N N 92  
DG "C2'" "H2'"  sing N N 93  
DG "C2'" "H2''" sing N N 94  
DG "C1'" N9     sing N N 95  
DG "C1'" "H1'"  sing N N 96  
DG N9    C8     sing Y N 97  
DG N9    C4     sing Y N 98  
DG C8    N7     doub Y N 99  
DG C8    H8     sing N N 100 
DG N7    C5     sing Y N 101 
DG C5    C6     sing N N 102 
DG C5    C4     doub Y N 103 
DG C6    O6     doub N N 104 
DG C6    N1     sing N N 105 
DG N1    C2     sing N N 106 
DG N1    H1     sing N N 107 
DG C2    N2     sing N N 108 
DG C2    N3     doub N N 109 
DG N2    H21    sing N N 110 
DG N2    H22    sing N N 111 
DG N3    C4     sing N N 112 
DT OP3   P      sing N N 113 
DT OP3   HOP3   sing N N 114 
DT P     OP1    doub N N 115 
DT P     OP2    sing N N 116 
DT P     "O5'"  sing N N 117 
DT OP2   HOP2   sing N N 118 
DT "O5'" "C5'"  sing N N 119 
DT "C5'" "C4'"  sing N N 120 
DT "C5'" "H5'"  sing N N 121 
DT "C5'" "H5''" sing N N 122 
DT "C4'" "O4'"  sing N N 123 
DT "C4'" "C3'"  sing N N 124 
DT "C4'" "H4'"  sing N N 125 
DT "O4'" "C1'"  sing N N 126 
DT "C3'" "O3'"  sing N N 127 
DT "C3'" "C2'"  sing N N 128 
DT "C3'" "H3'"  sing N N 129 
DT "O3'" "HO3'" sing N N 130 
DT "C2'" "C1'"  sing N N 131 
DT "C2'" "H2'"  sing N N 132 
DT "C2'" "H2''" sing N N 133 
DT "C1'" N1     sing N N 134 
DT "C1'" "H1'"  sing N N 135 
DT N1    C2     sing N N 136 
DT N1    C6     sing N N 137 
DT C2    O2     doub N N 138 
DT C2    N3     sing N N 139 
DT N3    C4     sing N N 140 
DT N3    H3     sing N N 141 
DT C4    O4     doub N N 142 
DT C4    C5     sing N N 143 
DT C5    C7     sing N N 144 
DT C5    C6     doub N N 145 
DT C7    H71    sing N N 146 
DT C7    H72    sing N N 147 
DT C7    H73    sing N N 148 
DT C6    H6     sing N N 149 
# 
loop_
_ndb_struct_conf_na.entry_id 
_ndb_struct_conf_na.feature 
9NL8 'double helix'        
9NL8 'a-form double helix' 
9NL8 'b-form double helix' 
# 
loop_
_ndb_struct_na_base_pair.model_number 
_ndb_struct_na_base_pair.i_label_asym_id 
_ndb_struct_na_base_pair.i_label_comp_id 
_ndb_struct_na_base_pair.i_label_seq_id 
_ndb_struct_na_base_pair.i_symmetry 
_ndb_struct_na_base_pair.j_label_asym_id 
_ndb_struct_na_base_pair.j_label_comp_id 
_ndb_struct_na_base_pair.j_label_seq_id 
_ndb_struct_na_base_pair.j_symmetry 
_ndb_struct_na_base_pair.shear 
_ndb_struct_na_base_pair.stretch 
_ndb_struct_na_base_pair.stagger 
_ndb_struct_na_base_pair.buckle 
_ndb_struct_na_base_pair.propeller 
_ndb_struct_na_base_pair.opening 
_ndb_struct_na_base_pair.pair_number 
_ndb_struct_na_base_pair.pair_name 
_ndb_struct_na_base_pair.i_auth_asym_id 
_ndb_struct_na_base_pair.i_auth_seq_id 
_ndb_struct_na_base_pair.i_PDB_ins_code 
_ndb_struct_na_base_pair.j_auth_asym_id 
_ndb_struct_na_base_pair.j_auth_seq_id 
_ndb_struct_na_base_pair.j_PDB_ins_code 
_ndb_struct_na_base_pair.hbond_type_28 
_ndb_struct_na_base_pair.hbond_type_12 
1 A DA 2  1_555 C DT 14 1_555 0.036  -0.088 -0.105 -2.960  -1.062 -2.716 1  B_DA2:DT15_A  B 2  ? A 15 ? 20 1 
1 A DC 3  1_555 C DG 13 1_555 0.198  -0.171 -0.037 -0.675  -0.253 -0.411 2  B_DC3:DG14_A  B 3  ? A 14 ? 19 1 
1 A DC 4  1_555 C DG 12 1_555 0.212  -0.107 0.174  1.810   1.526  -1.505 3  B_DC4:DG13_A  B 4  ? A 13 ? 19 1 
1 A DT 5  1_555 B DA 4  1_555 -0.051 -0.138 0.297  -3.855  -5.766 3.939  4  B_DT5:DA19_C  B 5  ? C 19 ? 20 1 
1 A DG 6  1_555 B DC 3  1_555 -0.225 -0.150 0.247  -1.025  -0.874 1.984  5  B_DG6:DC18_C  B 6  ? C 18 ? 19 1 
1 A DT 7  1_555 B DA 2  1_555 -0.224 0.010  0.282  1.951   -2.865 0.151  6  B_DT7:DA17_C  B 7  ? C 17 ? 20 1 
1 A DA 8  1_555 B DT 1  1_555 0.058  -0.012 0.020  -0.841  -1.363 -1.678 7  B_DA8:DT16_C  B 8  ? C 16 ? 20 1 
1 C DT 2  1_555 D DA 13 1_555 -0.008 -0.106 -0.050 0.961   3.147  -0.921 8  A_DT3:DA21_E  A 3  ? E 21 ? 20 1 
1 C DG 3  1_555 D DC 12 1_555 -0.196 -0.127 -0.289 -7.045  -2.151 0.052  9  A_DG4:DC20_E  A 4  ? E 20 ? 19 1 
1 C DC 4  1_555 D DG 11 1_555 0.185  -0.092 -0.093 0.346   1.596  0.271  10 A_DC5:DG19_E  A 5  ? E 19 ? 19 1 
1 C DT 5  1_555 D DA 10 1_555 -0.085 -0.069 -0.081 2.369   -1.800 -4.332 11 A_DT6:DA18_E  A 6  ? E 18 ? 20 1 
1 C DG 6  1_555 D DC 9  1_555 -0.161 -0.093 0.259  1.833   -2.313 -1.114 12 A_DG7:DC17_E  A 7  ? E 17 ? 19 1 
1 C DA 7  1_555 D DT 8  1_555 0.074  -0.039 0.191  2.362   -2.316 -0.780 13 A_DA8:DT16_E  A 8  ? E 16 ? 20 1 
1 C DC 8  1_555 D DG 7  1_555 0.254  -0.131 -0.074 0.396   -4.676 2.314  14 A_DC9:DG15_E  A 9  ? E 15 ? 19 1 
1 C DT 9  1_555 D DA 6  1_555 -0.120 -0.077 0.120  -1.771  -4.847 0.269  15 A_DT10:DA14_E A 10 ? E 14 ? 20 1 
1 C DG 10 1_555 D DC 5  1_555 -0.220 -0.180 -0.264 -7.257  -4.795 1.715  16 A_DG11:DC13_E A 11 ? E 13 ? 19 1 
1 C DT 11 1_555 D DA 4  1_555 -0.146 -0.032 -0.338 6.191   -6.501 2.386  17 A_DT12:DA12_E A 12 ? E 12 ? 20 1 
1 B DC 5  1_555 D DG 3  1_555 0.114  -0.213 0.169  4.425   -7.666 -0.328 18 C_DC20:DG11_E C 20 ? E 11 ? 19 1 
1 B DC 6  1_555 D DG 2  1_555 0.241  -0.222 0.429  -1.231  -5.940 -0.248 19 C_DC21:DG10_E C 21 ? E 10 ? 19 1 
1 B DG 7  1_555 D DC 1  1_555 -0.285 -0.163 -0.148 -10.069 -5.597 -0.429 20 C_DG22:DC9_E  C 22 ? E 9  ? 19 1 
# 
loop_
_ndb_struct_na_base_pair_step.model_number 
_ndb_struct_na_base_pair_step.i_label_asym_id_1 
_ndb_struct_na_base_pair_step.i_label_comp_id_1 
_ndb_struct_na_base_pair_step.i_label_seq_id_1 
_ndb_struct_na_base_pair_step.i_symmetry_1 
_ndb_struct_na_base_pair_step.j_label_asym_id_1 
_ndb_struct_na_base_pair_step.j_label_comp_id_1 
_ndb_struct_na_base_pair_step.j_label_seq_id_1 
_ndb_struct_na_base_pair_step.j_symmetry_1 
_ndb_struct_na_base_pair_step.i_label_asym_id_2 
_ndb_struct_na_base_pair_step.i_label_comp_id_2 
_ndb_struct_na_base_pair_step.i_label_seq_id_2 
_ndb_struct_na_base_pair_step.i_symmetry_2 
_ndb_struct_na_base_pair_step.j_label_asym_id_2 
_ndb_struct_na_base_pair_step.j_label_comp_id_2 
_ndb_struct_na_base_pair_step.j_label_seq_id_2 
_ndb_struct_na_base_pair_step.j_symmetry_2 
_ndb_struct_na_base_pair_step.shift 
_ndb_struct_na_base_pair_step.slide 
_ndb_struct_na_base_pair_step.rise 
_ndb_struct_na_base_pair_step.tilt 
_ndb_struct_na_base_pair_step.roll 
_ndb_struct_na_base_pair_step.twist 
_ndb_struct_na_base_pair_step.x_displacement 
_ndb_struct_na_base_pair_step.y_displacement 
_ndb_struct_na_base_pair_step.helical_rise 
_ndb_struct_na_base_pair_step.inclination 
_ndb_struct_na_base_pair_step.tip 
_ndb_struct_na_base_pair_step.helical_twist 
_ndb_struct_na_base_pair_step.step_number 
_ndb_struct_na_base_pair_step.step_name 
_ndb_struct_na_base_pair_step.i_auth_asym_id_1 
_ndb_struct_na_base_pair_step.i_auth_seq_id_1 
_ndb_struct_na_base_pair_step.i_PDB_ins_code_1 
_ndb_struct_na_base_pair_step.j_auth_asym_id_1 
_ndb_struct_na_base_pair_step.j_auth_seq_id_1 
_ndb_struct_na_base_pair_step.j_PDB_ins_code_1 
_ndb_struct_na_base_pair_step.i_auth_asym_id_2 
_ndb_struct_na_base_pair_step.i_auth_seq_id_2 
_ndb_struct_na_base_pair_step.i_PDB_ins_code_2 
_ndb_struct_na_base_pair_step.j_auth_asym_id_2 
_ndb_struct_na_base_pair_step.j_auth_seq_id_2 
_ndb_struct_na_base_pair_step.j_PDB_ins_code_2 
1 A DA 2  1_555 C DT 14 1_555 A DC 3  1_555 C DG 13 1_555 0.413  -1.261 3.310 -2.174 -0.575 33.842 -2.069 -1.062 3.298 -0.986 
3.730  33.914 1  BB_DA2DC3:DG14DT15_AA   B 2  ? A 15 ? B 3  ? A 14 ? 
1 A DC 3  1_555 C DG 13 1_555 A DC 4  1_555 C DG 12 1_555 -0.243 -0.589 3.281 -4.753 -0.464 37.657 -0.846 -0.239 3.293 -0.716 
7.327  37.947 2  BB_DC3DC4:DG13DG14_AA   B 3  ? A 14 ? B 4  ? A 13 ? 
1 A DC 4  1_555 C DG 12 1_555 A DT 5  1_555 B DA 4  1_555 -1.336 -2.088 3.468 1.583  4.910  21.793 -7.159 4.016  2.831 12.758 
-4.112 22.388 3  BB_DC4DT5:DA19DG13_CA   B 4  ? A 13 ? B 5  ? C 19 ? 
1 A DT 5  1_555 B DA 4  1_555 A DG 6  1_555 B DC 3  1_555 0.015  0.394  3.456 -1.056 5.900  31.510 -0.420 -0.230 3.468 10.742 
1.923  32.061 4  BB_DT5DG6:DC18DA19_CC   B 5  ? C 19 ? B 6  ? C 18 ? 
1 A DG 6  1_555 B DC 3  1_555 A DT 7  1_555 B DA 2  1_555 -0.191 -0.297 3.156 -2.210 -1.055 29.408 -0.365 -0.081 3.170 -2.074 
4.343  29.508 5  BB_DG6DT7:DA17DC18_CC   B 6  ? C 18 ? B 7  ? C 17 ? 
1 A DT 7  1_555 B DA 2  1_555 A DA 8  1_555 B DT 1  1_555 -0.219 -0.243 3.045 0.393  3.555  37.634 -0.799 0.386  3.008 5.495  
-0.607 37.797 6  BB_DT7DA8:DT16DA17_CC   B 7  ? C 17 ? B 8  ? C 16 ? 
1 C DT 2  1_555 D DA 13 1_555 C DG 3  1_555 D DC 12 1_555 -0.092 -0.957 3.795 0.751  7.540  33.734 -2.928 0.286  3.503 12.793 
-1.274 34.551 7  AA_DT3DG4:DC20DA21_EE   A 3  ? E 21 ? A 4  ? E 20 ? 
1 C DG 3  1_555 D DC 12 1_555 C DC 4  1_555 D DG 11 1_555 -0.164 -0.385 3.100 -0.947 2.006  34.168 -0.953 0.137  3.076 3.410  
1.609  34.238 8  AA_DG4DC5:DG19DC20_EE   A 4  ? E 20 ? A 5  ? E 19 ? 
1 C DC 4  1_555 D DG 11 1_555 C DT 5  1_555 D DA 10 1_555 -0.505 -0.246 3.140 1.483  2.457  27.075 -1.108 1.426  3.074 5.230  
-3.156 27.224 9  AA_DC5DT6:DA18DG19_EE   A 5  ? E 19 ? A 6  ? E 18 ? 
1 C DT 5  1_555 D DA 10 1_555 C DG 6  1_555 D DC 9  1_555 0.616  0.136  3.155 1.067  2.494  37.185 -0.107 -0.826 3.173 3.904  
-1.670 37.280 10 AA_DT6DG7:DC17DA18_EE   A 6  ? E 18 ? A 7  ? E 17 ? 
1 C DG 6  1_555 D DC 9  1_555 C DA 7  1_555 D DT 8  1_555 -0.559 0.167  3.095 -1.964 1.633  36.779 0.054  0.630  3.124 2.584  
3.108  36.865 11 AA_DG7DA8:DT16DC17_EE   A 7  ? E 17 ? A 8  ? E 16 ? 
1 C DA 7  1_555 D DT 8  1_555 C DC 8  1_555 D DG 7  1_555 0.066  -0.815 3.245 -0.651 1.772  39.617 -1.405 -0.172 3.206 2.613  
0.960  39.660 12 AA_DA8DC9:DG15DT16_EE   A 8  ? E 16 ? A 9  ? E 15 ? 
1 C DC 8  1_555 D DG 7  1_555 C DT 9  1_555 D DA 6  1_555 -0.040 0.154  3.448 -0.315 -1.910 33.735 0.590  0.015  3.434 -3.288 
0.543  33.789 13 AA_DC9DT10:DA14DG15_EE  A 9  ? E 15 ? A 10 ? E 14 ? 
1 C DT 9  1_555 D DA 6  1_555 C DG 10 1_555 D DC 5  1_555 -0.004 0.900  3.538 -0.353 -1.409 37.165 1.613  -0.044 3.503 -2.210 
0.553  37.193 14 AA_DT10DG11:DC13DA14_EE A 10 ? E 14 ? A 11 ? E 13 ? 
1 C DG 10 1_555 D DC 5  1_555 C DT 11 1_555 D DA 4  1_555 0.011  0.957  2.683 -0.017 1.373  33.069 1.489  -0.021 2.719 2.411  
0.030  33.097 15 AA_DG11DT12:DA12DC13_EE A 11 ? E 13 ? A 12 ? E 12 ? 
1 C DT 11 1_555 D DA 4  1_555 B DC 5  1_555 D DG 3  1_555 0.090  -0.540 3.223 -3.088 4.041  28.833 -1.920 -0.828 3.094 8.037  
6.140  29.269 16 AC_DT12DC20:DG11DA12_EE A 12 ? E 12 ? C 20 ? E 11 ? 
1 B DC 5  1_555 D DG 3  1_555 B DC 6  1_555 D DG 2  1_555 -0.059 2.298  4.143 4.851  0.799  43.667 2.975  0.663  4.153 1.071  
-6.497 43.929 17 CC_DC20DC21:DG10DG11_EE C 20 ? E 11 ? C 21 ? E 10 ? 
1 B DC 6  1_555 D DG 2  1_555 B DG 7  1_555 D DC 1  1_555 -0.945 2.478  3.845 -2.600 -5.203 31.670 5.517  1.181  3.469 -9.435 
4.715  32.186 18 CC_DC21DG22:DC9DG10_EE  C 21 ? E 10 ? C 22 ? E 9  ? 
# 
loop_
_pdbx_audit_support.funding_organization 
_pdbx_audit_support.country 
_pdbx_audit_support.grant_number 
_pdbx_audit_support.ordinal 
'Office of Naval Research (ONR)'                   'United States' N000141912596 1 
'Department of Energy (DOE, United States)'        'United States' DE-SC0007991  2 
'National Science Foundation (NSF, United States)' 'United States' CCF-2106790   3 
'National Science Foundation (NSF, United States)' 'United States' GCR-2317843   4 
# 
_pdbx_initial_refinement_model.id               1 
_pdbx_initial_refinement_model.entity_id_list   ? 
_pdbx_initial_refinement_model.type             'experimental model' 
_pdbx_initial_refinement_model.source_name      PDB 
_pdbx_initial_refinement_model.accession_code   8D93 
_pdbx_initial_refinement_model.details          'tensegrity triangle' 
# 
_space_group.name_H-M_alt     'R 3 :H' 
_space_group.name_Hall        'R 3' 
_space_group.IT_number        146 
_space_group.crystal_system   trigonal 
_space_group.id               1 
# 
_atom_sites.entry_id                    9NL8 
_atom_sites.Cartn_transf_matrix[1][1]   ? 
_atom_sites.Cartn_transf_matrix[1][2]   ? 
_atom_sites.Cartn_transf_matrix[1][3]   ? 
_atom_sites.Cartn_transf_matrix[2][1]   ? 
_atom_sites.Cartn_transf_matrix[2][2]   ? 
_atom_sites.Cartn_transf_matrix[2][3]   ? 
_atom_sites.Cartn_transf_matrix[3][1]   ? 
_atom_sites.Cartn_transf_matrix[3][2]   ? 
_atom_sites.Cartn_transf_matrix[3][3]   ? 
_atom_sites.Cartn_transf_vector[1]      ? 
_atom_sites.Cartn_transf_vector[2]      ? 
_atom_sites.Cartn_transf_vector[3]      ? 
_atom_sites.Cartn_transform_axes        ? 
_atom_sites.fract_transf_matrix[1][1]   -0.00186411 
_atom_sites.fract_transf_matrix[1][2]   0.00441564 
_atom_sites.fract_transf_matrix[1][3]   -0.00956102 
_atom_sites.fract_transf_matrix[2][1]   -0.00522006 
_atom_sites.fract_transf_matrix[2][2]   -0.00553139 
_atom_sites.fract_transf_matrix[2][3]   -0.00751915 
_atom_sites.fract_transf_matrix[3][1]   -0.00939726 
_atom_sites.fract_transf_matrix[3][2]   0.00391801 
_atom_sites.fract_transf_matrix[3][3]   0.00364166 
_atom_sites.fract_transf_vector[1]      0.875046 
_atom_sites.fract_transf_vector[2]      0.339726 
_atom_sites.fract_transf_vector[3]      0.425959 
_atom_sites.solution_primary            ? 
_atom_sites.solution_secondary          ? 
_atom_sites.solution_hydrogens          ? 
_atom_sites.special_details             ? 
# 
loop_
_atom_type.symbol 
_atom_type.scat_dispersion_real 
_atom_type.scat_dispersion_imag 
_atom_type.scat_Cromer_Mann_a1 
_atom_type.scat_Cromer_Mann_a2 
_atom_type.scat_Cromer_Mann_a3 
_atom_type.scat_Cromer_Mann_a4 
_atom_type.scat_Cromer_Mann_b1 
_atom_type.scat_Cromer_Mann_b2 
_atom_type.scat_Cromer_Mann_b3 
_atom_type.scat_Cromer_Mann_b4 
_atom_type.scat_Cromer_Mann_c 
_atom_type.scat_source 
_atom_type.scat_dispersion_source 
C ? ? 5.96793  ? ? ? 14.89577 ? ? ? 0.0 
;1-Gaussian fit: Grosse-Kunstleve RW, Sauter NK, Adams PD: Newsletter of the IUCr Commission on Crystallographic Computing 2004, 3, 22-31.
;
? 
N ? ? 6.96715  ? ? ? 11.43723 ? ? ? 0.0 
;1-Gaussian fit: Grosse-Kunstleve RW, Sauter NK, Adams PD: Newsletter of the IUCr Commission on Crystallographic Computing 2004, 3, 22-31.
;
? 
O ? ? 7.96527  ? ? ? 9.05267  ? ? ? 0.0 
;1-Gaussian fit: Grosse-Kunstleve RW, Sauter NK, Adams PD: Newsletter of the IUCr Commission on Crystallographic Computing 2004, 3, 22-31.
;
? 
P ? ? 14.90797 ? ? ? 11.91318 ? ? ? 0.0 
;1-Gaussian fit: Grosse-Kunstleve RW, Sauter NK, Adams PD: Newsletter of the IUCr Commission on Crystallographic Computing 2004, 3, 22-31.
;
? 
# 
loop_
_atom_site.group_PDB 
_atom_site.id 
_atom_site.type_symbol 
_atom_site.label_atom_id 
_atom_site.label_alt_id 
_atom_site.label_comp_id 
_atom_site.label_asym_id 
_atom_site.label_entity_id 
_atom_site.label_seq_id 
_atom_site.pdbx_PDB_ins_code 
_atom_site.Cartn_x 
_atom_site.Cartn_y 
_atom_site.Cartn_z 
_atom_site.occupancy 
_atom_site.B_iso_or_equiv 
_atom_site.pdbx_formal_charge 
_atom_site.auth_seq_id 
_atom_site.auth_comp_id 
_atom_site.auth_asym_id 
_atom_site.auth_atom_id 
_atom_site.pdbx_PDB_model_num 
ATOM 1   O "O5'" . DG A 1 1  ? 5.15421   -0.30952  -15.02216 1.000 80.55641  ? 1  DG B "O5'" 1 
ATOM 2   C "C5'" . DG A 1 1  ? 5.82794   -0.61150  -16.24201 1.000 81.24471  ? 1  DG B "C5'" 1 
ATOM 3   C "C4'" . DG A 1 1  ? 6.42655   -2.00407  -16.19392 1.000 80.49267  ? 1  DG B "C4'" 1 
ATOM 4   O "O4'" . DG A 1 1  ? 7.63078   -2.00082  -15.37653 1.000 83.10723  ? 1  DG B "O4'" 1 
ATOM 5   C "C3'" . DG A 1 1  ? 5.50918   -3.07543  -15.59897 1.000 79.08717  ? 1  DG B "C3'" 1 
ATOM 6   O "O3'" . DG A 1 1  ? 5.54415   -4.23178  -16.41161 1.000 80.36042  ? 1  DG B "O3'" 1 
ATOM 7   C "C2'" . DG A 1 1  ? 6.12346   -3.33939  -14.22401 1.000 78.40522  ? 1  DG B "C2'" 1 
ATOM 8   C "C1'" . DG A 1 1  ? 7.59795   -3.11153  -14.51236 1.000 79.34996  ? 1  DG B "C1'" 1 
ATOM 9   N N9    . DG A 1 1  ? 8.39870   -2.81535  -13.32117 1.000 79.33463  ? 1  DG B N9    1 
ATOM 10  C C8    . DG A 1 1  ? 8.10156   -1.91584  -12.32432 1.000 79.36603  ? 1  DG B C8    1 
ATOM 11  N N7    . DG A 1 1  ? 9.00295   -1.86463  -11.38185 1.000 79.44555  ? 1  DG B N7    1 
ATOM 12  C C5    . DG A 1 1  ? 9.96141   -2.78776  -11.77635 1.000 79.44890  ? 1  DG B C5    1 
ATOM 13  C C6    . DG A 1 1  ? 11.17233  -3.16510  -11.15017 1.000 79.58809  ? 1  DG B C6    1 
ATOM 14  O O6    . DG A 1 1  ? 11.65084  -2.74463  -10.08854 1.000 79.75506  ? 1  DG B O6    1 
ATOM 15  N N1    . DG A 1 1  ? 11.84964  -4.13529  -11.88261 1.000 79.60475  ? 1  DG B N1    1 
ATOM 16  C C2    . DG A 1 1  ? 11.41230  -4.67371  -13.07068 1.000 79.52179  ? 1  DG B C2    1 
ATOM 17  N N2    . DG A 1 1  ? 12.20316  -5.60195  -13.62884 1.000 79.62484  ? 1  DG B N2    1 
ATOM 18  N N3    . DG A 1 1  ? 10.27831  -4.32957  -13.66965 1.000 79.42036  ? 1  DG B N3    1 
ATOM 19  C C4    . DG A 1 1  ? 9.60595   -3.38366  -12.96803 1.000 79.37728  ? 1  DG B C4    1 
ATOM 20  P P     . DA A 1 2  ? 4.32039   -5.27421  -16.41200 1.000 83.00030  ? 2  DA B P     1 
ATOM 21  O OP1   . DA A 1 2  ? 3.06707   -4.53901  -16.69127 1.000 78.01104  ? 2  DA B OP1   1 
ATOM 22  O OP2   . DA A 1 2  ? 4.41429   -6.08562  -15.18287 1.000 76.60091  ? 2  DA B OP2   1 
ATOM 23  O "O5'" . DA A 1 2  ? 4.64701   -6.21827  -17.66067 1.000 78.13220  ? 2  DA B "O5'" 1 
ATOM 24  C "C5'" . DA A 1 2  ? 4.61710   -7.61884  -17.51436 1.000 77.28442  ? 2  DA B "C5'" 1 
ATOM 25  C "C4'" . DA A 1 2  ? 6.01870   -8.20312  -17.49933 1.000 77.42240  ? 2  DA B "C4'" 1 
ATOM 26  O "O4'" . DA A 1 2  ? 6.89294   -7.38874  -16.66125 1.000 77.64227  ? 2  DA B "O4'" 1 
ATOM 27  C "C3'" . DA A 1 2  ? 6.08261   -9.62147  -16.93736 1.000 76.36983  ? 2  DA B "C3'" 1 
ATOM 28  O "O3'" . DA A 1 2  ? 6.86885   -10.46266 -17.76357 1.000 79.53883  ? 2  DA B "O3'" 1 
ATOM 29  C "C2'" . DA A 1 2  ? 6.71039   -9.43906  -15.56143 1.000 75.80345  ? 2  DA B "C2'" 1 
ATOM 30  C "C1'" . DA A 1 2  ? 7.59854   -8.22463  -15.76322 1.000 76.91515  ? 2  DA B "C1'" 1 
ATOM 31  N N9    . DA A 1 2  ? 7.83523   -7.50064  -14.51184 1.000 76.68385  ? 2  DA B N9    1 
ATOM 32  C C8    . DA A 1 2  ? 7.05976   -6.51073  -13.98577 1.000 76.64214  ? 2  DA B C8    1 
ATOM 33  N N7    . DA A 1 2  ? 7.48591   -6.05203  -12.83558 1.000 76.48040  ? 2  DA B N7    1 
ATOM 34  C C5    . DA A 1 2  ? 8.61575   -6.80303  -12.57401 1.000 76.39008  ? 2  DA B C5    1 
ATOM 35  C C6    . DA A 1 2  ? 9.51908   -6.79694  -11.49821 1.000 76.28702  ? 2  DA B C6    1 
ATOM 36  N N6    . DA A 1 2  ? 9.40620   -5.96930  -10.45870 1.000 76.26800  ? 2  DA B N6    1 
ATOM 37  N N1    . DA A 1 2  ? 10.54413  -7.67024  -11.53267 1.000 76.28467  ? 2  DA B N1    1 
ATOM 38  C C2    . DA A 1 2  ? 10.65276  -8.49543  -12.58289 1.000 76.37705  ? 2  DA B C2    1 
ATOM 39  N N3    . DA A 1 2  ? 9.86050   -8.59619  -13.65686 1.000 76.49827  ? 2  DA B N3    1 
ATOM 40  C C4    . DA A 1 2  ? 8.84977   -7.70948  -13.59008 1.000 76.49701  ? 2  DA B C4    1 
ATOM 41  P P     . DC A 1 3  ? 6.72740   -12.05810 -17.63003 1.000 83.77939  ? 3  DC B P     1 
ATOM 42  O OP1   . DC A 1 3  ? 6.33920   -12.57830 -18.96205 1.000 82.34074  ? 3  DC B OP1   1 
ATOM 43  O OP2   . DC A 1 3  ? 5.87262   -12.32279 -16.45093 1.000 77.48067  ? 3  DC B OP2   1 
ATOM 44  O "O5'" . DC A 1 3  ? 8.20862   -12.56120 -17.27395 1.000 75.99787  ? 3  DC B "O5'" 1 
ATOM 45  C "C5'" . DC A 1 3  ? 9.07603   -11.74119 -16.49014 1.000 76.19481  ? 3  DC B "C5'" 1 
ATOM 46  C "C4'" . DC A 1 3  ? 9.60142   -12.50140 -15.28900 1.000 75.29575  ? 3  DC B "C4'" 1 
ATOM 47  O "O4'" . DC A 1 3  ? 9.68653   -11.61280 -14.13350 1.000 80.16123  ? 3  DC B "O4'" 1 
ATOM 48  C "C3'" . DC A 1 3  ? 8.72815   -13.66545 -14.83343 1.000 74.10426  ? 3  DC B "C3'" 1 
ATOM 49  O "O3'" . DC A 1 3  ? 9.55942   -14.66914 -14.31208 1.000 73.67429  ? 3  DC B "O3'" 1 
ATOM 50  C "C2'" . DC A 1 3  ? 7.90373   -13.02160 -13.73098 1.000 73.36092  ? 3  DC B "C2'" 1 
ATOM 51  C "C1'" . DC A 1 3  ? 8.98962   -12.21143 -13.06176 1.000 73.79262  ? 3  DC B "C1'" 1 
ATOM 52  N N1    . DC A 1 3  ? 8.47894   -11.15980 -12.13764 1.000 75.46120  ? 3  DC B N1    1 
ATOM 53  C C2    . DC A 1 3  ? 9.14716   -10.91702 -10.93260 1.000 73.32038  ? 3  DC B C2    1 
ATOM 54  O O2    . DC A 1 3  ? 10.15950  -11.57764 -10.66765 1.000 73.30341  ? 3  DC B O2    1 
ATOM 55  N N3    . DC A 1 3  ? 8.66374   -9.96336  -10.09394 1.000 73.18122  ? 3  DC B N3    1 
ATOM 56  C C4    . DC A 1 3  ? 7.56513   -9.28008  -10.42457 1.000 73.25302  ? 3  DC B C4    1 
ATOM 57  N N4    . DC A 1 3  ? 7.12139   -8.34846  -9.57462  1.000 73.16945  ? 3  DC B N4    1 
ATOM 58  C C5    . DC A 1 3  ? 6.86949   -9.52276  -11.64453 1.000 75.86960  ? 3  DC B C5    1 
ATOM 59  C C6    . DC A 1 3  ? 7.35325   -10.46601 -12.45773 1.000 74.48073  ? 3  DC B C6    1 
ATOM 60  P P     . DC A 1 4  ? 8.94851   -16.05710 -13.79080 1.000 90.10827  ? 4  DC B P     1 
ATOM 61  O OP1   . DC A 1 4  ? 8.44745   -16.77157 -14.98460 1.000 93.18619  ? 4  DC B OP1   1 
ATOM 62  O OP2   . DC A 1 4  ? 8.03239   -15.81719 -12.65514 1.000 73.16463  ? 4  DC B OP2   1 
ATOM 63  O "O5'" . DC A 1 4  ? 10.22795  -16.81849 -13.20532 1.000 79.88001  ? 4  DC B "O5'" 1 
ATOM 64  C "C5'" . DC A 1 4  ? 10.12039  -17.58133 -12.00767 1.000 71.21761  ? 4  DC B "C5'" 1 
ATOM 65  C "C4'" . DC A 1 4  ? 11.04714  -17.03988 -10.93181 1.000 71.19514  ? 4  DC B "C4'" 1 
ATOM 66  O "O4'" . DC A 1 4  ? 10.71473  -15.64900 -10.65374 1.000 71.49255  ? 4  DC B "O4'" 1 
ATOM 67  C "C3'" . DC A 1 4  ? 10.95761  -17.76681 -9.59207  1.000 70.01896  ? 4  DC B "C3'" 1 
ATOM 68  O "O3'" . DC A 1 4  ? 12.23916  -17.85612 -8.98972  1.000 71.79280  ? 4  DC B "O3'" 1 
ATOM 69  C "C2'" . DC A 1 4  ? 10.03229  -16.86951 -8.78725  1.000 69.49683  ? 4  DC B "C2'" 1 
ATOM 70  C "C1'" . DC A 1 4  ? 10.44906  -15.49325 -9.27543  1.000 70.63040  ? 4  DC B "C1'" 1 
ATOM 71  N N1    . DC A 1 4  ? 9.37158   -14.48076 -9.09945  1.000 70.51294  ? 4  DC B N1    1 
ATOM 72  C C2    . DC A 1 4  ? 9.28531   -13.75767 -7.90169  1.000 70.18140  ? 4  DC B C2    1 
ATOM 73  O O2    . DC A 1 4  ? 10.12953  -13.95476 -7.01676  1.000 70.02388  ? 4  DC B O2    1 
ATOM 74  N N3    . DC A 1 4  ? 8.28019   -12.85411 -7.75173  1.000 70.11472  ? 4  DC B N3    1 
ATOM 75  C C4    . DC A 1 4  ? 7.39146   -12.67639 -8.73470  1.000 70.35319  ? 4  DC B C4    1 
ATOM 76  N N4    . DC A 1 4  ? 6.41817   -11.77909 -8.55001  1.000 70.32781  ? 4  DC B N4    1 
ATOM 77  C C5    . DC A 1 4  ? 7.45820   -13.41554 -9.95164  1.000 70.69505  ? 4  DC B C5    1 
ATOM 78  C C6    . DC A 1 4  ? 8.45255   -14.29681 -10.08820 1.000 70.76147  ? 4  DC B C6    1 
ATOM 79  P P     . DT A 1 5  ? 12.53871  -19.00645 -7.90641  1.000 88.83626  ? 5  DT B P     1 
ATOM 80  O OP1   . DT A 1 5  ? 13.70783  -19.77419 -8.39132  1.000 76.57825  ? 5  DT B OP1   1 
ATOM 81  O OP2   . DT A 1 5  ? 11.26619  -19.71442 -7.63248  1.000 68.15937  ? 5  DT B OP2   1 
ATOM 82  O "O5'" . DT A 1 5  ? 12.96339  -18.20064 -6.58870  1.000 70.31264  ? 5  DT B "O5'" 1 
ATOM 83  C "C5'" . DT A 1 5  ? 12.09981  -17.21454 -6.05093  1.000 68.85103  ? 5  DT B "C5'" 1 
ATOM 84  C "C4'" . DT A 1 5  ? 12.09533  -17.27460 -4.54124  1.000 68.02487  ? 5  DT B "C4'" 1 
ATOM 85  O "O4'" . DT A 1 5  ? 11.18784  -16.27121 -4.02298  1.000 67.79168  ? 5  DT B "O4'" 1 
ATOM 86  C "C3'" . DT A 1 5  ? 11.60820  -18.58286 -3.95305  1.000 66.78312  ? 5  DT B "C3'" 1 
ATOM 87  O "O3'" . DT A 1 5  ? 12.16270  -18.73306 -2.65735  1.000 66.34704  ? 5  DT B "O3'" 1 
ATOM 88  C "C2'" . DT A 1 5  ? 10.10169  -18.34936 -3.89439  1.000 66.08412  ? 5  DT B "C2'" 1 
ATOM 89  C "C1'" . DT A 1 5  ? 10.05906  -16.89833 -3.43967  1.000 66.56257  ? 5  DT B "C1'" 1 
ATOM 90  N N1    . DT A 1 5  ? 8.83980   -16.14768 -3.86865  1.000 66.57179  ? 5  DT B N1    1 
ATOM 91  C C2    . DT A 1 5  ? 8.28191   -15.23319 -3.00612  1.000 66.36464  ? 5  DT B C2    1 
ATOM 92  O O2    . DT A 1 5  ? 8.72301   -15.00761 -1.89335  1.000 66.17444  ? 5  DT B O2    1 
ATOM 93  N N3    . DT A 1 5  ? 7.18091   -14.58652 -3.48925  1.000 66.45198  ? 5  DT B N3    1 
ATOM 94  C C4    . DT A 1 5  ? 6.59272   -14.75126 -4.72516  1.000 66.74342  ? 5  DT B C4    1 
ATOM 95  O O4    . DT A 1 5  ? 5.60141   -14.11534 -5.06534  1.000 66.85688  ? 5  DT B O4    1 
ATOM 96  C C5    . DT A 1 5  ? 7.22771   -15.72074 -5.58631  1.000 66.97629  ? 5  DT B C5    1 
ATOM 97  C C7    . DT A 1 5  ? 6.67875   -15.98638 -6.95483  1.000 67.39496  ? 5  DT B C7    1 
ATOM 98  C C6    . DT A 1 5  ? 8.30942   -16.36510 -5.12205  1.000 66.87382  ? 5  DT B C6    1 
ATOM 99  P P     . DG A 1 6  ? 12.15841  -20.15865 -1.91902  1.000 65.25073  ? 6  DG B P     1 
ATOM 100 O OP1   . DG A 1 6  ? 13.49695  -20.76224 -2.11203  1.000 73.56914  ? 6  DG B OP1   1 
ATOM 101 O OP2   . DG A 1 6  ? 10.94253  -20.90056 -2.32368  1.000 64.45882  ? 6  DG B OP2   1 
ATOM 102 O "O5'" . DG A 1 6  ? 11.97694  -19.77297 -0.38431  1.000 64.57881  ? 6  DG B "O5'" 1 
ATOM 103 C "C5'" . DG A 1 6  ? 11.43659  -18.51359 -0.05249  1.000 64.78852  ? 6  DG B "C5'" 1 
ATOM 104 C "C4'" . DG A 1 6  ? 10.44627  -18.63314 1.08328   1.000 63.65095  ? 6  DG B "C4'" 1 
ATOM 105 O "O4'" . DG A 1 6  ? 9.22096   -17.94638 0.72012   1.000 63.55222  ? 6  DG B "O4'" 1 
ATOM 106 C "C3'" . DG A 1 6  ? 10.01267  -20.05347 1.42168   1.000 62.50271  ? 6  DG B "C3'" 1 
ATOM 107 O "O3'" . DG A 1 6  ? 9.56266   -20.07595 2.76590   1.000 61.63591  ? 6  DG B "O3'" 1 
ATOM 108 C "C2'" . DG A 1 6  ? 8.85245   -20.23932 0.45780   1.000 62.30206  ? 6  DG B "C2'" 1 
ATOM 109 C "C1'" . DG A 1 6  ? 8.17563   -18.89054 0.61974   1.000 62.58358  ? 6  DG B "C1'" 1 
ATOM 110 N N9    . DG A 1 6  ? 7.30931   -18.50402 -0.48282  1.000 62.93111  ? 6  DG B N9    1 
ATOM 111 C C8    . DG A 1 6  ? 7.31836   -18.98548 -1.76889  1.000 63.36385  ? 6  DG B C8    1 
ATOM 112 N N7    . DG A 1 6  ? 6.41382   -18.43181 -2.53020  1.000 63.66130  ? 6  DG B N7    1 
ATOM 113 C C5    . DG A 1 6  ? 5.78343   -17.51499 -1.69431  1.000 63.40840  ? 6  DG B C5    1 
ATOM 114 C C6    . DG A 1 6  ? 4.72713   -16.61293 -1.95552  1.000 63.58955  ? 6  DG B C6    1 
ATOM 115 O O6    . DG A 1 6  ? 4.11456   -16.43478 -3.01455  1.000 64.02249  ? 6  DG B O6    1 
ATOM 116 N N1    . DG A 1 6  ? 4.39333   -15.86892 -0.82435  1.000 63.27176  ? 6  DG B N1    1 
ATOM 117 C C2    . DG A 1 6  ? 5.00772   -15.98931 0.39639   1.000 62.85538  ? 6  DG B C2    1 
ATOM 118 N N2    . DG A 1 6  ? 4.55634   -15.19864 1.37346   1.000 62.66845  ? 6  DG B N2    1 
ATOM 119 N N3    . DG A 1 6  ? 5.99380   -16.82718 0.64762   1.000 62.68818  ? 6  DG B N3    1 
ATOM 120 C C4    . DG A 1 6  ? 6.32941   -17.55448 -0.43687  1.000 62.97051  ? 6  DG B C4    1 
ATOM 121 P P     . DT A 1 7  ? 9.36392   -21.44958 3.57559   1.000 60.44824  ? 7  DT B P     1 
ATOM 122 O OP1   . DT A 1 7  ? 10.70089  -21.93164 3.99012   1.000 60.70230  ? 7  DT B OP1   1 
ATOM 123 O OP2   . DT A 1 7  ? 8.44017   -22.33540 2.82657   1.000 59.92883  ? 7  DT B OP2   1 
ATOM 124 O "O5'" . DT A 1 7  ? 8.59492   -20.95872 4.88066   1.000 59.73847  ? 7  DT B "O5'" 1 
ATOM 125 C "C5'" . DT A 1 7  ? 8.50476   -19.56974 5.14427   1.000 60.34439  ? 7  DT B "C5'" 1 
ATOM 126 C "C4'" . DT A 1 7  ? 7.05690   -19.12076 5.21080   1.000 59.86731  ? 7  DT B "C4'" 1 
ATOM 127 O "O4'" . DT A 1 7  ? 6.55522   -18.82823 3.88007   1.000 60.36876  ? 7  DT B "O4'" 1 
ATOM 128 C "C3'" . DT A 1 7  ? 6.08121   -20.14560 5.80613   1.000 58.61204  ? 7  DT B "C3'" 1 
ATOM 129 O "O3'" . DT A 1 7  ? 5.34607   -19.55218 6.85980   1.000 58.18260  ? 7  DT B "O3'" 1 
ATOM 130 C "C2'" . DT A 1 7  ? 5.16737   -20.49277 4.63137   1.000 58.56950  ? 7  DT B "C2'" 1 
ATOM 131 C "C1'" . DT A 1 7  ? 5.20024   -19.19444 3.86215   1.000 59.60113  ? 7  DT B "C1'" 1 
ATOM 132 N N1    . DT A 1 7  ? 4.69752   -19.29975 2.44739   1.000 60.01311  ? 7  DT B N1    1 
ATOM 133 C C2    . DT A 1 7  ? 3.65298   -18.49162 2.04788   1.000 60.22484  ? 7  DT B C2    1 
ATOM 134 O O2    . DT A 1 7  ? 3.11570   -17.68541 2.78651   1.000 60.09242  ? 7  DT B O2    1 
ATOM 135 N N3    . DT A 1 7  ? 3.25227   -18.67264 0.74478   1.000 60.65355  ? 7  DT B N3    1 
ATOM 136 C C4    . DT A 1 7  ? 3.77784   -19.55943 -0.17434  1.000 60.90556  ? 7  DT B C4    1 
ATOM 137 O O4    . DT A 1 7  ? 3.35383   -19.64443 -1.32571  1.000 61.36805  ? 7  DT B O4    1 
ATOM 138 C C5    . DT A 1 7  ? 4.86554   -20.37821 0.31346   1.000 60.65345  ? 7  DT B C5    1 
ATOM 139 C C7    . DT A 1 7  ? 5.51609   -21.38087 -0.58929  1.000 60.94622  ? 7  DT B C7    1 
ATOM 140 C C6    . DT A 1 7  ? 5.25831   -20.21862 1.58722   1.000 60.20876  ? 7  DT B C6    1 
ATOM 141 P P     . DA A 1 8  ? 4.94913   -20.41813 8.15476   1.000 57.01845  ? 8  DA B P     1 
ATOM 142 O OP1   . DA A 1 8  ? 5.39206   -19.65674 9.34543   1.000 57.19820  ? 8  DA B OP1   1 
ATOM 143 O OP2   . DA A 1 8  ? 5.49981   -21.78015 7.93807   1.000 56.60592  ? 8  DA B OP2   1 
ATOM 144 O "O5'" . DA A 1 8  ? 3.33936   -20.43603 8.15179   1.000 56.36963  ? 8  DA B "O5'" 1 
ATOM 145 C "C5'" . DA A 1 8  ? 2.61144   -19.44272 8.87182   1.000 56.35776  ? 8  DA B "C5'" 1 
ATOM 146 C "C4'" . DA A 1 8  ? 1.46418   -18.92759 8.03544   1.000 56.55865  ? 8  DA B "C4'" 1 
ATOM 147 O "O4'" . DA A 1 8  ? 1.88540   -18.79636 6.66458   1.000 57.33793  ? 8  DA B "O4'" 1 
ATOM 148 C "C3'" . DA A 1 8  ? 0.27398   -19.85108 7.95669   1.000 55.71140  ? 8  DA B "C3'" 1 
ATOM 149 O "O3'" . DA A 1 8  ? -0.55630  -19.66863 9.09652   1.000 55.08745  ? 8  DA B "O3'" 1 
ATOM 150 C "C2'" . DA A 1 8  ? -0.41305  -19.38689 6.66604   1.000 56.30811  ? 8  DA B "C2'" 1 
ATOM 151 C "C1'" . DA A 1 8  ? 0.72251   -18.72051 5.86397   1.000 57.34353  ? 8  DA B "C1'" 1 
ATOM 152 N N9    . DA A 1 8  ? 0.97877   -19.35632 4.56632   1.000 57.69980  ? 8  DA B N9    1 
ATOM 153 C C8    . DA A 1 8  ? 1.95230   -20.26907 4.27473   1.000 57.70113  ? 8  DA B C8    1 
ATOM 154 N N7    . DA A 1 8  ? 1.94722   -20.68159 3.02740   1.000 58.13527  ? 8  DA B N7    1 
ATOM 155 C C5    . DA A 1 8  ? 0.89639   -19.98575 2.45369   1.000 58.44179  ? 8  DA B C5    1 
ATOM 156 C C6    . DA A 1 8  ? 0.37261   -19.97645 1.14746   1.000 59.01344  ? 8  DA B C6    1 
ATOM 157 N N6    . DA A 1 8  ? 0.86659   -20.71227 0.15149   1.000 59.39607  ? 8  DA B N6    1 
ATOM 158 N N1    . DA A 1 8  ? -0.68074  -19.17113 0.90281   1.000 59.24249  ? 8  DA B N1    1 
ATOM 159 C C2    . DA A 1 8  ? -1.17258  -18.42875 1.90474   1.000 58.91300  ? 8  DA B C2    1 
ATOM 160 N N3    . DA A 1 8  ? -0.76123  -18.34845 3.17190   1.000 58.39118  ? 8  DA B N3    1 
ATOM 161 C C4    . DA A 1 8  ? 0.28738   -19.16384 3.38344   1.000 58.17313  ? 8  DA B C4    1 
ATOM 162 P P     . DT B 2 1  ? -7.18100  -19.25054 -7.49098  1.000 43.80317  ? 16 DT C P     1 
ATOM 163 O OP1   . DT B 2 1  ? -8.11941  -18.15434 -7.84510  1.000 43.95939  ? 16 DT C OP1   1 
ATOM 164 O OP2   . DT B 2 1  ? -6.12837  -19.71267 -8.43084  1.000 43.98570  ? 16 DT C OP2   1 
ATOM 165 O "O5'" . DT B 2 1  ? -6.54163  -18.93639 -6.06064  1.000 43.26175  ? 16 DT C "O5'" 1 
ATOM 166 C "C5'" . DT B 2 1  ? -7.40633  -18.64923 -4.99013  1.000 43.05106  ? 16 DT C "C5'" 1 
ATOM 167 C "C4'" . DT B 2 1  ? -6.90634  -17.48102 -4.15463  1.000 48.32542  ? 16 DT C "C4'" 1 
ATOM 168 O "O4'" . DT B 2 1  ? -5.88201  -17.93200 -3.23585  1.000 57.16196  ? 16 DT C "O4'" 1 
ATOM 169 C "C3'" . DT B 2 1  ? -6.31753  -16.29318 -4.91164  1.000 42.69720  ? 16 DT C "C3'" 1 
ATOM 170 O "O3'" . DT B 2 1  ? -6.79003  -15.08261 -4.28348  1.000 42.50470  ? 16 DT C "O3'" 1 
ATOM 171 C "C2'" . DT B 2 1  ? -4.80848  -16.50237 -4.74293  1.000 42.46732  ? 16 DT C "C2'" 1 
ATOM 172 C "C1'" . DT B 2 1  ? -4.73606  -17.12987 -3.35774  1.000 42.11683  ? 16 DT C "C1'" 1 
ATOM 173 N N1    . DT B 2 1  ? -3.54727  -18.01278 -3.13804  1.000 41.98474  ? 16 DT C N1    1 
ATOM 174 C C2    . DT B 2 1  ? -3.00273  -18.10160 -1.87514  1.000 47.36350  ? 16 DT C C2    1 
ATOM 175 O O2    . DT B 2 1  ? -3.43083  -17.47638 -0.92334  1.000 66.31753  ? 16 DT C O2    1 
ATOM 176 N N3    . DT B 2 1  ? -1.92180  -18.94623 -1.76863  1.000 45.76987  ? 16 DT C N3    1 
ATOM 177 C C4    . DT B 2 1  ? -1.35698  -19.70528 -2.77944  1.000 41.80488  ? 16 DT C C4    1 
ATOM 178 O O4    . DT B 2 1  ? -0.38781  -20.43827 -2.59254  1.000 41.73517  ? 16 DT C O4    1 
ATOM 179 C C5    . DT B 2 1  ? -1.98713  -19.57308 -4.07316  1.000 42.20940  ? 16 DT C C5    1 
ATOM 180 C C7    . DT B 2 1  ? -1.45387  -20.33601 -5.24379  1.000 42.55922  ? 16 DT C C7    1 
ATOM 181 C C6    . DT B 2 1  ? -3.04324  -18.74878 -4.18824  1.000 42.27989  ? 16 DT C C6    1 
ATOM 182 P P     . DA B 2 2  ? -6.09499  -13.64728 -4.51428  1.000 76.59511  ? 17 DA C P     1 
ATOM 183 O OP1   . DA B 2 2  ? -7.20377  -12.66669 -4.56128  1.000 66.21325  ? 17 DA C OP1   1 
ATOM 184 O OP2   . DA B 2 2  ? -5.15450  -13.68636 -5.66128  1.000 78.28583  ? 17 DA C OP2   1 
ATOM 185 O "O5'" . DA B 2 2  ? -5.29324  -13.39580 -3.14328  1.000 46.56284  ? 17 DA C "O5'" 1 
ATOM 186 C "C5'" . DA B 2 2  ? -5.98191  -13.50802 -1.88149  1.000 41.64352  ? 17 DA C "C5'" 1 
ATOM 187 C "C4'" . DA B 2 2  ? -5.08161  -13.14348 -0.70621  1.000 41.19838  ? 17 DA C "C4'" 1 
ATOM 188 O "O4'" . DA B 2 2  ? -4.06860  -14.16576 -0.51819  1.000 41.08347  ? 17 DA C "O4'" 1 
ATOM 189 C "C3'" . DA B 2 2  ? -4.31987  -11.83509 -0.84530  1.000 41.07270  ? 17 DA C "C3'" 1 
ATOM 190 O "O3'" . DA B 2 2  ? -4.14427  -11.26183 0.43780   1.000 40.69940  ? 17 DA C "O3'" 1 
ATOM 191 C "C2'" . DA B 2 2  ? -2.98924  -12.29512 -1.42897  1.000 41.09262  ? 17 DA C "C2'" 1 
ATOM 192 C "C1'" . DA B 2 2  ? -2.78126  -13.60280 -0.68457  1.000 40.94646  ? 17 DA C "C1'" 1 
ATOM 193 N N9    . DA B 2 2  ? -1.94016  -14.56606 -1.39832  1.000 41.10138  ? 17 DA C N9    1 
ATOM 194 C C8    . DA B 2 2  ? -2.04669  -14.95380 -2.70774  1.000 41.48585  ? 17 DA C C8    1 
ATOM 195 N N7    . DA B 2 2  ? -1.15245  -15.84697 -3.07283  1.000 41.55787  ? 17 DA C N7    1 
ATOM 196 C C5    . DA B 2 2  ? -0.40995  -16.06101 -1.92165  1.000 41.19530  ? 17 DA C C5    1 
ATOM 197 C C6    . DA B 2 2  ? 0.69251   -16.89540 -1.63933  1.000 41.09097  ? 17 DA C C6    1 
ATOM 198 N N6    . DA B 2 2  ? 1.25574   -17.70424 -2.54438  1.000 41.35302  ? 17 DA C N6    1 
ATOM 199 N N1    . DA B 2 2  ? 1.19727   -16.86515 -0.38160  1.000 40.72507  ? 17 DA C N1    1 
ATOM 200 C C2    . DA B 2 2  ? 0.63113   -16.05125 0.51755   1.000 40.48235  ? 17 DA C C2    1 
ATOM 201 N N3    . DA B 2 2  ? -0.40674  -15.23197 0.37250   1.000 40.54777  ? 17 DA C N3    1 
ATOM 202 C C4    . DA B 2 2  ? -0.88332  -15.28082 -0.88058  1.000 40.91136  ? 17 DA C C4    1 
ATOM 203 P P     . DC B 2 3  ? -3.81193  -9.69697  0.60366   1.000 51.11613  ? 18 DC C P     1 
ATOM 204 O OP1   . DC B 2 3  ? -5.08042  -9.01888  0.96407   1.000 42.89233  ? 18 DC C OP1   1 
ATOM 205 O OP2   . DC B 2 3  ? -3.03857  -9.24274  -0.57860  1.000 40.75030  ? 18 DC C OP2   1 
ATOM 206 O "O5'" . DC B 2 3  ? -2.83542  -9.66249  1.86980   1.000 40.13341  ? 18 DC C "O5'" 1 
ATOM 207 C "C5'" . DC B 2 3  ? -2.37828  -10.87657 2.44322   1.000 39.99665  ? 18 DC C "C5'" 1 
ATOM 208 C "C4'" . DC B 2 3  ? -0.87077  -10.86040 2.58215   1.000 39.81311  ? 18 DC C "C4'" 1 
ATOM 209 O "O4'" . DC B 2 3  ? -0.28257  -11.88279 1.73510   1.000 40.00823  ? 18 DC C "O4'" 1 
ATOM 210 C "C3'" . DC B 2 3  ? -0.19764  -9.54666  2.17074   1.000 39.79631  ? 18 DC C "C3'" 1 
ATOM 211 O "O3'" . DC B 2 3  ? 0.79895   -9.21978  3.11339   1.000 39.48049  ? 18 DC C "O3'" 1 
ATOM 212 C "C2'" . DC B 2 3  ? 0.42669   -9.89374  0.82311   1.000 40.08330  ? 18 DC C "C2'" 1 
ATOM 213 C "C1'" . DC B 2 3  ? 0.82972   -11.32193 1.08891   1.000 40.04562  ? 18 DC C "C1'" 1 
ATOM 214 N N1    . DC B 2 3  ? 1.14827   -12.10438 -0.12956  1.000 40.36306  ? 18 DC C N1    1 
ATOM 215 C C2    . DC B 2 3  ? 2.15488   -13.06301 -0.06680  1.000 40.32644  ? 18 DC C C2    1 
ATOM 216 O O2    . DC B 2 3  ? 2.73186   -13.23927 1.00716   1.000 40.03151  ? 18 DC C O2    1 
ATOM 217 N N3    . DC B 2 3  ? 2.46165   -13.77290 -1.17516  1.000 40.63268  ? 18 DC C N3    1 
ATOM 218 C C4    . DC B 2 3  ? 1.80524   -13.54236 -2.31149  1.000 40.96472  ? 18 DC C C4    1 
ATOM 219 N N4    . DC B 2 3  ? 2.13733   -14.26714 -3.38362  1.000 53.91560  ? 18 DC C N4    1 
ATOM 220 C C5    . DC B 2 3  ? 0.77436   -12.56005 -2.39889  1.000 41.01051  ? 18 DC C C5    1 
ATOM 221 C C6    . DC B 2 3  ? 0.48419   -11.86622 -1.29354  1.000 40.70404  ? 18 DC C C6    1 
ATOM 222 P P     . DA B 2 4  ? 0.99939   -7.70507  3.59483   1.000 39.30717  ? 19 DA C P     1 
ATOM 223 O OP1   . DA B 2 4  ? 0.22383   -7.53633  4.84687   1.000 39.08669  ? 19 DA C OP1   1 
ATOM 224 O OP2   . DA B 2 4  ? 0.75118   -6.85269  2.41195   1.000 39.58097  ? 19 DA C OP2   1 
ATOM 225 O "O5'" . DA B 2 4  ? 2.55782   -7.62248  3.93853   1.000 39.11580  ? 19 DA C "O5'" 1 
ATOM 226 C "C5'" . DA B 2 4  ? 3.13568   -8.55860  4.82962   1.000 38.91030  ? 19 DA C "C5'" 1 
ATOM 227 C "C4'" . DA B 2 4  ? 4.44103   -9.09933  4.27367   1.000 38.98045  ? 19 DA C "C4'" 1 
ATOM 228 O "O4'" . DA B 2 4  ? 4.19991   -9.73276  3.00991   1.000 39.30272  ? 19 DA C "O4'" 1 
ATOM 229 C "C3'" . DA B 2 4  ? 5.52468   -8.05530  4.00356   1.000 38.95872  ? 19 DA C "C3'" 1 
ATOM 230 O "O3'" . DA B 2 4  ? 6.66247   -8.34981  4.77114   1.000 38.75823  ? 19 DA C "O3'" 1 
ATOM 231 C "C2'" . DA B 2 4  ? 5.81072   -8.18327  2.49881   1.000 39.29843  ? 19 DA C "C2'" 1 
ATOM 232 C "C1'" . DA B 2 4  ? 5.34817   -9.59359  2.23729   1.000 39.42642  ? 19 DA C "C1'" 1 
ATOM 233 N N9    . DA B 2 4  ? 4.98682   -9.87258  0.86654   1.000 39.78526  ? 19 DA C N9    1 
ATOM 234 C C8    . DA B 2 4  ? 4.02008   -9.26359  0.12199   1.000 39.99555  ? 19 DA C C8    1 
ATOM 235 N N7    . DA B 2 4  ? 3.90388   -9.75638  -1.09050  1.000 40.33248  ? 19 DA C N7    1 
ATOM 236 C C5    . DA B 2 4  ? 4.84956   -10.77167 -1.12861  1.000 40.33770  ? 19 DA C C5    1 
ATOM 237 C C6    . DA B 2 4  ? 5.23514   -11.69141 -2.13430  1.000 40.63117  ? 19 DA C C6    1 
ATOM 238 N N6    . DA B 2 4  ? 4.68235   -11.73702 -3.35241  1.000 40.99125  ? 19 DA C N6    1 
ATOM 239 N N1    . DA B 2 4  ? 6.21718   -12.56851 -1.83433  1.000 40.55933  ? 19 DA C N1    1 
ATOM 240 C C2    . DA B 2 4  ? 6.77393   -12.52240 -0.61832  1.000 40.22036  ? 19 DA C C2    1 
ATOM 241 N N3    . DA B 2 4  ? 6.49866   -11.70946 0.39951   1.000 39.92714  ? 19 DA C N3    1 
ATOM 242 C C4    . DA B 2 4  ? 5.51946   -10.85199 0.07422   1.000 40.00287  ? 19 DA C C4    1 
ATOM 243 P P     . DC B 2 5  ? 7.31046   -7.19081  5.66437   1.000 38.51456  ? 20 DC C P     1 
ATOM 244 O OP1   . DC B 2 5  ? 8.74415   -7.50857  5.86437   1.000 38.45435  ? 20 DC C OP1   1 
ATOM 245 O OP2   . DC B 2 5  ? 6.41353   -6.98032  6.82258   1.000 38.29444  ? 20 DC C OP2   1 
ATOM 246 O "O5'" . DC B 2 5  ? 7.17417   -5.90242  4.72606   1.000 38.69210  ? 20 DC C "O5'" 1 
ATOM 247 C "C5'" . DC B 2 5  ? 8.18456   -4.92231  4.70905   1.000 38.65857  ? 20 DC C "C5'" 1 
ATOM 248 C "C4'" . DC B 2 5  ? 7.67766   -3.61885  5.28533   1.000 38.53088  ? 20 DC C "C4'" 1 
ATOM 249 O "O4'" . DC B 2 5  ? 6.25009   -3.68424  5.47365   1.000 38.53081  ? 20 DC C "O4'" 1 
ATOM 250 C "C3'" . DC B 2 5  ? 8.26597   -3.27160  6.64243   1.000 45.90705  ? 20 DC C "C3'" 1 
ATOM 251 O "O3'" . DC B 2 5  ? 9.09278   -2.13708  6.51510   1.000 38.51200  ? 20 DC C "O3'" 1 
ATOM 252 C "C2'" . DC B 2 5  ? 7.04723   -3.00859  7.54751   1.000 38.19496  ? 20 DC C "C2'" 1 
ATOM 253 C "C1'" . DC B 2 5  ? 5.90316   -2.86785  6.55708   1.000 38.31203  ? 20 DC C "C1'" 1 
ATOM 254 N N1    . DC B 2 5  ? 4.56719   -3.32623  7.06846   1.000 38.26584  ? 20 DC C N1    1 
ATOM 255 C C2    . DC B 2 5  ? 3.97746   -2.71987  8.18695   1.000 38.09590  ? 20 DC C C2    1 
ATOM 256 O O2    . DC B 2 5  ? 4.57132   -1.80959  8.76281   1.000 38.24444  ? 20 DC C O2    1 
ATOM 257 N N3    . DC B 2 5  ? 2.76142   -3.15801  8.60293   1.000 38.06511  ? 20 DC C N3    1 
ATOM 258 C C4    . DC B 2 5  ? 2.14550   -4.14159  7.94991   1.000 38.23775  ? 20 DC C C4    1 
ATOM 259 N N4    . DC B 2 5  ? 0.94702   -4.54335  8.39006   1.000 56.11217  ? 20 DC C N4    1 
ATOM 260 C C5    . DC B 2 5  ? 2.72807   -4.76041  6.80982   1.000 38.43299  ? 20 DC C C5    1 
ATOM 261 C C6    . DC B 2 5  ? 3.92421   -4.32786  6.41672   1.000 38.43887  ? 20 DC C C6    1 
ATOM 262 P P     . DC B 2 6  ? 10.69153  -2.29562  6.57976   1.000 46.29706  ? 21 DC C P     1 
ATOM 263 O OP1   . DC B 2 6  ? 11.28311  -1.71746  5.35097   1.000 38.78503  ? 21 DC C OP1   1 
ATOM 264 O OP2   . DC B 2 6  ? 11.01035  -3.69829  6.92068   1.000 46.00758  ? 21 DC C OP2   1 
ATOM 265 O "O5'" . DC B 2 6  ? 11.07527  -1.38786  7.83087   1.000 38.71608  ? 21 DC C "O5'" 1 
ATOM 266 C "C5'" . DC B 2 6  ? 10.05536  -0.99513  8.75116   1.000 38.67339  ? 21 DC C "C5'" 1 
ATOM 267 C "C4'" . DC B 2 6  ? 10.46981  -1.30894  10.17226  1.000 38.58377  ? 21 DC C "C4'" 1 
ATOM 268 O "O4'" . DC B 2 6  ? 9.48447   -2.17312  10.78722  1.000 38.33229  ? 21 DC C "O4'" 1 
ATOM 269 C "C3'" . DC B 2 6  ? 11.77034  -2.07354  10.29022  1.000 38.54749  ? 21 DC C "C3'" 1 
ATOM 270 O "O3'" . DC B 2 6  ? 12.29076  -1.89541  11.57449  1.000 38.57821  ? 21 DC C "O3'" 1 
ATOM 271 C "C2'" . DC B 2 6  ? 11.29898  -3.50110  10.09191  1.000 38.26914  ? 21 DC C "C2'" 1 
ATOM 272 C "C1'" . DC B 2 6  ? 10.02162  -3.48363  10.91853  1.000 45.76833  ? 21 DC C "C1'" 1 
ATOM 273 N N1    . DC B 2 6  ? 9.00385   -4.45117  10.45623  1.000 37.92359  ? 21 DC C N1    1 
ATOM 274 C C2    . DC B 2 6  ? 7.76935   -4.50536  11.10426  1.000 37.80801  ? 21 DC C C2    1 
ATOM 275 O O2    . DC B 2 6  ? 7.56203   -3.74336  12.05983  1.000 45.45771  ? 21 DC C O2    1 
ATOM 276 N N3    . DC B 2 6  ? 6.83999   -5.38571  10.66744  1.000 37.62885  ? 21 DC C N3    1 
ATOM 277 C C4    . DC B 2 6  ? 7.11463   -6.18162  9.63379   1.000 37.71666  ? 21 DC C C4    1 
ATOM 278 N N4    . DC B 2 6  ? 6.16874   -7.02940  9.23791   1.000 37.83754  ? 21 DC C N4    1 
ATOM 279 C C5    . DC B 2 6  ? 8.36915   -6.13970  8.95967   1.000 37.81278  ? 21 DC C C5    1 
ATOM 280 C C6    . DC B 2 6  ? 9.27636   -5.26896  9.40112   1.000 45.41979  ? 21 DC C C6    1 
ATOM 281 P P     . DG B 2 7  ? 13.77687  -1.32733  11.76149  1.000 38.81482  ? 22 DG C P     1 
ATOM 282 O OP1   . DG B 2 7  ? 14.04123  -0.28530  10.74133  1.000 39.06083  ? 22 DG C OP1   1 
ATOM 283 O OP2   . DG B 2 7  ? 14.66361  -2.50863  11.82725  1.000 38.70140  ? 22 DG C OP2   1 
ATOM 284 O "O5'" . DG B 2 7  ? 13.71878  -0.61141  13.18954  1.000 38.89159  ? 22 DG C "O5'" 1 
ATOM 285 C "C5'" . DG B 2 7  ? 12.58609  0.19688   13.53377  1.000 38.91118  ? 22 DG C "C5'" 1 
ATOM 286 C "C4'" . DG B 2 7  ? 12.05917  -0.12635  14.92724  1.000 38.75651  ? 22 DG C "C4'" 1 
ATOM 287 O "O4'" . DG B 2 7  ? 11.11950  -1.23185  14.85727  1.000 38.47587  ? 22 DG C "O4'" 1 
ATOM 288 C "C3'" . DG B 2 7  ? 13.10416  -0.56972  15.93451  1.000 38.75572  ? 22 DG C "C3'" 1 
ATOM 289 O "O3'" . DG B 2 7  ? 12.62715  -0.32891  17.23233  1.000 38.71176  ? 22 DG C "O3'" 1 
ATOM 290 C "C2'" . DG B 2 7  ? 13.15778  -2.05676  15.66658  1.000 38.51416  ? 22 DG C "C2'" 1 
ATOM 291 C "C1'" . DG B 2 7  ? 11.67626  -2.36537  15.51663  1.000 45.97779  ? 22 DG C "C1'" 1 
ATOM 292 N N9    . DG B 2 7  ? 11.40031  -3.55746  14.71090  1.000 45.73803  ? 22 DG C N9    1 
ATOM 293 C C8    . DG B 2 7  ? 12.21325  -4.10701  13.74607  1.000 38.13132  ? 22 DG C C8    1 
ATOM 294 N N7    . DG B 2 7  ? 11.70831  -5.16589  13.17856  1.000 37.93024  ? 22 DG C N7    1 
ATOM 295 C C5    . DG B 2 7  ? 10.47912  -5.33126  13.80199  1.000 37.77544  ? 22 DG C C5    1 
ATOM 296 C C6    . DG B 2 7  ? 9.48570   -6.31296  13.59149  1.000 40.03898  ? 22 DG C C6    1 
ATOM 297 O O6    . DG B 2 7  ? 9.50102   -7.25724  12.79166  1.000 50.56207  ? 22 DG C O6    1 
ATOM 298 N N1    . DG B 2 7  ? 8.39516   -6.12506  14.43442  1.000 44.95763  ? 22 DG C N1    1 
ATOM 299 C C2    . DG B 2 7  ? 8.27679   -5.11348  15.35642  1.000 37.58169  ? 22 DG C C2    1 
ATOM 300 N N2    . DG B 2 7  ? 7.14868   -5.09267  16.07856  1.000 37.47855  ? 22 DG C N2    1 
ATOM 301 N N3    . DG B 2 7  ? 9.20137   -4.18236  15.55888  1.000 37.79484  ? 22 DG C N3    1 
ATOM 302 C C4    . DG B 2 7  ? 10.27469  -4.35642  14.74660  1.000 37.88313  ? 22 DG C C4    1 
ATOM 303 O "O5'" . DC C 3 1  ? -6.49179  16.04674  -17.78185 1.000 79.06599  ? 2  DC A "O5'" 1 
ATOM 304 C "C5'" . DC C 3 1  ? -6.26467  17.02570  -18.79125 1.000 94.32013  ? 2  DC A "C5'" 1 
ATOM 305 C "C4'" . DC C 3 1  ? -6.44611  18.42572  -18.23230 1.000 123.20608 ? 2  DC A "C4'" 1 
ATOM 306 O "O4'" . DC C 3 1  ? -7.82552  18.61291  -17.85799 1.000 93.01380  ? 2  DC A "O4'" 1 
ATOM 307 C "C3'" . DC C 3 1  ? -5.62217  18.72773  -16.97618 1.000 135.13747 ? 2  DC A "C3'" 1 
ATOM 308 O "O3'" . DC C 3 1  ? -4.49791  19.61740  -17.29164 1.000 162.40104 ? 2  DC A "O3'" 1 
ATOM 309 C "C2'" . DC C 3 1  ? -6.62573  19.32416  -15.96734 1.000 118.85167 ? 2  DC A "C2'" 1 
ATOM 310 C "C1'" . DC C 3 1  ? -7.89027  19.53261  -16.79986 1.000 111.43404 ? 2  DC A "C1'" 1 
ATOM 311 N N1    . DC C 3 1  ? -9.17116  19.30093  -16.05797 1.000 88.67122  ? 2  DC A N1    1 
ATOM 312 C C2    . DC C 3 1  ? -9.62216  20.24159  -15.12064 1.000 83.64389  ? 2  DC A C2    1 
ATOM 313 O O2    . DC C 3 1  ? -8.94155  21.24932  -14.89922 1.000 87.80035  ? 2  DC A O2    1 
ATOM 314 N N3    . DC C 3 1  ? -10.79423 20.01455  -14.47376 1.000 83.58850  ? 2  DC A N3    1 
ATOM 315 C C4    . DC C 3 1  ? -11.50014 18.91532  -14.73804 1.000 83.11909  ? 2  DC A C4    1 
ATOM 316 N N4    . DC C 3 1  ? -12.64949 18.73436  -14.07861 1.000 83.26661  ? 2  DC A N4    1 
ATOM 317 C C5    . DC C 3 1  ? -11.05756 17.95077  -15.68876 1.000 82.62758  ? 2  DC A C5    1 
ATOM 318 C C6    . DC C 3 1  ? -9.90607  18.18593  -16.32534 1.000 82.67994  ? 2  DC A C6    1 
ATOM 319 P P     . DT C 3 2  ? -4.63571  21.22632  -17.34535 1.000 177.54483 ? 3  DT A P     1 
ATOM 320 O OP1   . DT C 3 2  ? -5.90185  21.62480  -17.99888 1.000 113.03236 ? 3  DT A OP1   1 
ATOM 321 O OP2   . DT C 3 2  ? -3.37293  21.73634  -17.92397 1.000 122.07373 ? 3  DT A OP2   1 
ATOM 322 O "O5'" . DT C 3 2  ? -4.65048  21.66702  -15.80943 1.000 147.70154 ? 3  DT A "O5'" 1 
ATOM 323 C "C5'" . DT C 3 2  ? -3.66599  21.16401  -14.91170 1.000 110.37323 ? 3  DT A "C5'" 1 
ATOM 324 C "C4'" . DT C 3 2  ? -4.00051  21.57288  -13.49335 1.000 86.04885  ? 3  DT A "C4'" 1 
ATOM 325 O "O4'" . DT C 3 2  ? -5.41446  21.32755  -13.24268 1.000 79.84718  ? 3  DT A "O4'" 1 
ATOM 326 C "C3'" . DT C 3 2  ? -3.24319  20.82215  -12.38741 1.000 76.94172  ? 3  DT A "C3'" 1 
ATOM 327 O "O3'" . DT C 3 2  ? -2.88561  21.74708  -11.34397 1.000 85.20504  ? 3  DT A "O3'" 1 
ATOM 328 C "C2'" . DT C 3 2  ? -4.29230  19.82908  -11.91036 1.000 75.52645  ? 3  DT A "C2'" 1 
ATOM 329 C "C1'" . DT C 3 2  ? -5.52505  20.70300  -11.99597 1.000 77.62751  ? 3  DT A "C1'" 1 
ATOM 330 N N1    . DT C 3 2  ? -6.78548  19.94737  -11.91511 1.000 77.29235  ? 3  DT A N1    1 
ATOM 331 C C2    . DT C 3 2  ? -7.76698  20.37003  -11.04488 1.000 77.73031  ? 3  DT A C2    1 
ATOM 332 O O2    . DT C 3 2  ? -7.66652  21.37101  -10.35562 1.000 78.43511  ? 3  DT A O2    1 
ATOM 333 N N3    . DT C 3 2  ? -8.88505  19.58599  -11.02126 1.000 77.49506  ? 3  DT A N3    1 
ATOM 334 C C4    . DT C 3 2  ? -9.10890  18.43653  -11.75770 1.000 76.86207  ? 3  DT A C4    1 
ATOM 335 O O4    . DT C 3 2  ? -10.15052 17.79563  -11.66985 1.000 80.02742  ? 3  DT A O4    1 
ATOM 336 C C5    . DT C 3 2  ? -8.03011  18.04441  -12.63805 1.000 76.37558  ? 3  DT A C5    1 
ATOM 337 C C7    . DT C 3 2  ? -8.15596  16.81680  -13.48711 1.000 86.55850  ? 3  DT A C7    1 
ATOM 338 C C6    . DT C 3 2  ? -6.93098  18.80486  -12.66378 1.000 76.59543  ? 3  DT A C6    1 
ATOM 339 P P     . DG C 3 3  ? -2.14124  21.26364  -9.99675  1.000 85.24527  ? 4  DG A P     1 
ATOM 340 O OP1   . DG C 3 3  ? -0.70352  21.11854  -10.32035 1.000 84.94795  ? 4  DG A OP1   1 
ATOM 341 O OP2   . DG C 3 3  ? -2.86423  20.13920  -9.36269  1.000 72.77234  ? 4  DG A OP2   1 
ATOM 342 O "O5'" . DG C 3 3  ? -2.34791  22.49752  -8.99704  1.000 75.80134  ? 4  DG A "O5'" 1 
ATOM 343 C "C5'" . DG C 3 3  ? -3.62031  23.14761  -8.92536  1.000 77.35300  ? 4  DG A "C5'" 1 
ATOM 344 C "C4'" . DG C 3 3  ? -4.22239  23.02409  -7.53698  1.000 76.35062  ? 4  DG A "C4'" 1 
ATOM 345 O "O4'" . DG C 3 3  ? -5.45195  22.25924  -7.59954  1.000 75.92815  ? 4  DG A "O4'" 1 
ATOM 346 C "C3'" . DG C 3 3  ? -3.33338  22.33731  -6.50540  1.000 79.05376  ? 4  DG A "C3'" 1 
ATOM 347 O "O3'" . DG C 3 3  ? -3.30247  23.12047  -5.32395  1.000 82.36117  ? 4  DG A "O3'" 1 
ATOM 348 C "C2'" . DG C 3 3  ? -4.00286  20.97249  -6.28564  1.000 77.40498  ? 4  DG A "C2'" 1 
ATOM 349 C "C1'" . DG C 3 3  ? -5.45955  21.27038  -6.59527  1.000 73.73032  ? 4  DG A "C1'" 1 
ATOM 350 N N9    . DG C 3 3  ? -6.20062  20.12358  -7.11148  1.000 72.91139  ? 4  DG A N9    1 
ATOM 351 C C8    . DG C 3 3  ? -5.81987  19.28139  -8.12730  1.000 72.22662  ? 4  DG A C8    1 
ATOM 352 N N7    . DG C 3 3  ? -6.69647  18.35248  -8.38870  1.000 71.75831  ? 4  DG A N7    1 
ATOM 353 C C5    . DG C 3 3  ? -7.72962  18.59910  -7.49579  1.000 72.18052  ? 4  DG A C5    1 
ATOM 354 C C6    . DG C 3 3  ? -8.95576  17.91613  -7.31166  1.000 80.19328  ? 4  DG A C6    1 
ATOM 355 O O6    . DG C 3 3  ? -9.38082  16.92270  -7.92455  1.000 71.66094  ? 4  DG A O6    1 
ATOM 356 N N1    . DG C 3 3  ? -9.71900  18.49459  -6.29553  1.000 89.83377  ? 4  DG A N1    1 
ATOM 357 C C2    . DG C 3 3  ? -9.34166  19.59410  -5.55531  1.000 73.54100  ? 4  DG A C2    1 
ATOM 358 N N2    . DG C 3 3  ? -10.20787 20.01202  -4.61824  1.000 74.32873  ? 4  DG A N2    1 
ATOM 359 N N3    . DG C 3 3  ? -8.19412  20.24136  -5.72166  1.000 73.60503  ? 4  DG A N3    1 
ATOM 360 C C4    . DG C 3 3  ? -7.44161  19.69041  -6.70480  1.000 72.89946  ? 4  DG A C4    1 
ATOM 361 P P     . DC C 3 4  ? -2.51333  22.61623  -4.01973  1.000 83.58793  ? 5  DC A P     1 
ATOM 362 O OP1   . DC C 3 4  ? -1.93326  23.82112  -3.37953  1.000 74.23685  ? 5  DC A OP1   1 
ATOM 363 O OP2   . DC C 3 4  ? -1.62545  21.49203  -4.40511  1.000 70.67726  ? 5  DC A OP2   1 
ATOM 364 O "O5'" . DC C 3 4  ? -3.68340  22.05543  -3.08144  1.000 71.86416  ? 5  DC A "O5'" 1 
ATOM 365 C "C5'" . DC C 3 4  ? -4.86397  22.84091  -2.87998  1.000 73.63533  ? 5  DC A "C5'" 1 
ATOM 366 C "C4'" . DC C 3 4  ? -5.73654  22.25777  -1.78011  1.000 72.84880  ? 5  DC A "C4'" 1 
ATOM 367 O "O4'" . DC C 3 4  ? -6.63502  21.26908  -2.34841  1.000 81.50973  ? 5  DC A "O4'" 1 
ATOM 368 C "C3'" . DC C 3 4  ? -4.98065  21.55478  -0.65498  1.000 76.19677  ? 5  DC A "C3'" 1 
ATOM 369 O "O3'" . DC C 3 4  ? -5.59925  21.82373  0.60599   1.000 97.32022  ? 5  DC A "O3'" 1 
ATOM 370 C "C2'" . DC C 3 4  ? -5.09105  20.08168  -1.03389  1.000 69.00913  ? 5  DC A "C2'" 1 
ATOM 371 C "C1'" . DC C 3 4  ? -6.45126  20.01963  -1.71500  1.000 72.83617  ? 5  DC A "C1'" 1 
ATOM 372 N N1    . DC C 3 4  ? -6.54867  18.94124  -2.75827  1.000 92.95840  ? 5  DC A N1    1 
ATOM 373 C C2    . DC C 3 4  ? -7.70338  18.14334  -2.83706  1.000 83.47312  ? 5  DC A C2    1 
ATOM 374 O O2    . DC C 3 4  ? -8.62905  18.34686  -2.03853  1.000 72.16490  ? 5  DC A O2    1 
ATOM 375 N N3    . DC C 3 4  ? -7.76960  17.17412  -3.79136  1.000 84.29500  ? 5  DC A N3    1 
ATOM 376 C C4    . DC C 3 4  ? -6.74426  16.99498  -4.63312  1.000 75.78349  ? 5  DC A C4    1 
ATOM 377 N N4    . DC C 3 4  ? -6.84825  16.03295  -5.55782  1.000 67.85752  ? 5  DC A N4    1 
ATOM 378 C C5    . DC C 3 4  ? -5.56277  17.79617  -4.56370  1.000 74.98415  ? 5  DC A C5    1 
ATOM 379 C C6    . DC C 3 4  ? -5.51027  18.74687  -3.62528  1.000 87.60271  ? 5  DC A C6    1 
ATOM 380 P P     . DT C 3 5  ? -4.79838  21.56977  1.98157   1.000 109.43617 ? 6  DT A P     1 
ATOM 381 O OP1   . DT C 3 5  ? -4.62918  22.86844  2.67354   1.000 76.44027  ? 6  DT A OP1   1 
ATOM 382 O OP2   . DT C 3 5  ? -3.60217  20.75334  1.67455   1.000 89.03596  ? 6  DT A OP2   1 
ATOM 383 O "O5'" . DT C 3 5  ? -5.79989  20.66538  2.84013   1.000 69.62061  ? 6  DT A "O5'" 1 
ATOM 384 C "C5'" . DT C 3 5  ? -7.19027  20.95975  2.84264   1.000 71.02767  ? 6  DT A "C5'" 1 
ATOM 385 C "C4'" . DT C 3 5  ? -8.00516  19.69789  3.03388   1.000 69.88358  ? 6  DT A "C4'" 1 
ATOM 386 O "O4'" . DT C 3 5  ? -8.04282  18.94611  1.78622   1.000 68.97363  ? 6  DT A "O4'" 1 
ATOM 387 C "C3'" . DT C 3 5  ? -7.46043  18.73080  4.09896   1.000 68.16077  ? 6  DT A "C3'" 1 
ATOM 388 O "O3'" . DT C 3 5  ? -8.52700  18.28411  4.95755   1.000 76.73592  ? 6  DT A "O3'" 1 
ATOM 389 C "C2'" . DT C 3 5  ? -6.89778  17.58456  3.26038   1.000 66.19583  ? 6  DT A "C2'" 1 
ATOM 390 C "C1'" . DT C 3 5  ? -7.86844  17.58616  2.09543   1.000 67.00589  ? 6  DT A "C1'" 1 
ATOM 391 N N1    . DT C 3 5  ? -7.38008  16.82814  0.88497   1.000 79.28836  ? 6  DT A N1    1 
ATOM 392 C C2    . DT C 3 5  ? -8.19183  15.85512  0.32611   1.000 74.53148  ? 6  DT A C2    1 
ATOM 393 O O2    . DT C 3 5  ? -9.30519  15.58692  0.75038   1.000 65.86074  ? 6  DT A O2    1 
ATOM 394 N N3    . DT C 3 5  ? -7.65070  15.21083  -0.76229  1.000 67.23315  ? 6  DT A N3    1 
ATOM 395 C C4    . DT C 3 5  ? -6.40385  15.42779  -1.32703  1.000 65.53973  ? 6  DT A C4    1 
ATOM 396 O O4    . DT C 3 5  ? -6.00155  14.79955  -2.30112  1.000 63.06299  ? 6  DT A O4    1 
ATOM 397 C C5    . DT C 3 5  ? -5.60472  16.44661  -0.68627  1.000 79.01195  ? 6  DT A C5    1 
ATOM 398 C C7    . DT C 3 5  ? -4.23419  16.75831  -1.20965  1.000 70.76141  ? 6  DT A C7    1 
ATOM 399 C C6    . DT C 3 5  ? -6.12049  17.08585  0.37955   1.000 79.41486  ? 6  DT A C6    1 
ATOM 400 P P     . DG C 3 6  ? -8.21588  17.55917  6.36376   1.000 79.14814  ? 7  DG A P     1 
ATOM 401 O OP1   . DG C 3 6  ? -7.95931  18.62997  7.35420   1.000 68.94531  ? 7  DG A OP1   1 
ATOM 402 O OP2   . DG C 3 6  ? -7.21661  16.48489  6.15185   1.000 65.30946  ? 7  DG A OP2   1 
ATOM 403 O "O5'" . DG C 3 6  ? -9.59849  16.84535  6.74601   1.000 67.89384  ? 7  DG A "O5'" 1 
ATOM 404 C "C5'" . DG C 3 6  ? -10.59263 16.62549  5.74847   1.000 68.32364  ? 7  DG A "C5'" 1 
ATOM 405 C "C4'" . DG C 3 6  ? -10.74074 15.14310  5.43747   1.000 67.07477  ? 7  DG A "C4'" 1 
ATOM 406 O "O4'" . DG C 3 6  ? -10.00929 14.81567  4.22392   1.000 86.36251  ? 7  DG A "O4'" 1 
ATOM 407 C "C3'" . DG C 3 6  ? -10.21885 14.18630  6.51671   1.000 65.22106  ? 7  DG A "C3'" 1 
ATOM 408 O "O3'" . DG C 3 6  ? -11.15228 13.12571  6.71543   1.000 64.97019  ? 7  DG A "O3'" 1 
ATOM 409 C "C2'" . DG C 3 6  ? -8.91227  13.67090  5.91356   1.000 63.31219  ? 7  DG A "C2'" 1 
ATOM 410 C "C1'" . DG C 3 6  ? -9.28420  13.63169  4.44397   1.000 63.38861  ? 7  DG A "C1'" 1 
ATOM 411 N N9    . DG C 3 6  ? -8.14641  13.58990  3.52960   1.000 62.29352  ? 7  DG A N9    1 
ATOM 412 C C8    . DG C 3 6  ? -7.00363  14.34605  3.58778   1.000 62.24544  ? 7  DG A C8    1 
ATOM 413 N N7    . DG C 3 6  ? -6.16126  14.08914  2.62580   1.000 61.29562  ? 7  DG A N7    1 
ATOM 414 C C5    . DG C 3 6  ? -6.78690  13.09452  1.88227   1.000 60.65914  ? 7  DG A C5    1 
ATOM 415 C C6    . DG C 3 6  ? -6.35295  12.41761  0.71739   1.000 60.02984  ? 7  DG A C6    1 
ATOM 416 O O6    . DG C 3 6  ? -5.29247  12.56353  0.09487   1.000 60.03466  ? 7  DG A O6    1 
ATOM 417 N N1    . DG C 3 6  ? -7.29446  11.47699  0.28674   1.000 72.00817  ? 7  DG A N1    1 
ATOM 418 C C2    . DG C 3 6  ? -8.49844  11.23415  0.90799   1.000 64.76522  ? 7  DG A C2    1 
ATOM 419 N N2    . DG C 3 6  ? -9.28075  10.29243  0.35402   1.000 59.90470  ? 7  DG A N2    1 
ATOM 420 N N3    . DG C 3 6  ? -8.91126  11.86835  1.99733   1.000 62.99092  ? 7  DG A N3    1 
ATOM 421 C C4    . DG C 3 6  ? -8.00700  12.78245  2.42711   1.000 61.26220  ? 7  DG A C4    1 
ATOM 422 P P     . DA C 3 7  ? -11.15950 12.30498  8.09783   1.000 103.52202 ? 8  DA A P     1 
ATOM 423 O OP1   . DA C 3 7  ? -12.37722 12.68374  8.85097   1.000 107.99017 ? 8  DA A OP1   1 
ATOM 424 O OP2   . DA C 3 7  ? -9.82919  12.49565  8.71790   1.000 105.90933 ? 8  DA A OP2   1 
ATOM 425 O "O5'" . DA C 3 7  ? -11.27080 10.76944  7.64813   1.000 84.08698  ? 8  DA A "O5'" 1 
ATOM 426 C "C5'" . DA C 3 7  ? -12.53571 10.20994  7.31115   1.000 67.99367  ? 8  DA A "C5'" 1 
ATOM 427 C "C4'" . DA C 3 7  ? -12.40818 9.24215   6.14562   1.000 62.09207  ? 8  DA A "C4'" 1 
ATOM 428 O "O4'" . DA C 3 7  ? -11.43046 9.75224   5.19845   1.000 61.38987  ? 8  DA A "O4'" 1 
ATOM 429 C "C3'" . DA C 3 7  ? -11.94214 7.82668   6.50485   1.000 60.35880  ? 8  DA A "C3'" 1 
ATOM 430 O "O3'" . DA C 3 7  ? -12.61856 6.87940   5.68263   1.000 60.02623  ? 8  DA A "O3'" 1 
ATOM 431 C "C2'" . DA C 3 7  ? -10.45840 7.87554   6.17181   1.000 58.81237  ? 8  DA A "C2'" 1 
ATOM 432 C "C1'" . DA C 3 7  ? -10.48321 8.74458   4.92624   1.000 59.41595  ? 8  DA A "C1'" 1 
ATOM 433 N N9    . DA C 3 7  ? -9.19780  9.36739   4.61390   1.000 58.76414  ? 8  DA A N9    1 
ATOM 434 C C8    . DA C 3 7  ? -8.58857  10.38345  5.29281   1.000 59.34045  ? 8  DA A C8    1 
ATOM 435 N N7    . DA C 3 7  ? -7.43011  10.74170  4.78655   1.000 65.03625  ? 8  DA A N7    1 
ATOM 436 C C5    . DA C 3 7  ? -7.26501  9.89883   3.69867   1.000 63.94225  ? 8  DA A C5    1 
ATOM 437 C C6    . DA C 3 7  ? -6.23346  9.77078   2.74028   1.000 66.89671  ? 8  DA A C6    1 
ATOM 438 N N6    . DA C 3 7  ? -5.13174  10.52834  2.73855   1.000 75.50705  ? 8  DA A N6    1 
ATOM 439 N N1    . DA C 3 7  ? -6.38003  8.83037   1.78238   1.000 65.44858  ? 8  DA A N1    1 
ATOM 440 C C2    . DA C 3 7  ? -7.48676  8.07409   1.78756   1.000 67.50802  ? 8  DA A C2    1 
ATOM 441 N N3    . DA C 3 7  ? -8.52008  8.10020   2.63525   1.000 71.90097  ? 8  DA A N3    1 
ATOM 442 C C4    . DA C 3 7  ? -8.34843  9.04930   3.57155   1.000 64.13943  ? 8  DA A C4    1 
ATOM 443 P P     . DC C 3 8  ? -12.69427 5.32945   6.10382   1.000 66.59063  ? 9  DC A P     1 
ATOM 444 O OP1   . DC C 3 8  ? -14.10919 5.01918   6.42079   1.000 60.30193  ? 9  DC A OP1   1 
ATOM 445 O OP2   . DC C 3 8  ? -11.62679 5.06122   7.09312   1.000 58.95411  ? 9  DC A OP2   1 
ATOM 446 O "O5'" . DC C 3 8  ? -12.29312 4.55168   4.76742   1.000 57.52703  ? 9  DC A "O5'" 1 
ATOM 447 C "C5'" . DC C 3 8  ? -11.47384 5.18690   3.79667   1.000 57.06166  ? 9  DC A "C5'" 1 
ATOM 448 C "C4'" . DC C 3 8  ? -10.76614 4.15525   2.94666   1.000 55.42493  ? 9  DC A "C4'" 1 
ATOM 449 O "O4'" . DC C 3 8  ? -9.46544  4.66865   2.57010   1.000 54.56380  ? 9  DC A "O4'" 1 
ATOM 450 C "C3'" . DC C 3 8  ? -10.44443 2.86142   3.66508   1.000 54.12251  ? 9  DC A "C3'" 1 
ATOM 451 O "O3'" . DC C 3 8  ? -10.07896 1.88045   2.69245   1.000 57.89855  ? 9  DC A "O3'" 1 
ATOM 452 C "C2'" . DC C 3 8  ? -9.24044  3.30489   4.47572   1.000 53.38848  ? 9  DC A "C2'" 1 
ATOM 453 C "C1'" . DC C 3 8  ? -8.47848  4.08111   3.40713   1.000 53.18156  ? 9  DC A "C1'" 1 
ATOM 454 N N1    . DC C 3 8  ? -7.59187  5.16347   3.92412   1.000 53.34083  ? 9  DC A N1    1 
ATOM 455 C C2    . DC C 3 8  ? -6.38585  5.41216   3.26912   1.000 55.61465  ? 9  DC A C2    1 
ATOM 456 O O2    . DC C 3 8  ? -6.09636  4.72111   2.28568   1.000 56.73067  ? 9  DC A O2    1 
ATOM 457 N N3    . DC C 3 8  ? -5.57985  6.40391   3.72031   1.000 59.48682  ? 9  DC A N3    1 
ATOM 458 C C4    . DC C 3 8  ? -5.94402  7.12282   4.78409   1.000 53.82172  ? 9  DC A C4    1 
ATOM 459 N N4    . DC C 3 8  ? -5.11587  8.09252   5.19568   1.000 54.16173  ? 9  DC A N4    1 
ATOM 460 C C5    . DC C 3 8  ? -7.17378  6.87685   5.47381   1.000 54.72411  ? 9  DC A C5    1 
ATOM 461 C C6    . DC C 3 8  ? -7.96178  5.90066   5.00798   1.000 54.45160  ? 9  DC A C6    1 
ATOM 462 P P     . DT C 3 9  ? -9.88352  0.33325   3.08655   1.000 52.53733  ? 10 DT A P     1 
ATOM 463 O OP1   . DT C 3 9  ? -11.20315 -0.32972  2.98775   1.000 52.56881  ? 10 DT A OP1   1 
ATOM 464 O OP2   . DT C 3 9  ? -9.10667  0.26843   4.34171   1.000 51.02301  ? 10 DT A OP2   1 
ATOM 465 O "O5'" . DT C 3 9  ? -8.95405  -0.24611  1.91490   1.000 50.32850  ? 10 DT A "O5'" 1 
ATOM 466 C "C5'" . DT C 3 9  ? -8.17464  0.64751   1.10952   1.000 50.25628  ? 10 DT A "C5'" 1 
ATOM 467 C "C4'" . DT C 3 9  ? -6.72759  0.19027   1.00901   1.000 48.64694  ? 10 DT A "C4'" 1 
ATOM 468 O "O4'" . DT C 3 9  ? -5.86409  1.17244   1.64666   1.000 48.59968  ? 10 DT A "O4'" 1 
ATOM 469 C "C3'" . DT C 3 9  ? -6.41055  -1.11809  1.72154   1.000 47.43745  ? 10 DT A "C3'" 1 
ATOM 470 O "O3'" . DT C 3 9  ? -5.21145  -1.67484  1.18230   1.000 46.08767  ? 10 DT A "O3'" 1 
ATOM 471 C "C2'" . DT C 3 9  ? -6.14217  -0.59915  3.12787   1.000 47.59848  ? 10 DT A "C2'" 1 
ATOM 472 C "C1'" . DT C 3 9  ? -5.23762  0.56556   2.75956   1.000 47.64114  ? 10 DT A "C1'" 1 
ATOM 473 N N1    . DT C 3 9  ? -5.02680  1.59460   3.82237   1.000 48.30663  ? 10 DT A N1    1 
ATOM 474 C C2    . DT C 3 9  ? -3.88202  2.35171   3.77440   1.000 48.00182  ? 10 DT A C2    1 
ATOM 475 O O2    . DT C 3 9  ? -3.03163  2.21175   2.91107   1.000 47.22188  ? 10 DT A O2    1 
ATOM 476 N N3    . DT C 3 9  ? -3.76133  3.27916   4.77824   1.000 51.34475  ? 10 DT A N3    1 
ATOM 477 C C4    . DT C 3 9  ? -4.65760  3.52256   5.80239   1.000 49.84495  ? 10 DT A C4    1 
ATOM 478 O O4    . DT C 3 9  ? -4.46036  4.38177   6.66012   1.000 50.61282  ? 10 DT A O4    1 
ATOM 479 C C5    . DT C 3 9  ? -5.84116  2.69278   5.79573   1.000 50.13977  ? 10 DT A C5    1 
ATOM 480 C C7    . DT C 3 9  ? -6.87773  2.86118   6.86556   1.000 51.44571  ? 10 DT A C7    1 
ATOM 481 C C6    . DT C 3 9  ? -5.97039  1.77819   4.81500   1.000 49.35251  ? 10 DT A C6    1 
ATOM 482 P P     . DG C 3 10 ? -5.16882  -2.41992  -0.24283  1.000 45.71609  ? 11 DG A P     1 
ATOM 483 O OP1   . DG C 3 10 ? -6.25324  -1.93879  -1.12198  1.000 47.09326  ? 11 DG A OP1   1 
ATOM 484 O OP2   . DG C 3 10 ? -5.07715  -3.86694  0.04647   1.000 44.70840  ? 11 DG A OP2   1 
ATOM 485 O "O5'" . DG C 3 10 ? -3.76027  -1.95944  -0.84590  1.000 45.02691  ? 11 DG A "O5'" 1 
ATOM 486 C "C5'" . DG C 3 10 ? -3.08969  -0.84168  -0.27618  1.000 45.19982  ? 11 DG A "C5'" 1 
ATOM 487 C "C4'" . DG C 3 10 ? -1.63174  -1.15196  0.00538   1.000 43.92610  ? 11 DG A "C4'" 1 
ATOM 488 O "O4'" . DG C 3 10 ? -1.24860  -0.51877  1.25222   1.000 43.98030  ? 11 DG A "O4'" 1 
ATOM 489 C "C3'" . DG C 3 10 ? -1.31812  -2.61067  0.24123   1.000 42.68928  ? 11 DG A "C3'" 1 
ATOM 490 O "O3'" . DG C 3 10 ? 0.07649   -2.77336  0.21311   1.000 41.69694  ? 11 DG A "O3'" 1 
ATOM 491 C "C2'" . DG C 3 10 ? -1.80716  -2.74354  1.66261   1.000 42.81972  ? 11 DG A "C2'" 1 
ATOM 492 C "C1'" . DG C 3 10 ? -1.11983  -1.52222  2.24817   1.000 43.15102  ? 11 DG A "C1'" 1 
ATOM 493 N N9    . DG C 3 10 ? -1.70607  -1.02390  3.47941   1.000 51.35185  ? 11 DG A N9    1 
ATOM 494 C C8    . DG C 3 10 ? -2.89355  -1.41236  4.06504   1.000 65.35036  ? 11 DG A C8    1 
ATOM 495 N N7    . DG C 3 10 ? -3.16140  -0.77085  5.16974   1.000 66.70946  ? 11 DG A N7    1 
ATOM 496 C C5    . DG C 3 10 ? -2.07675  0.09314   5.32464   1.000 50.38426  ? 11 DG A C5    1 
ATOM 497 C C6    . DG C 3 10 ? -1.80760  1.03764   6.34037   1.000 52.72364  ? 11 DG A C6    1 
ATOM 498 O O6    . DG C 3 10 ? -2.48362  1.31192   7.33796   1.000 59.55947  ? 11 DG A O6    1 
ATOM 499 N N1    . DG C 3 10 ? -0.59991  1.69881   6.11147   1.000 45.58822  ? 11 DG A N1    1 
ATOM 500 C C2    . DG C 3 10 ? 0.22939   1.46962   5.04430   1.000 44.68809  ? 11 DG A C2    1 
ATOM 501 N N2    . DG C 3 10 ? 1.34977   2.20165   4.98766   1.000 44.61059  ? 11 DG A N2    1 
ATOM 502 N N3    . DG C 3 10 ? -0.01557  0.58848   4.08908   1.000 44.04406  ? 11 DG A N3    1 
ATOM 503 C C4    . DG C 3 10 ? -1.18883  -0.05630  4.29462   1.000 44.34525  ? 11 DG A C4    1 
ATOM 504 P P     . DT C 3 11 ? 0.82601   -3.15234  -1.14511  1.000 41.25517  ? 12 DT A P     1 
ATOM 505 O OP1   . DT C 3 11 ? 0.30893   -2.27260  -2.20530  1.000 77.99750  ? 12 DT A OP1   1 
ATOM 506 O OP2   . DT C 3 11 ? 0.77735   -4.61892  -1.30124  1.000 40.38288  ? 12 DT A OP2   1 
ATOM 507 O "O5'" . DT C 3 11 ? 2.33256   -2.75851  -0.86249  1.000 40.62976  ? 12 DT A "O5'" 1 
ATOM 508 C "C5'" . DT C 3 11 ? 3.14685   -3.65114  -0.16565  1.000 39.47255  ? 12 DT A "C5'" 1 
ATOM 509 C "C4'" . DT C 3 11 ? 3.74823   -2.98581  1.05213   1.000 39.44461  ? 12 DT A "C4'" 1 
ATOM 510 O "O4'" . DT C 3 11 ? 2.69440   -2.51838  1.92971   1.000 40.22359  ? 12 DT A "O4'" 1 
ATOM 511 C "C3'" . DT C 3 11 ? 4.63498   -3.89985  1.89962   1.000 38.35028  ? 12 DT A "C3'" 1 
ATOM 512 O "O3'" . DT C 3 11 ? 5.92231   -3.35532  2.02615   1.000 38.13802  ? 12 DT A "O3'" 1 
ATOM 513 C "C2'" . DT C 3 11 ? 3.92231   -3.94461  3.24644   1.000 38.65698  ? 12 DT A "C2'" 1 
ATOM 514 C "C1'" . DT C 3 11 ? 3.14159   -2.64532  3.24345   1.000 39.89967  ? 12 DT A "C1'" 1 
ATOM 515 N N1    . DT C 3 11 ? 1.95356   -2.63879  4.17978   1.000 40.62148  ? 12 DT A N1    1 
ATOM 516 C C2    . DT C 3 11 ? 1.88438   -1.68912  5.16432   1.000 41.43018  ? 12 DT A C2    1 
ATOM 517 O O2    . DT C 3 11 ? 2.72922   -0.83809  5.31441   1.000 41.57929  ? 12 DT A O2    1 
ATOM 518 N N3    . DT C 3 11 ? 0.77548   -1.76637  5.97204   1.000 42.20341  ? 12 DT A N3    1 
ATOM 519 C C4    . DT C 3 11 ? -0.25125  -2.68679  5.89938   1.000 42.25903  ? 12 DT A C4    1 
ATOM 520 O O4    . DT C 3 11 ? -1.20878  -2.67011  6.67167   1.000 43.13809  ? 12 DT A O4    1 
ATOM 521 C C5    . DT C 3 11 ? -0.12186  -3.66489  4.84690   1.000 41.75243  ? 12 DT A C5    1 
ATOM 522 C C7    . DT C 3 11 ? -1.18201  -4.71681  4.66365   1.000 41.45012  ? 12 DT A C7    1 
ATOM 523 C C6    . DT C 3 11 ? 0.96674   -3.59726  4.04816   1.000 40.58625  ? 12 DT A C6    1 
ATOM 524 P P     . DG C 3 12 ? 7.03057   -3.64206  0.90506   1.000 37.62613  ? 13 DG A P     1 
ATOM 525 O OP1   . DG C 3 12 ? 8.22674   -2.85690  1.27036   1.000 37.71939  ? 13 DG A OP1   1 
ATOM 526 O OP2   . DG C 3 12 ? 6.38288   -3.49964  -0.41391  1.000 38.20695  ? 13 DG A OP2   1 
ATOM 527 O "O5'" . DG C 3 12 ? 7.40825   -5.17731  1.06618   1.000 36.45386  ? 13 DG A "O5'" 1 
ATOM 528 C "C5'" . DG C 3 12 ? 7.94080   -5.87206  -0.05015  1.000 36.00966  ? 13 DG A "C5'" 1 
ATOM 529 C "C4'" . DG C 3 12 ? 8.78489   -7.05359  0.38913   1.000 34.93047  ? 13 DG A "C4'" 1 
ATOM 530 O "O4'" . DG C 3 12 ? 8.03089   -8.27965  0.23574   1.000 34.52804  ? 13 DG A "O4'" 1 
ATOM 531 C "C3'" . DG C 3 12 ? 10.08229  -7.22374  -0.38907  1.000 34.59507  ? 13 DG A "C3'" 1 
ATOM 532 O "O3'" . DG C 3 12 ? 11.15937  -6.87103  0.44237   1.000 34.35457  ? 13 DG A "O3'" 1 
ATOM 533 C "C2'" . DG C 3 12 ? 10.13727  -8.70760  -0.76215  1.000 33.81603  ? 13 DG A "C2'" 1 
ATOM 534 C "C1'" . DG C 3 12 ? 8.69190   -9.16714  -0.63582  1.000 33.99204  ? 13 DG A "C1'" 1 
ATOM 535 N N9    . DG C 3 12 ? 7.94452   -9.22031  -1.89227  1.000 35.71896  ? 13 DG A N9    1 
ATOM 536 C C8    . DG C 3 12 ? 6.79502   -8.52907  -2.19055  1.000 35.43536  ? 13 DG A C8    1 
ATOM 537 N N7    . DG C 3 12 ? 6.31990   -8.79304  -3.37421  1.000 35.89251  ? 13 DG A N7    1 
ATOM 538 C C5    . DG C 3 12 ? 7.20804   -9.72226  -3.89877  1.000 35.27508  ? 13 DG A C5    1 
ATOM 539 C C6    . DG C 3 12 ? 7.20628   -10.36980 -5.15699  1.000 35.52572  ? 13 DG A C6    1 
ATOM 540 O O6    . DG C 3 12 ? 6.39145   -10.23843 -6.08326  1.000 36.38975  ? 13 DG A O6    1 
ATOM 541 N N1    . DG C 3 12 ? 8.28648   -11.23985 -5.29181  1.000 38.93167  ? 13 DG A N1    1 
ATOM 542 C C2    . DG C 3 12 ? 9.24745   -11.45674 -4.32790  1.000 37.31574  ? 13 DG A C2    1 
ATOM 543 N N2    . DG C 3 12 ? 10.21264  -12.33562 -4.63990  1.000 39.21717  ? 13 DG A N2    1 
ATOM 544 N N3    . DG C 3 12 ? 9.26092   -10.85568 -3.14091  1.000 33.70535  ? 13 DG A N3    1 
ATOM 545 C C4    . DG C 3 12 ? 8.21398   -10.00340 -2.99681  1.000 34.41856  ? 13 DG A C4    1 
ATOM 546 P P     . DG C 3 13 ? 12.38813  -6.04111  -0.15589  1.000 34.75911  ? 14 DG A P     1 
ATOM 547 O OP1   . DG C 3 13 ? 13.26751  -5.69883  0.98492   1.000 34.58970  ? 14 DG A OP1   1 
ATOM 548 O OP2   . DG C 3 13 ? 11.82066  -4.97360  -1.00852  1.000 35.82643  ? 14 DG A OP2   1 
ATOM 549 O "O5'" . DG C 3 13 ? 13.13391  -7.09733  -1.09630  1.000 34.21124  ? 14 DG A "O5'" 1 
ATOM 550 C "C5'" . DG C 3 13 ? 13.86208  -8.16293  -0.50763  1.000 33.26536  ? 14 DG A "C5'" 1 
ATOM 551 C "C4'" . DG C 3 13 ? 14.16030  -9.24881  -1.52167  1.000 32.88925  ? 14 DG A "C4'" 1 
ATOM 552 O "O4'" . DG C 3 13 ? 12.95831  -9.54234  -2.27734  1.000 33.17299  ? 14 DG A "O4'" 1 
ATOM 553 C "C3'" . DG C 3 13 ? 15.23062  -8.89454  -2.55223  1.000 33.37340  ? 14 DG A "C3'" 1 
ATOM 554 O "O3'" . DG C 3 13 ? 16.01227  -10.04635 -2.86667  1.000 39.53471  ? 14 DG A "O3'" 1 
ATOM 555 C "C2'" . DG C 3 13 ? 14.40630  -8.43949  -3.74540  1.000 34.26434  ? 14 DG A "C2'" 1 
ATOM 556 C "C1'" . DG C 3 13 ? 13.21372  -9.37373  -3.65204  1.000 33.79910  ? 14 DG A "C1'" 1 
ATOM 557 N N9    . DG C 3 13 ? 12.02179  -8.83177  -4.27449  1.000 34.60867  ? 14 DG A N9    1 
ATOM 558 C C8    . DG C 3 13 ? 11.21848  -7.83122  -3.78840  1.000 39.62747  ? 14 DG A C8    1 
ATOM 559 N N7    . DG C 3 13 ? 10.21439  -7.54690  -4.56879  1.000 49.03882  ? 14 DG A N7    1 
ATOM 560 C C5    . DG C 3 13 ? 10.36819  -8.40976  -5.64487  1.000 45.35482  ? 14 DG A C5    1 
ATOM 561 C C6    . DG C 3 13 ? 9.58213   -8.55878  -6.80870  1.000 43.68511  ? 14 DG A C6    1 
ATOM 562 O O6    . DG C 3 13 ? 8.55898   -7.93372  -7.12688  1.000 37.57522  ? 14 DG A O6    1 
ATOM 563 N N1    . DG C 3 13 ? 10.09010  -9.55061  -7.64536  1.000 53.10034  ? 14 DG A N1    1 
ATOM 564 C C2    . DG C 3 13 ? 11.21618  -10.30087 -7.38516  1.000 52.72174  ? 14 DG A C2    1 
ATOM 565 N N2    . DG C 3 13 ? 11.55402  -11.21214 -8.30767  1.000 69.76604  ? 14 DG A N2    1 
ATOM 566 N N3    . DG C 3 13 ? 11.96158  -10.16696 -6.29793  1.000 34.97413  ? 14 DG A N3    1 
ATOM 567 C C4    . DG C 3 13 ? 11.47924  -9.20666  -5.47672  1.000 38.25467  ? 14 DG A C4    1 
ATOM 568 P P     . DT C 3 14 ? 17.44247  -9.88450  -3.58805  1.000 76.98150  ? 15 DT A P     1 
ATOM 569 O OP1   . DT C 3 14 ? 18.45839  -10.35924 -2.62695  1.000 36.67380  ? 15 DT A OP1   1 
ATOM 570 O OP2   . DT C 3 14 ? 17.55306  -8.51519  -4.14295  1.000 50.95751  ? 15 DT A OP2   1 
ATOM 571 O "O5'" . DT C 3 14 ? 17.36472  -10.89416 -4.82604  1.000 64.59125  ? 15 DT A "O5'" 1 
ATOM 572 C "C5'" . DT C 3 14 ? 16.17819  -10.94583 -5.60629  1.000 47.17862  ? 15 DT A "C5'" 1 
ATOM 573 C "C4'" . DT C 3 14 ? 16.49106  -11.14028 -7.07739  1.000 41.54097  ? 15 DT A "C4'" 1 
ATOM 574 O "O4'" . DT C 3 14 ? 15.32379  -10.76814 -7.85753  1.000 37.72136  ? 15 DT A "O4'" 1 
ATOM 575 C "C3'" . DT C 3 14 ? 17.63159  -10.27639 -7.61070  1.000 44.98151  ? 15 DT A "C3'" 1 
ATOM 576 O "O3'" . DT C 3 14 ? 18.27396  -10.91959 -8.71222  1.000 44.70357  ? 15 DT A "O3'" 1 
ATOM 577 C "C2'" . DT C 3 14 ? 16.89886  -9.02398  -8.05428  1.000 39.66670  ? 15 DT A "C2'" 1 
ATOM 578 C "C1'" . DT C 3 14 ? 15.61543  -9.61979  -8.62825  1.000 49.91267  ? 15 DT A "C1'" 1 
ATOM 579 N N1    . DT C 3 14 ? 14.46285  -8.68816  -8.56273  1.000 59.14188  ? 15 DT A N1    1 
ATOM 580 C C2    . DT C 3 14 ? 13.50972  -8.70401  -9.56581  1.000 65.92559  ? 15 DT A C2    1 
ATOM 581 O O2    . DT C 3 14 ? 13.54992  -9.46622  -10.51910 1.000 74.92604  ? 15 DT A O2    1 
ATOM 582 N N3    . DT C 3 14 ? 12.49994  -7.78697  -9.40914  1.000 56.47821  ? 15 DT A N3    1 
ATOM 583 C C4    . DT C 3 14 ? 12.35755  -6.87665  -8.37357  1.000 48.67203  ? 15 DT A C4    1 
ATOM 584 O O4    . DT C 3 14 ? 11.41606  -6.09102  -8.31256  1.000 39.02985  ? 15 DT A O4    1 
ATOM 585 C C5    . DT C 3 14 ? 13.39639  -6.91671  -7.36594  1.000 49.25201  ? 15 DT A C5    1 
ATOM 586 C C7    . DT C 3 14 ? 13.35198  -5.98142  -6.19783  1.000 46.02118  ? 15 DT A C7    1 
ATOM 587 C C6    . DT C 3 14 ? 14.38442  -7.80586  -7.51118  1.000 46.93627  ? 15 DT A C6    1 
ATOM 588 P P     . DC D 4 1  ? 1.48134   -13.47137 15.24191  1.000 84.01372  ? 9  DC E P     1 
ATOM 589 O OP1   . DC D 4 1  ? 0.00729   -13.43948 15.26945  1.000 84.15763  ? 9  DC E OP1   1 
ATOM 590 O OP2   . DC D 4 1  ? 2.24542   -14.11171 16.33404  1.000 83.67985  ? 9  DC E OP2   1 
ATOM 591 O "O5'" . DC D 4 1  ? 2.01066   -11.97164 15.09927  1.000 84.21745  ? 9  DC E "O5'" 1 
ATOM 592 C "C5'" . DC D 4 1  ? 2.73873   -11.36848 16.17696  1.000 84.05917  ? 9  DC E "C5'" 1 
ATOM 593 C "C4'" . DC D 4 1  ? 2.05453   -10.10125 16.64091  1.000 84.23800  ? 9  DC E "C4'" 1 
ATOM 594 O "O4'" . DC D 4 1  ? 2.96857   -8.99612  16.54324  1.000 86.35827  ? 9  DC E "O4'" 1 
ATOM 595 C "C3'" . DC D 4 1  ? 0.84465   -9.68690  15.82510  1.000 84.57226  ? 9  DC E "C3'" 1 
ATOM 596 O "O3'" . DC D 4 1  ? -0.04338  -8.96118  16.64922  1.000 84.63431  ? 9  DC E "O3'" 1 
ATOM 597 C "C2'" . DC D 4 1  ? 1.44460   -8.81031  14.71747  1.000 84.86863  ? 9  DC E "C2'" 1 
ATOM 598 C "C1'" . DC D 4 1  ? 2.74636   -8.28534  15.34015  1.000 84.69420  ? 9  DC E "C1'" 1 
ATOM 599 N N1    . DC D 4 1  ? 3.95492   -8.47225  14.47245  1.000 84.69956  ? 9  DC E N1    1 
ATOM 600 C C2    . DC D 4 1  ? 5.11879   -7.73937  14.73952  1.000 84.65305  ? 9  DC E C2    1 
ATOM 601 O O2    . DC D 4 1  ? 5.11571   -6.93917  15.68298  1.000 84.61436  ? 9  DC E O2    1 
ATOM 602 N N3    . DC D 4 1  ? 6.20909   -7.93195  13.95677  1.000 84.65691  ? 9  DC E N3    1 
ATOM 603 C C4    . DC D 4 1  ? 6.15774   -8.80710  12.95014  1.000 84.70443  ? 9  DC E C4    1 
ATOM 604 N N4    . DC D 4 1  ? 7.24702   -8.96685  12.20221  1.000 84.70940  ? 9  DC E N4    1 
ATOM 605 C C5    . DC D 4 1  ? 4.98262   -9.55775  12.66627  1.000 84.75508  ? 9  DC E C5    1 
ATOM 606 C C6    . DC D 4 1  ? 3.91757   -9.36226  13.44537  1.000 84.75053  ? 9  DC E C6    1 
ATOM 607 P P     . DG D 4 2  ? -1.56800  -8.73853  16.20627  1.000 84.93528  ? 10 DG E P     1 
ATOM 608 O OP1   . DG D 4 2  ? -2.46086  -9.41038  17.17629  1.000 84.73042  ? 10 DG E OP1   1 
ATOM 609 O OP2   . DG D 4 2  ? -1.66814  -9.10752  14.77878  1.000 85.18175  ? 10 DG E OP2   1 
ATOM 610 O "O5'" . DG D 4 2  ? -1.73625  -7.16925  16.38505  1.000 85.20098  ? 10 DG E "O5'" 1 
ATOM 611 C "C5'" . DG D 4 2  ? -1.05648  -6.53263  17.44561  1.000 85.01379  ? 10 DG E "C5'" 1 
ATOM 612 C "C4'" . DG D 4 2  ? -0.49800  -5.19418  17.00830  1.000 85.27678  ? 10 DG E "C4'" 1 
ATOM 613 O "O4'" . DG D 4 2  ? 0.54001   -5.38894  16.00728  1.000 85.32237  ? 10 DG E "O4'" 1 
ATOM 614 C "C3'" . DG D 4 2  ? -1.51643  -4.24792  16.37449  1.000 85.72548  ? 10 DG E "C3'" 1 
ATOM 615 O "O3'" . DG D 4 2  ? -1.22020  -2.92290  16.74310  1.000 85.86068  ? 10 DG E "O3'" 1 
ATOM 616 C "C2'" . DG D 4 2  ? -1.27155  -4.45806  14.88982  1.000 85.99385  ? 10 DG E "C2'" 1 
ATOM 617 C "C1'" . DG D 4 2  ? 0.23995   -4.59384  14.88323  1.000 85.75785  ? 10 DG E "C1'" 1 
ATOM 618 N N9    . DG D 4 2  ? 0.77732   -5.24026  13.69298  1.000 85.83242  ? 10 DG E N9    1 
ATOM 619 C C8    . DG D 4 2  ? 0.13772   -6.12899  12.85930  1.000 85.94349  ? 10 DG E C8    1 
ATOM 620 N N7    . DG D 4 2  ? 0.88074   -6.54117  11.86875  1.000 85.99433  ? 10 DG E N7    1 
ATOM 621 C C5    . DG D 4 2  ? 2.08949   -5.88808  12.06547  1.000 85.90658  ? 10 DG E C5    1 
ATOM 622 C C6    . DG D 4 2  ? 3.28293   -5.94194  11.31441  1.000 85.91015  ? 10 DG E C6    1 
ATOM 623 O O6    . DG D 4 2  ? 3.51655   -6.59394  10.29225  1.000 85.99397  ? 10 DG E O6    1 
ATOM 624 N N1    . DG D 4 2  ? 4.26609   -5.12538  11.86071  1.000 85.81063  ? 10 DG E N1    1 
ATOM 625 C C2    . DG D 4 2  ? 4.11497   -4.36023  12.99005  1.000 85.72138  ? 10 DG E C2    1 
ATOM 626 N N2    . DG D 4 2  ? 5.17361   -3.63560  13.36567  1.000 85.64403  ? 10 DG E N2    1 
ATOM 627 N N3    . DG D 4 2  ? 3.00578   -4.30296  13.70410  1.000 85.71485  ? 10 DG E N3    1 
ATOM 628 C C4    . DG D 4 2  ? 2.04018   -5.09069  13.18146  1.000 85.80853  ? 10 DG E C4    1 
ATOM 629 P P     . DG D 4 3  ? -2.14403  -2.14761  17.79919  1.000 85.90160  ? 11 DG E P     1 
ATOM 630 O OP1   . DG D 4 3  ? -2.12667  -2.93604  19.05211  1.000 85.47296  ? 11 DG E OP1   1 
ATOM 631 O OP2   . DG D 4 3  ? -3.43460  -1.83452  17.13905  1.000 86.30760  ? 11 DG E OP2   1 
ATOM 632 O "O5'" . DG D 4 3  ? -1.35044  -0.77979  18.03929  1.000 86.00929  ? 11 DG E "O5'" 1 
ATOM 633 C "C5'" . DG D 4 3  ? 0.01448   -0.82294  18.42726  1.000 85.73331  ? 11 DG E "C5'" 1 
ATOM 634 C "C4'" . DG D 4 3  ? 0.87893   0.10200   17.57876  1.000 85.98614  ? 11 DG E "C4'" 1 
ATOM 635 O "O4'" . DG D 4 3  ? 1.12995   -0.47520  16.27147  1.000 86.13303  ? 11 DG E "O4'" 1 
ATOM 636 C "C3'" . DG D 4 3  ? 0.32212   1.48885   17.30840  1.000 86.40505  ? 11 DG E "C3'" 1 
ATOM 637 O "O3'" . DG D 4 3  ? 1.42394   2.38222   17.24955  1.000 86.44815  ? 11 DG E "O3'" 1 
ATOM 638 C "C2'" . DG D 4 3  ? -0.35086  1.31090   15.93882  1.000 86.80110  ? 11 DG E "C2'" 1 
ATOM 639 C "C1'" . DG D 4 3  ? 0.64893   0.39704   15.25375  1.000 86.62529  ? 11 DG E "C1'" 1 
ATOM 640 N N9    . DG D 4 3  ? 0.10597   -0.45350  14.19938  1.000 86.79216  ? 11 DG E N9    1 
ATOM 641 C C8    . DG D 4 3  ? -1.10897  -1.09041  14.17951  1.000 86.85085  ? 11 DG E C8    1 
ATOM 642 N N7    . DG D 4 3  ? -1.28112  -1.84180  13.12439  1.000 86.99361  ? 11 DG E N7    1 
ATOM 643 C C5    . DG D 4 3  ? -0.09292  -1.71654  12.42050  1.000 87.01576  ? 11 DG E C5    1 
ATOM 644 C C6    . DG D 4 3  ? 0.31687   -2.30097  11.19734  1.000 87.15129  ? 11 DG E C6    1 
ATOM 645 O O6    . DG D 4 3  ? -0.31893  -3.06834  10.46917  1.000 87.28923  ? 11 DG E O6    1 
ATOM 646 N N1    . DG D 4 3  ? 1.59981   -1.90053  10.83337  1.000 87.12882  ? 11 DG E N1    1 
ATOM 647 C C2    . DG D 4 3  ? 2.38862   -1.05060  11.56213  1.000 86.99363  ? 11 DG E C2    1 
ATOM 648 N N2    . DG D 4 3  ? 3.59941   -0.77655  11.05880  1.000 86.99748  ? 11 DG E N2    1 
ATOM 649 N N3    . DG D 4 3  ? 2.02088   -0.50076  12.70921  1.000 92.15398  ? 11 DG E N3    1 
ATOM 650 C C4    . DG D 4 3  ? 0.77619   -0.87518  13.07393  1.000 86.88759  ? 11 DG E C4    1 
ATOM 651 P P     . DA D 4 4  ? 1.22856   3.96770   17.08803  1.000 95.16603  ? 12 DA E P     1 
ATOM 652 O OP1   . DA D 4 4  ? 1.90816   4.61001   18.23474  1.000 86.61403  ? 12 DA E OP1   1 
ATOM 653 O OP2   . DA D 4 4  ? -0.19296  4.28943   16.82694  1.000 102.25732 ? 12 DA E OP2   1 
ATOM 654 O "O5'" . DA D 4 4  ? 2.05625   4.28552   15.76332  1.000 87.12529  ? 12 DA E "O5'" 1 
ATOM 655 C "C5'" . DA D 4 4  ? 2.92090   3.29946   15.20989  1.000 86.91927  ? 12 DA E "C5'" 1 
ATOM 656 C "C4'" . DA D 4 4  ? 3.33950   3.70580   13.81312  1.000 87.30218  ? 12 DA E "C4'" 1 
ATOM 657 O "O4'" . DA D 4 4  ? 2.85011   2.73500   12.84444  1.000 87.41913  ? 12 DA E "O4'" 1 
ATOM 658 C "C3'" . DA D 4 4  ? 2.77797   5.04769   13.35752  1.000 87.82231  ? 12 DA E "C3'" 1 
ATOM 659 O "O3'" . DA D 4 4  ? 3.69551   5.66506   12.47139  1.000 93.96421  ? 12 DA E "O3'" 1 
ATOM 660 C "C2'" . DA D 4 4  ? 1.51210   4.61911   12.62561  1.000 91.52748  ? 12 DA E "C2'" 1 
ATOM 661 C "C1'" . DA D 4 4  ? 2.04144   3.39927   11.89499  1.000 87.97255  ? 12 DA E "C1'" 1 
ATOM 662 N N9    . DA D 4 4  ? 1.01863   2.46964   11.42877  1.000 88.06676  ? 12 DA E N9    1 
ATOM 663 C C8    . DA D 4 4  ? -0.19374  2.21675   12.00125  1.000 88.05622  ? 12 DA E C8    1 
ATOM 664 N N7    . DA D 4 4  ? -0.90226  1.31317   11.36164  1.000 97.62827  ? 12 DA E N7    1 
ATOM 665 C C5    . DA D 4 4  ? -0.09309  0.94367   10.29734  1.000 95.62927  ? 12 DA E C5    1 
ATOM 666 C C6    . DA D 4 4  ? -0.26623  0.02018   9.23492   1.000 90.39869  ? 12 DA E C6    1 
ATOM 667 N N6    . DA D 4 4  ? -1.36320  -0.73460  9.07739   1.000 88.44651  ? 12 DA E N6    1 
ATOM 668 N N1    . DA D 4 4  ? 0.74457   -0.10625  8.34579   1.000 88.42483  ? 12 DA E N1    1 
ATOM 669 C C2    . DA D 4 4  ? 1.83996   0.64689   8.51042   1.000 88.35253  ? 12 DA E C2    1 
ATOM 670 N N3    . DA D 4 4  ? 2.11219   1.54488   9.45867   1.000 88.23237  ? 12 DA E N3    1 
ATOM 671 C C4    . DA D 4 4  ? 1.09618   1.64657   10.32760  1.000 88.18111  ? 12 DA E C4    1 
ATOM 672 P P     . DC D 4 5  ? 4.18018   7.17773   12.70981  1.000 88.27272  ? 13 DC E P     1 
ATOM 673 O OP1   . DC D 4 5  ? 5.09913   7.16725   13.87238  1.000 87.79612  ? 13 DC E OP1   1 
ATOM 674 O OP2   . DC D 4 5  ? 2.97102   8.03788   12.70545  1.000 88.69748  ? 13 DC E OP2   1 
ATOM 675 O "O5'" . DC D 4 5  ? 5.01094   7.51423   11.38023  1.000 88.59645  ? 13 DC E "O5'" 1 
ATOM 676 C "C5'" . DC D 4 5  ? 5.60181   6.45356   10.62554  1.000 88.45579  ? 13 DC E "C5'" 1 
ATOM 677 C "C4'" . DC D 4 5  ? 5.09535   6.44469   9.19020   1.000 88.97722  ? 13 DC E "C4'" 1 
ATOM 678 O "O4'" . DC D 4 5  ? 4.01945   5.47421   9.03168   1.000 88.98212  ? 13 DC E "O4'" 1 
ATOM 679 C "C3'" . DC D 4 5  ? 4.53263   7.77417   8.68426   1.000 89.58733  ? 13 DC E "C3'" 1 
ATOM 680 O "O3'" . DC D 4 5  ? 4.95967   7.96687   7.35267   1.000 89.99354  ? 13 DC E "O3'" 1 
ATOM 681 C "C2'" . DC D 4 5  ? 3.02423   7.53244   8.73970   1.000 89.80609  ? 13 DC E "C2'" 1 
ATOM 682 C "C1'" . DC D 4 5  ? 2.98363   6.08545   8.30107   1.000 89.57594  ? 13 DC E "C1'" 1 
ATOM 683 N N1    . DC D 4 5  ? 1.69061   5.37897   8.57446   1.000 89.56081  ? 13 DC E N1    1 
ATOM 684 C C2    . DC D 4 5  ? 1.33464   4.28709   7.78430   1.000 89.60883  ? 13 DC E C2    1 
ATOM 685 O O2    . DC D 4 5  ? 2.10400   3.93101   6.88896   1.000 89.65719  ? 13 DC E O2    1 
ATOM 686 N N3    . DC D 4 5  ? 0.16420   3.64574   8.02860   1.000 89.59998  ? 13 DC E N3    1 
ATOM 687 C C4    . DC D 4 5  ? -0.63258  4.06638   9.00983   1.000 89.54824  ? 13 DC E C4    1 
ATOM 688 N N4    . DC D 4 5  ? -1.77666  3.40684   9.21864   1.000 89.54408  ? 13 DC E N4    1 
ATOM 689 C C5    . DC D 4 5  ? -0.29168  5.18504   9.82149   1.000 89.50309  ? 13 DC E C5    1 
ATOM 690 C C6    . DC D 4 5  ? 0.86632   5.81019   9.56782   1.000 89.51432  ? 13 DC E C6    1 
ATOM 691 P P     . DA D 4 6  ? 5.66550   9.33129   6.87995   1.000 90.38008  ? 14 DA E P     1 
ATOM 692 O OP1   . DA D 4 6  ? 7.02604   9.40215   7.45582   1.000 89.93176  ? 14 DA E OP1   1 
ATOM 693 O OP2   . DA D 4 6  ? 4.72240   10.44673  7.11009   1.000 90.80829  ? 14 DA E OP2   1 
ATOM 694 O "O5'" . DA D 4 6  ? 5.81701   9.09734   5.30857   1.000 90.83267  ? 14 DA E "O5'" 1 
ATOM 695 C "C5'" . DA D 4 6  ? 6.31501   7.84152   4.84354   1.000 90.54210  ? 14 DA E "C5'" 1 
ATOM 696 C "C4'" . DA D 4 6  ? 5.41650   7.23368   3.77223   1.000 90.94799  ? 14 DA E "C4'" 1 
ATOM 697 O "O4'" . DA D 4 6  ? 4.19454   6.70594   4.35757   1.000 90.85504  ? 14 DA E "O4'" 1 
ATOM 698 C "C3'" . DA D 4 6  ? 4.97232   8.18692   2.66961   1.000 91.73304  ? 14 DA E "C3'" 1 
ATOM 699 O "O3'" . DA D 4 6  ? 5.07660   7.52956   1.43124   1.000 91.99240  ? 14 DA E "O3'" 1 
ATOM 700 C "C2'" . DA D 4 6  ? 3.51197   8.46968   3.02437   1.000 92.02321  ? 14 DA E "C2'" 1 
ATOM 701 C "C1'" . DA D 4 6  ? 3.09681   7.12203   3.57646   1.000 91.51230  ? 14 DA E "C1'" 1 
ATOM 702 N N9    . DA D 4 6  ? 1.91315   7.15859   4.43109   1.000 91.47562  ? 14 DA E N9    1 
ATOM 703 C C8    . DA D 4 6  ? 1.66266   8.02600   5.45789   1.000 91.40007  ? 14 DA E C8    1 
ATOM 704 N N7    . DA D 4 6  ? 0.51904   7.81059   6.06748   1.000 91.37626  ? 14 DA E N7    1 
ATOM 705 C C5    . DA D 4 6  ? -0.01593  6.72207   5.39661   1.000 91.43804  ? 14 DA E C5    1 
ATOM 706 C C6    . DA D 4 6  ? -1.21786  5.99875   5.55875   1.000 91.45274  ? 14 DA E C6    1 
ATOM 707 N N6    . DA D 4 6  ? -2.13341  6.28461   6.49165   1.000 91.40260  ? 14 DA E N6    1 
ATOM 708 N N1    . DA D 4 6  ? -1.44208  4.96620   4.72077   1.000 91.52567  ? 14 DA E N1    1 
ATOM 709 C C2    . DA D 4 6  ? -0.52559  4.68191   3.78703   1.000 91.57991  ? 14 DA E C2    1 
ATOM 710 N N3    . DA D 4 6  ? 0.63567   5.28526   3.53834   1.000 91.57232  ? 14 DA E N3    1 
ATOM 711 C C4    . DA D 4 6  ? 0.83213   6.30626   4.38552   1.000 91.49930  ? 14 DA E C4    1 
ATOM 712 P P     . DG D 4 7  ? 5.50810   8.34669   0.12342   1.000 92.65277  ? 15 DG E P     1 
ATOM 713 O OP1   . DG D 4 7  ? 6.93031   8.04604   -0.14361  1.000 92.32633  ? 15 DG E OP1   1 
ATOM 714 O OP2   . DG D 4 7  ? 5.07223   9.74856   0.30802   1.000 93.11715  ? 15 DG E OP2   1 
ATOM 715 O "O5'" . DG D 4 7  ? 4.61772   7.69473   -1.02829  1.000 93.14614  ? 15 DG E "O5'" 1 
ATOM 716 C "C5'" . DG D 4 7  ? 4.54356   6.28394   -1.14127  1.000 92.77658  ? 15 DG E "C5'" 1 
ATOM 717 C "C4'" . DG D 4 7  ? 3.12060   5.83444   -1.42611  1.000 93.11774  ? 15 DG E "C4'" 1 
ATOM 718 O "O4'" . DG D 4 7  ? 2.28380   6.07165   -0.26708  1.000 92.92240  ? 15 DG E "O4'" 1 
ATOM 719 C "C3'" . DG D 4 7  ? 2.43087   6.53802   -2.60078  1.000 94.02729  ? 15 DG E "C3'" 1 
ATOM 720 O "O3'" . DG D 4 7  ? 1.94503   5.56210   -3.51541  1.000 94.24982  ? 15 DG E "O3'" 1 
ATOM 721 C "C2'" . DG D 4 7  ? 1.28715   7.32288   -1.94070  1.000 94.30394  ? 15 DG E "C2'" 1 
ATOM 722 C "C1'" . DG D 4 7  ? 1.01441   6.48230   -0.70791  1.000 93.57002  ? 15 DG E "C1'" 1 
ATOM 723 N N9    . DG D 4 7  ? 0.34270   7.19467   0.38607   1.000 93.50814  ? 15 DG E N9    1 
ATOM 724 C C8    . DG D 4 7  ? 0.80124   8.29589   1.06873   1.000 93.44546  ? 15 DG E C8    1 
ATOM 725 N N7    . DG D 4 7  ? -0.01196  8.70394   2.00874   1.000 93.39436  ? 15 DG E N7    1 
ATOM 726 C C5    . DG D 4 7  ? -1.07584  7.81092   1.95290   1.000 93.41894  ? 15 DG E C5    1 
ATOM 727 C C6    . DG D 4 7  ? -2.26377  7.74814   2.72953   1.000 93.39109  ? 15 DG E C6    1 
ATOM 728 O O6    . DG D 4 7  ? -2.62340  8.49562   3.65391   1.000 93.33642  ? 15 DG E O6    1 
ATOM 729 N N1    . DG D 4 7  ? -3.07518  6.68650   2.33810   1.000 93.44064  ? 15 DG E N1    1 
ATOM 730 C C2    . DG D 4 7  ? -2.77646  5.80154   1.32839   1.000 93.50885  ? 15 DG E C2    1 
ATOM 731 N N2    . DG D 4 7  ? -3.67500  4.83974   1.09225   1.000 93.55275  ? 15 DG E N2    1 
ATOM 732 N N3    . DG D 4 7  ? -1.67283  5.84958   0.59836   1.000 93.53519  ? 15 DG E N3    1 
ATOM 733 C C4    . DG D 4 7  ? -0.87053  6.87473   0.96237   1.000 93.48717  ? 15 DG E C4    1 
ATOM 734 P P     . DT D 4 8  ? 1.04729   5.99198   -4.77512  1.000 95.21978  ? 16 DT E P     1 
ATOM 735 O OP1   . DT D 4 8  ? 1.23678   4.95728   -5.81424  1.000 95.30311  ? 16 DT E OP1   1 
ATOM 736 O OP2   . DT D 4 8  ? 1.32448   7.41368   -5.08794  1.000 95.76657  ? 16 DT E OP2   1 
ATOM 737 O "O5'" . DT D 4 8  ? -0.44635  5.85981   -4.23345  1.000 95.36013  ? 16 DT E "O5'" 1 
ATOM 738 C "C5'" . DT D 4 8  ? -0.85024  4.66719   -3.59698  1.000 94.78460  ? 16 DT E "C5'" 1 
ATOM 739 C "C4'" . DT D 4 8  ? -2.32572  4.41033   -3.82121  1.000 95.23708  ? 16 DT E "C4'" 1 
ATOM 740 O "O4'" . DT D 4 8  ? -3.09311  4.94139   -2.71049  1.000 95.12585  ? 16 DT E "O4'" 1 
ATOM 741 C "C3'" . DT D 4 8  ? -2.90228  5.04745   -5.07179  1.000 96.22891  ? 16 DT E "C3'" 1 
ATOM 742 O "O3'" . DT D 4 8  ? -3.91741  4.21529   -5.60773  1.000 96.52205  ? 16 DT E "O3'" 1 
ATOM 743 C "C2'" . DT D 4 8  ? -3.46038  6.37390   -4.55453  1.000 96.61517  ? 16 DT E "C2'" 1 
ATOM 744 C "C1'" . DT D 4 8  ? -3.90354  6.01885   -3.13816  1.000 95.94182  ? 16 DT E "C1'" 1 
ATOM 745 N N1    . DT D 4 8  ? -3.73268  7.13556   -2.16028  1.000 95.80775  ? 16 DT E N1    1 
ATOM 746 C C2    . DT D 4 8  ? -4.70683  7.36144   -1.21351  1.000 95.73662  ? 16 DT E C2    1 
ATOM 747 O O2    . DT D 4 8  ? -5.72282  6.69824   -1.12950  1.000 95.78265  ? 16 DT E O2    1 
ATOM 748 N N3    . DT D 4 8  ? -4.44773  8.40215   -0.36213  1.000 95.61478  ? 16 DT E N3    1 
ATOM 749 C C4    . DT D 4 8  ? -3.33306  9.22146   -0.36248  1.000 95.55825  ? 16 DT E C4    1 
ATOM 750 O O4    . DT D 4 8  ? -3.18920  10.13407  0.44329   1.000 95.45440  ? 16 DT E O4    1 
ATOM 751 C C5    . DT D 4 8  ? -2.34983  8.92881   -1.37572  1.000 95.63456  ? 16 DT E C5    1 
ATOM 752 C C7    . DT D 4 8  ? -1.10240  9.75573   -1.47101  1.000 95.58979  ? 16 DT E C7    1 
ATOM 753 C C6    . DT D 4 8  ? -2.59250  7.91043   -2.21450  1.000 95.75214  ? 16 DT E C6    1 
ATOM 754 P P     . DC D 4 9  ? -4.70411  4.64832   -6.93764  1.000 97.60313  ? 17 DC E P     1 
ATOM 755 O OP1   . DC D 4 9  ? -4.93191  3.42834   -7.74608  1.000 97.65564  ? 17 DC E OP1   1 
ATOM 756 O OP2   . DC D 4 9  ? -3.99413  5.80499   -7.53189  1.000 98.09385  ? 17 DC E OP2   1 
ATOM 757 O "O5'" . DC D 4 9  ? -6.11101  5.17033   -6.38694  1.000 97.98178  ? 17 DC E "O5'" 1 
ATOM 758 C "C5'" . DC D 4 9  ? -6.94022  4.30795   -5.62182  1.000 97.55355  ? 17 DC E "C5'" 1 
ATOM 759 C "C4'" . DC D 4 9  ? -8.08055  5.08298   -4.99313  1.000 97.89970  ? 17 DC E "C4'" 1 
ATOM 760 O "O4'" . DC D 4 9  ? -7.55706  6.01676   -4.00928  1.000 97.55591  ? 17 DC E "O4'" 1 
ATOM 761 C "C3'" . DC D 4 9  ? -8.90278  5.92597   -5.96839  1.000 99.01637  ? 17 DC E "C3'" 1 
ATOM 762 O "O3'" . DC D 4 9  ? -10.25957 5.84440   -5.61568  1.000 99.28550  ? 17 DC E "O3'" 1 
ATOM 763 C "C2'" . DC D 4 9  ? -8.36251  7.32913   -5.73146  1.000 99.22729  ? 17 DC E "C2'" 1 
ATOM 764 C "C1'" . DC D 4 9  ? -8.12887  7.28173   -4.23802  1.000 98.33534  ? 17 DC E "C1'" 1 
ATOM 765 N N1    . DC D 4 9  ? -7.19930  8.33547   -3.75781  1.000 98.15623  ? 17 DC E N1    1 
ATOM 766 C C2    . DC D 4 9  ? -7.53278  9.10364   -2.63234  1.000 97.97551  ? 17 DC E C2    1 
ATOM 767 O O2    . DC D 4 9  ? -8.59873  8.88282   -2.04173  1.000 97.95609  ? 17 DC E O2    1 
ATOM 768 N N3    . DC D 4 9  ? -6.67164  10.07307  -2.22277  1.000 97.83277  ? 17 DC E N3    1 
ATOM 769 C C4    . DC D 4 9  ? -5.53402  10.27947  -2.89087  1.000 97.86635  ? 17 DC E C4    1 
ATOM 770 N N4    . DC D 4 9  ? -4.71144  11.24195  -2.45594  1.000 97.72696  ? 17 DC E N4    1 
ATOM 771 C C5    . DC D 4 9  ? -5.18674  9.50998   -4.03822  1.000 98.05175  ? 17 DC E C5    1 
ATOM 772 C C6    . DC D 4 9  ? -6.04206  8.56466   -4.43462  1.000 98.19576  ? 17 DC E C6    1 
ATOM 773 P P     . DA D 4 10 ? -11.40513 6.44301   -6.57047  1.000 100.46914 ? 18 DA E P     1 
ATOM 774 O OP1   . DA D 4 10 ? -11.56882 5.51874   -7.71317  1.000 100.81264 ? 18 DA E OP1   1 
ATOM 775 O OP2   . DA D 4 10 ? -11.15052 7.87655   -6.83143  1.000 101.08564 ? 18 DA E OP2   1 
ATOM 776 O "O5'" . DA D 4 10 ? -12.68830 6.36890   -5.63140  1.000 100.40383 ? 18 DA E "O5'" 1 
ATOM 777 C "C5'" . DA D 4 10 ? -12.50100 6.18708   -4.22365  1.000 99.48642  ? 18 DA E "C5'" 1 
ATOM 778 C "C4'" . DA D 4 10 ? -13.30701 7.19743   -3.43579  1.000 99.74851  ? 18 DA E "C4'" 1 
ATOM 779 O "O4'" . DA D 4 10 ? -12.42478 8.17997   -2.83119  1.000 99.47086  ? 18 DA E "O4'" 1 
ATOM 780 C "C3'" . DA D 4 10 ? -14.30321 7.98500   -4.26209  1.000 100.89917 ? 18 DA E "C3'" 1 
ATOM 781 O "O3'" . DA D 4 10 ? -15.42806 8.26833   -3.48203  1.000 101.01447 ? 18 DA E "O3'" 1 
ATOM 782 C "C2'" . DA D 4 10 ? -13.52876 9.25020   -4.62117  1.000 101.30611 ? 18 DA E "C2'" 1 
ATOM 783 C "C1'" . DA D 4 10 ? -12.67782 9.46678   -3.37273  1.000 104.14051 ? 18 DA E "C1'" 1 
ATOM 784 N N9    . DA D 4 10 ? -11.38640 10.10414  -3.63955  1.000 118.71046 ? 18 DA E N9    1 
ATOM 785 C C8    . DA D 4 10 ? -10.50116 9.77302   -4.62662  1.000 111.33889 ? 18 DA E C8    1 
ATOM 786 N N7    . DA D 4 10 ? -9.40877  10.49848  -4.62947  1.000 108.11290 ? 18 DA E N7    1 
ATOM 787 C C5    . DA D 4 10 ? -9.57975  11.36719  -3.56415  1.000 100.24462 ? 18 DA E C5    1 
ATOM 788 C C6    . DA D 4 10 ? -8.76373  12.38940  -3.03448  1.000 99.87010  ? 18 DA E C6    1 
ATOM 789 N N6    . DA D 4 10 ? -7.57295  12.71200  -3.54733  1.000 99.84095  ? 18 DA E N6    1 
ATOM 790 N N1    . DA D 4 10 ? -9.22471  13.07490  -1.96812  1.000 99.73218  ? 18 DA E N1    1 
ATOM 791 C C2    . DA D 4 10 ? -10.42245 12.74872  -1.46017  1.000 99.76943  ? 18 DA E C2    1 
ATOM 792 N N3    . DA D 4 10 ? -11.27942 11.80306  -1.86787  1.000 99.93480  ? 18 DA E N3    1 
ATOM 793 C C4    . DA D 4 10 ? -10.79051 11.14144  -2.93484  1.000 104.59488 ? 18 DA E C4    1 
ATOM 794 P P     . DG D 4 11 ? -16.81746 8.63936   -4.18717  1.000 102.12914 ? 19 DG E P     1 
ATOM 795 O OP1   . DG D 4 11 ? -17.84485 7.69337   -3.69726  1.000 101.87889 ? 19 DG E OP1   1 
ATOM 796 O OP2   . DG D 4 11 ? -16.57702 8.74653   -5.64490  1.000 102.93110 ? 19 DG E OP2   1 
ATOM 797 O "O5'" . DG D 4 11 ? -17.12288 10.08999  -3.60724  1.000 102.51682 ? 19 DG E "O5'" 1 
ATOM 798 C "C5'" . DG D 4 11 ? -16.64496 10.43931  -2.32091  1.000 101.72093 ? 19 DG E "C5'" 1 
ATOM 799 C "C4'" . DG D 4 11 ? -16.27899 11.90409  -2.28368  1.000 102.15413 ? 19 DG E "C4'" 1 
ATOM 800 O "O4'" . DG D 4 11 ? -14.87234 12.07021  -2.59007  1.000 101.82968 ? 19 DG E "O4'" 1 
ATOM 801 C "C3'" . DG D 4 11 ? -17.03671 12.76292  -3.29964  1.000 103.42421 ? 19 DG E "C3'" 1 
ATOM 802 O "O3'" . DG D 4 11 ? -17.77902 13.76242  -2.63153  1.000 113.75929 ? 19 DG E "O3'" 1 
ATOM 803 C "C2'" . DG D 4 11 ? -15.93772 13.36650  -4.18307  1.000 105.60233 ? 19 DG E "C2'" 1 
ATOM 804 C "C1'" . DG D 4 11 ? -14.72301 13.28272  -3.27578  1.000 102.66761 ? 19 DG E "C1'" 1 
ATOM 805 N N9    . DG D 4 11 ? -13.45069 13.28793  -4.00399  1.000 102.57614 ? 19 DG E N9    1 
ATOM 806 C C8    . DG D 4 11 ? -13.08319 12.46506  -5.04285  1.000 102.68974 ? 19 DG E C8    1 
ATOM 807 N N7    . DG D 4 11 ? -11.89038 12.71659  -5.50965  1.000 102.58638 ? 19 DG E N7    1 
ATOM 808 C C5    . DG D 4 11 ? -11.44293 13.78732  -4.74422  1.000 102.40823 ? 19 DG E C5    1 
ATOM 809 C C6    . DG D 4 11 ? -10.22143 14.50045  -4.79400  1.000 102.25019 ? 19 DG E C6    1 
ATOM 810 O O6    . DG D 4 11 ? -9.25480  14.31472  -5.55071  1.000 102.23047 ? 19 DG E O6    1 
ATOM 811 N N1    . DG D 4 11 ? -10.17230 15.51541  -3.83460  1.000 105.66835 ? 19 DG E N1    1 
ATOM 812 C C2    . DG D 4 11 ? -11.18668 15.80398  -2.94679  1.000 102.11178 ? 19 DG E C2    1 
ATOM 813 N N2    . DG D 4 11 ? -10.96782 16.82053  -2.09899  1.000 101.96604 ? 19 DG E N2    1 
ATOM 814 N N3    . DG D 4 11 ? -12.33616 15.14545  -2.89395  1.000 102.26229 ? 19 DG E N3    1 
ATOM 815 C C4    . DG D 4 11 ? -12.39793 14.15281  -3.81433  1.000 102.40341 ? 19 DG E C4    1 
ATOM 816 P P     . DC D 4 12 ? -19.22671 14.17947  -3.18457  1.000 104.91685 ? 20 DC E P     1 
ATOM 817 O OP1   . DC D 4 12 ? -20.22900 13.68161  -2.21283  1.000 110.50156 ? 20 DC E OP1   1 
ATOM 818 O OP2   . DC D 4 12 ? -19.27996 13.72081  -4.59446  1.000 105.61023 ? 20 DC E OP2   1 
ATOM 819 O "O5'" . DC D 4 12 ? -19.19580 15.78326  -3.16354  1.000 105.60136 ? 20 DC E "O5'" 1 
ATOM 820 C "C5'" . DC D 4 12 ? -18.15220 16.47226  -3.84530  1.000 105.86492 ? 20 DC E "C5'" 1 
ATOM 821 C "C4'" . DC D 4 12 ? -17.40709 17.41786  -2.91837  1.000 105.38217 ? 20 DC E "C4'" 1 
ATOM 822 O "O4'" . DC D 4 12 ? -15.99867 17.05870  -2.90905  1.000 104.60353 ? 20 DC E "O4'" 1 
ATOM 823 C "C3'" . DC D 4 12 ? -17.45957 18.88090  -3.34587  1.000 106.32929 ? 20 DC E "C3'" 1 
ATOM 824 O "O3'" . DC D 4 12 ? -17.41376 19.76984  -2.20702  1.000 106.00305 ? 20 DC E "O3'" 1 
ATOM 825 C "C2'" . DC D 4 12 ? -16.22715 19.01434  -4.23295  1.000 107.67424 ? 20 DC E "C2'" 1 
ATOM 826 C "C1'" . DC D 4 12 ? -15.23770 18.04222  -3.58856  1.000 105.12139 ? 20 DC E "C1'" 1 
ATOM 827 N N1    . DC D 4 12 ? -14.35802 17.37706  -4.60069  1.000 105.06600 ? 20 DC E N1    1 
ATOM 828 C C2    . DC D 4 12 ? -13.04854 17.83844  -4.79146  1.000 104.82590 ? 20 DC E C2    1 
ATOM 829 O O2    . DC D 4 12 ? -12.62827 18.76527  -4.08475  1.000 104.62731 ? 20 DC E O2    1 
ATOM 830 N N3    . DC D 4 12 ? -12.27098 17.24137  -5.73627  1.000 104.80948 ? 20 DC E N3    1 
ATOM 831 C C4    . DC D 4 12 ? -12.76430 16.24417  -6.47326  1.000 105.03202 ? 20 DC E C4    1 
ATOM 832 N N4    . DC D 4 12 ? -11.96664 15.68329  -7.38949  1.000 105.00991 ? 20 DC E N4    1 
ATOM 833 C C5    . DC D 4 12 ? -14.09812 15.77344  -6.30106  1.000 105.29146 ? 20 DC E C5    1 
ATOM 834 C C6    . DC D 4 12 ? -14.85444 16.36866  -5.37078  1.000 105.30795 ? 20 DC E C6    1 
ATOM 835 P P     . DA D 4 13 ? -18.10762 21.22526  -2.28976  1.000 107.03507 ? 21 DA E P     1 
ATOM 836 O OP1   . DA D 4 13 ? -18.98164 21.39963  -1.10641  1.000 106.77229 ? 21 DA E OP1   1 
ATOM 837 O OP2   . DA D 4 13 ? -18.67037 21.37052  -3.65106  1.000 108.23469 ? 21 DA E OP2   1 
ATOM 838 O "O5'" . DA D 4 13 ? -16.88709 22.25922  -2.15458  1.000 106.87170 ? 21 DA E "O5'" 1 
ATOM 839 C "C5'" . DA D 4 13 ? -15.59379 21.93302  -2.69259  1.000 106.47707 ? 21 DA E "C5'" 1 
ATOM 840 C "C4'" . DA D 4 13 ? -15.17631 22.90313  -3.79402  1.000 107.42968 ? 21 DA E "C4'" 1 
ATOM 841 O "O4'" . DA D 4 13 ? -13.98155 22.41542  -4.45485  1.000 107.08462 ? 21 DA E "O4'" 1 
ATOM 842 C "C3'" . DA D 4 13 ? -16.17356 23.07525  -4.91827  1.000 108.69295 ? 21 DA E "C3'" 1 
ATOM 843 O "O3'" . DA D 4 13 ? -17.14052 24.03292  -4.55469  1.000 109.36927 ? 21 DA E "O3'" 1 
ATOM 844 C "C2'" . DA D 4 13 ? -15.28862 23.59117  -6.04846  1.000 109.26524 ? 21 DA E "C2'" 1 
ATOM 845 C "C1'" . DA D 4 13 ? -13.96740 22.85997  -5.80308  1.000 108.14623 ? 21 DA E "C1'" 1 
ATOM 846 N N9    . DA D 4 13 ? -13.78907 21.70723  -6.67802  1.000 108.09018 ? 21 DA E N9    1 
ATOM 847 C C8    . DA D 4 13 ? -14.66886 20.67767  -6.86190  1.000 108.13018 ? 21 DA E C8    1 
ATOM 848 N N7    . DA D 4 13 ? -14.25892 19.77449  -7.71827  1.000 108.07737 ? 21 DA E N7    1 
ATOM 849 C C5    . DA D 4 13 ? -13.02209 20.24391  -8.13069  1.000 108.00067 ? 21 DA E C5    1 
ATOM 850 C C6    . DA D 4 13 ? -12.07004 19.73539  -9.03858  1.000 107.92417 ? 21 DA E C6    1 
ATOM 851 N N6    . DA D 4 13 ? -12.23608 18.59350  -9.71280  1.000 107.90905 ? 21 DA E N6    1 
ATOM 852 N N1    . DA D 4 13 ? -10.93946 20.44661  -9.22573  1.000 107.86845 ? 21 DA E N1    1 
ATOM 853 C C2    . DA D 4 13 ? -10.77564 21.59158  -8.54973  1.000 107.88903 ? 21 DA E C2    1 
ATOM 854 N N3    . DA D 4 13 ? -11.59830 22.17109  -7.66974  1.000 107.95787 ? 21 DA E N3    1 
ATOM 855 C C4    . DA D 4 13 ? -12.71413 21.43639  -7.50382  1.000 108.01031 ? 21 DA E C4    1 
# 
loop_
_atom_site_anisotrop.id 
_atom_site_anisotrop.type_symbol 
_atom_site_anisotrop.pdbx_label_atom_id 
_atom_site_anisotrop.pdbx_label_alt_id 
_atom_site_anisotrop.pdbx_label_comp_id 
_atom_site_anisotrop.pdbx_label_asym_id 
_atom_site_anisotrop.pdbx_label_seq_id 
_atom_site_anisotrop.pdbx_PDB_ins_code 
_atom_site_anisotrop.U[1][1] 
_atom_site_anisotrop.U[2][2] 
_atom_site_anisotrop.U[3][3] 
_atom_site_anisotrop.U[1][2] 
_atom_site_anisotrop.U[1][3] 
_atom_site_anisotrop.U[2][3] 
_atom_site_anisotrop.pdbx_auth_seq_id 
_atom_site_anisotrop.pdbx_auth_comp_id 
_atom_site_anisotrop.pdbx_auth_asym_id 
_atom_site_anisotrop.pdbx_auth_atom_id 
1   O "O5'" . DG A 1  ? 0.90680 0.77244 1.38153 -0.41777 0.18352  0.15554  1  DG B "O5'" 
2   C "C5'" . DG A 1  ? 0.90674 0.79105 1.38914 -0.42480 0.18258  0.16232  1  DG B "C5'" 
3   C "C4'" . DG A 1  ? 0.88526 0.79234 1.38076 -0.42256 0.16449  0.17007  1  DG B "C4'" 
4   O "O4'" . DG A 1  ? 0.91232 0.82391 1.42147 -0.42271 0.15120  0.17213  1  DG B "O4'" 
5   C "C3'" . DG A 1  ? 0.86869 0.77874 1.35752 -0.41567 0.15390  0.17195  1  DG B "C3'" 
6   O "O3'" . DG A 1  ? 0.88150 0.80760 1.36423 -0.42002 0.15108  0.17531  1  DG B "O3'" 
7   C "C2'" . DG A 1  ? 0.85768 0.76880 1.35257 -0.41214 0.13290  0.17560  1  DG B "C2'" 
8   C "C1'" . DG A 1  ? 0.86330 0.78332 1.36832 -0.41944 0.13094  0.17705  1  DG B "C1'" 
9   N N9    . DG A 1  ? 0.86271 0.77977 1.37188 -0.42017 0.11517  0.17932  1  DG B N9    
10  C C8    . DG A 1  ? 0.86777 0.76855 1.37922 -0.41609 0.11079  0.17907  1  DG B C8    
11  N N7    . DG A 1  ? 0.86942 0.77110 1.37804 -0.42116 0.09299  0.18257  1  DG B N7    
12  C C5    . DG A 1  ? 0.86440 0.78353 1.37076 -0.42764 0.08990  0.18265  1  DG B C5    
13  C C6    . DG A 1  ? 0.86503 0.79170 1.36725 -0.43486 0.07854  0.18268  1  DG B C6    
14  O O6    . DG A 1  ? 0.87131 0.79011 1.36891 -0.43823 0.06700  0.18261  1  DG B O6    
15  N N1    . DG A 1  ? 0.85921 0.80351 1.36191 -0.43862 0.08359  0.18197  1  DG B N1    
16  C C2    . DG A 1  ? 0.85512 0.80749 1.35886 -0.43706 0.09565  0.18195  1  DG B C2    
17  N N2    . DG A 1  ? 0.85175 0.81981 1.35383 -0.44177 0.09910  0.18184  1  DG B N2    
18  N N3    . DG A 1  ? 0.85586 0.80086 1.36089 -0.43178 0.10502  0.18169  1  DG B N3    
19  C C4    . DG A 1  ? 0.85990 0.78870 1.36737 -0.42671 0.10273  0.18152  1  DG B C4    
20  P P     . DA A 2  ? 0.91905 0.84660 1.38798 -0.41707 0.14968  0.17462  2  DA B P     
21  O OP1   . DA A 2  ? 0.86280 0.77777 1.32349 -0.41523 0.16405  0.17155  2  DA B OP1   
22  O OP2   . DA A 2  ? 0.83870 0.76709 1.30469 -0.41259 0.13266  0.17491  2  DA B OP2   
23  O "O5'" . DA A 2  ? 0.85489 0.79734 1.31644 -0.42581 0.15293  0.17673  2  DA B "O5'" 
24  C "C5'" . DA A 2  ? 0.84538 0.79484 1.29624 -0.42716 0.14595  0.17541  2  DA B "C5'" 
25  C "C4'" . DA A 2  ? 0.84330 0.80252 1.29588 -0.43199 0.14055  0.17558  2  DA B "C4'" 
26  O "O4'" . DA A 2  ? 0.84273 0.79944 1.30789 -0.42967 0.13310  0.17683  2  DA B "O4'" 
27  C "C3'" . DA A 2  ? 0.83395 0.79525 1.27251 -0.43252 0.13399  0.17106  2  DA B "C3'" 
28  O "O3'" . DA A 2  ? 0.87276 0.84384 1.30551 -0.43997 0.13977  0.17054  2  DA B "O3'" 
29  C "C2'" . DA A 2  ? 0.82710 0.78448 1.26861 -0.42889 0.12136  0.16969  2  DA B "C2'" 
30  C "C1'" . DA A 2  ? 0.83472 0.79457 1.29314 -0.43052 0.12215  0.17441  2  DA B "C1'" 
31  N N9    . DA A 2  ? 0.83303 0.78490 1.29571 -0.42710 0.11041  0.17513  2  DA B N9    
32  C C8    . DA A 2  ? 0.83475 0.77465 1.30265 -0.42113 0.10812  0.17701  2  DA B C8    
33  N N7    . DA A 2  ? 0.83551 0.76892 1.30148 -0.42117 0.09505  0.17813  2  DA B N7    
34  C C5    . DA A 2  ? 0.83371 0.77573 1.29304 -0.42745 0.08981  0.17550  2  DA B C5    
35  C C6    . DA A 2  ? 0.83555 0.77566 1.28736 -0.43182 0.07834  0.17364  2  DA B C6    
36  N N6    . DA A 2  ? 0.84182 0.76897 1.28706 -0.43217 0.06716  0.17496  2  DA B N6    
37  N N1    . DA A 2  ? 0.83268 0.78378 1.28201 -0.43665 0.08002  0.17003  2  DA B N1    
38  C C2    . DA A 2  ? 0.82923 0.79160 1.28113 -0.43756 0.09105  0.16934  2  DA B C2    
39  N N3    . DA A 2  ? 0.82931 0.79319 1.28409 -0.43538 0.10082  0.17103  2  DA B N3    
40  C C4    . DA A 2  ? 0.83128 0.78495 1.29031 -0.43022 0.09995  0.17373  2  DA B C4    
41  P P     . DC A 3  ? 0.93259 0.90366 1.34700 -0.44245 0.14052  0.16430  3  DC B P     
42  O OP1   . DC A 3  ? 0.91629 0.89120 1.32108 -0.44949 0.15121  0.16554  3  DC B OP1   
43  O OP2   . DC A 3  ? 0.85819 0.81939 1.26633 -0.43568 0.13228  0.15992  3  DC B OP2   
44  O "O5'" . DC A 3  ? 0.83126 0.80923 1.24707 -0.44527 0.13914  0.16246  3  DC B "O5'" 
45  C "C5'" . DC A 3  ? 0.82889 0.80864 1.25752 -0.44315 0.13124  0.16459  3  DC B "C5'" 
46  C "C4'" . DC A 3  ? 0.82082 0.79833 1.24174 -0.44180 0.12473  0.15836  3  DC B "C4'" 
47  O "O4'" . DC A 3  ? 0.88263 0.85396 1.30917 -0.43809 0.11279  0.15901  3  DC B "O4'" 
48  C "C3'" . DC A 3  ? 0.81439 0.78313 1.21810 -0.43928 0.12524  0.15064  3  DC B "C3'" 
49  O "O3'" . DC A 3  ? 0.81056 0.78131 1.20742 -0.44084 0.12719  0.14471  3  DC B "O3'" 
50  C "C2'" . DC A 3  ? 0.80874 0.76646 1.21218 -0.43262 0.11409  0.14990  3  DC B "C2'" 
51  C "C1'" . DC A 3  ? 0.81013 0.77060 1.22306 -0.43369 0.10668  0.15228  3  DC B "C1'" 
52  N N1    . DC A 3  ? 0.83410 0.78428 1.24880 -0.42944 0.09556  0.15450  3  DC B N1    
53  C C2    . DC A 3  ? 0.80990 0.75535 1.22059 -0.43031 0.08611  0.15172  3  DC B C2    
54  O O2    . DC A 3  ? 0.80808 0.75984 1.21729 -0.43367 0.08800  0.14751  3  DC B O2    
55  N N3    . DC A 3  ? 0.81316 0.74682 1.22059 -0.42800 0.07606  0.15379  3  DC B N3    
56  C C4    . DC A 3  ? 0.81471 0.74293 1.22564 -0.42372 0.07576  0.15927  3  DC B C4    
57  N N4    . DC A 3  ? 0.81992 0.73554 1.22464 -0.42231 0.06599  0.16200  3  DC B N4    
58  C C5    . DC A 3  ? 0.84296 0.77759 1.26214 -0.42143 0.08665  0.16195  3  DC B C5    
59  C C6    . DC A 3  ? 0.82214 0.76687 1.24092 -0.42519 0.09574  0.15904  3  DC B C6    
60  P P     . DC A 4  ? 1.02780 0.98907 1.40684 -0.43871 0.13004  0.13511  4  DC B P     
61  O OP1   . DC A 4  ? 1.07138 1.03283 1.43644 -0.44075 0.14090  0.13293  4  DC B OP1   
62  O OP2   . DC A 4  ? 0.81854 0.76799 1.19340 -0.43226 0.11990  0.13174  4  DC B OP2   
63  O "O5'" . DC A 4  ? 0.89799 0.86371 1.27339 -0.43851 0.13351  0.12889  4  DC B "O5'" 
64  C "C5'" . DC A 4  ? 0.79529 0.75155 1.15911 -0.43271 0.13113  0.11856  4  DC B "C5'" 
65  C "C4'" . DC A 4  ? 0.79007 0.74972 1.16530 -0.43328 0.12308  0.11978  4  DC B "C4'" 
66  O "O4'" . DC A 4  ? 0.79145 0.74870 1.17624 -0.43364 0.11137  0.12668  4  DC B "O4'" 
67  C "C3'" . DC A 4  ? 0.78245 0.73155 1.14640 -0.42668 0.12080  0.10855  4  DC B "C3'" 
68  O "O3'" . DC A 4  ? 0.79958 0.75721 1.17101 -0.42822 0.12135  0.10755  4  DC B "O3'" 
69  C "C2'" . DC A 4  ? 0.77933 0.71701 1.14423 -0.42477 0.10774  0.11069  4  DC B "C2'" 
70  C "C1'" . DC A 4  ? 0.78635 0.73216 1.16511 -0.42934 0.10206  0.12120  4  DC B "C1'" 
71  N N1    . DC A 4  ? 0.78856 0.72474 1.16587 -0.42611 0.09319  0.12512  4  DC B N1    
72  C C2    . DC A 4  ? 0.78924 0.71489 1.16244 -0.42402 0.08250  0.12357  4  DC B C2    
73  O O2    . DC A 4  ? 0.78788 0.71291 1.15981 -0.42514 0.08037  0.11854  4  DC B O2    
74  N N3    . DC A 4  ? 0.79248 0.70877 1.16279 -0.42116 0.07552  0.12797  4  DC B N3    
75  C C4    . DC A 4  ? 0.79310 0.71227 1.16773 -0.41959 0.07904  0.13389  4  DC B C4    
76  N N4    . DC A 4  ? 0.79587 0.70701 1.16925 -0.41630 0.07287  0.13920  4  DC B N4    
77  C C5    . DC A 4  ? 0.79227 0.72212 1.17171 -0.42180 0.08998  0.13468  4  DC B C5    
78  C C6    . DC A 4  ? 0.79087 0.72793 1.16981 -0.42539 0.09652  0.13015  4  DC B C6    
79  P P     . DT A 5  ? 1.02094 0.97248 1.38196 -0.42106 0.12602  0.09493  5  DT B P     
80  O OP1   . DT A 5  ? 0.86061 0.82464 1.22437 -0.42375 0.14113  0.09256  5  DT B OP1   
81  O OP2   . DT A 5  ? 0.77040 0.70533 1.11401 -0.41372 0.12721  0.08594  5  DT B OP2   
82  O "O5'" . DT A 5  ? 0.78432 0.73380 1.15344 -0.42198 0.11371  0.09545  5  DT B "O5'" 
83  C "C5'" . DT A 5  ? 0.77042 0.70763 1.13797 -0.42215 0.10119  0.09791  5  DT B "C5'" 
84  C "C4'" . DT A 5  ? 0.76575 0.69144 1.12744 -0.41743 0.09492  0.08983  5  DT B "C4'" 
85  O "O4'" . DT A 5  ? 0.76898 0.68050 1.12630 -0.41771 0.08338  0.09263  5  DT B "O4'" 
86  C "C3'" . DT A 5  ? 0.75785 0.67358 1.10601 -0.40700 0.10211  0.07702  5  DT B "C3'" 
87  O "O3'" . DT A 5  ? 0.75347 0.66537 1.10205 -0.40373 0.09922  0.07043  5  DT B "O3'" 
88  C "C2'" . DT A 5  ? 0.75759 0.65831 1.09499 -0.40289 0.09692  0.07646  5  DT B "C2'" 
89  C "C1'" . DT A 5  ? 0.76323 0.65960 1.10626 -0.40839 0.08401  0.08417  5  DT B "C1'" 
90  N N1    . DT A 5  ? 0.76684 0.65596 1.10662 -0.40892 0.07829  0.09107  5  DT B N1    
91  C C2    . DT A 5  ? 0.77117 0.64661 1.10377 -0.40653 0.06894  0.09132  5  DT B C2    
92  O O2    . DT A 5  ? 0.77254 0.63987 1.10191 -0.40583 0.06443  0.08646  5  DT B O2    
93  N N3    . DT A 5  ? 0.77487 0.64612 1.10389 -0.40519 0.06565  0.09780  5  DT B N3    
94  C C4    . DT A 5  ? 0.77402 0.65420 1.10774 -0.40582 0.07027  0.10392  5  DT B C4    
95  O O4    . DT A 5  ? 0.77692 0.65419 1.10914 -0.40423 0.06693  0.11045  5  DT B O4    
96  C C5    . DT A 5  ? 0.77058 0.66344 1.11078 -0.40875 0.08008  0.10239  5  DT B C5    
97  C C7    . DT A 5  ? 0.77177 0.67311 1.11582 -0.41045 0.08681  0.10779  5  DT B C7    
98  C C6    . DT A 5  ? 0.76750 0.66381 1.10959 -0.41021 0.08376  0.09624  5  DT B C6    
99  P P     . DG A 6  ? 0.74459 0.65036 1.08427 -0.39316 0.10839  0.05725  6  DG B P     
100 O OP1   . DG A 6  ? 0.84128 0.76208 1.19194 -0.39634 0.12164  0.05439  6  DG B OP1   
101 O OP2   . DG A 6  ? 0.74308 0.63778 1.06828 -0.38682 0.11363  0.05203  6  DG B OP2   
102 O "O5'" . DG A 6  ? 0.74148 0.63393 1.07829 -0.38871 0.09895  0.05170  6  DG B "O5'" 
103 C "C5'" . DG A 6  ? 0.74778 0.63070 1.08319 -0.39264 0.08658  0.05709  6  DG B "C5'" 
104 C "C4'" . DG A 6  ? 0.74416 0.60719 1.06711 -0.38336 0.08246  0.04907  6  DG B "C4'" 
105 O "O4'" . DG A 6  ? 0.74854 0.60183 1.06432 -0.38397 0.07686  0.05443  6  DG B "O4'" 
106 C "C3'" . DG A 6  ? 0.73429 0.59184 1.04868 -0.37198 0.09191  0.03786  6  DG B "C3'" 
107 O "O3'" . DG A 6  ? 0.73079 0.57288 1.03822 -0.36398 0.08743  0.03051  6  DG B "O3'" 
108 C "C2'" . DG A 6  ? 0.73533 0.59010 1.04176 -0.37130 0.09434  0.04071  6  DG B "C2'" 
109 C "C1'" . DG A 6  ? 0.74183 0.58858 1.04748 -0.37541 0.08258  0.04864  6  DG B "C1'" 
110 N N9    . DG A 6  ? 0.74565 0.59508 1.05037 -0.37956 0.08148  0.05731  6  DG B N9    
111 C C8    . DG A 6  ? 0.74640 0.60735 1.05379 -0.38293 0.08873  0.06073  6  DG B C8    
112 N N7    . DG A 6  ? 0.74996 0.61137 1.05751 -0.38626 0.08535  0.06932  6  DG B N7    
113 C C5    . DG A 6  ? 0.75185 0.60126 1.05612 -0.38516 0.07546  0.07216  6  DG B C5    
114 C C6    . DG A 6  ? 0.75600 0.60082 1.05931 -0.38758 0.06860  0.08181  6  DG B C6    
115 O O6    . DG A 6  ? 0.75769 0.61022 1.06466 -0.38975 0.06982  0.08962  6  DG B O6    
116 N N1    . DG A 6  ? 0.75967 0.58943 1.05493 -0.38458 0.06129  0.08046  6  DG B N1    
117 C C2    . DG A 6  ? 0.75885 0.57893 1.05044 -0.38139 0.05990  0.07175  6  DG B C2    
118 N N2    . DG A 6  ? 0.76496 0.56852 1.04763 -0.37918 0.05354  0.07139  6  DG B N2    
119 N N3    . DG A 6  ? 0.75344 0.57967 1.04876 -0.37896 0.06558  0.06338  6  DG B N3    
120 C C4    . DG A 6  ? 0.75016 0.59105 1.05139 -0.38111 0.07328  0.06428  6  DG B C4    
121 P P     . DT A 7  ? 0.72041 0.55539 1.02096 -0.35143 0.09564  0.01775  7  DT B P     
122 O OP1   . DT A 7  ? 0.71680 0.56224 1.02736 -0.35176 0.10031  0.01436  7  DT B OP1   
123 O OP2   . DT A 7  ? 0.71789 0.55051 1.00861 -0.34730 0.10335  0.01516  7  DT B OP2   
124 O "O5'" . DT A 7  ? 0.72004 0.53672 1.01303 -0.34470 0.08726  0.01392  7  DT B "O5'" 
125 C "C5'" . DT A 7  ? 0.72961 0.54006 1.02314 -0.35117 0.07622  0.02095  7  DT B "C5'" 
126 C "C4'" . DT A 7  ? 0.73199 0.52826 1.01443 -0.34757 0.07187  0.02335  7  DT B "C4'" 
127 O "O4'" . DT A 7  ? 0.73546 0.53960 1.01867 -0.35429 0.07227  0.03237  7  DT B "O4'" 
128 C "C3'" . DT A 7  ? 0.72252 0.50905 0.99542 -0.33493 0.07678  0.01469  7  DT B "C3'" 
129 O "O3'" . DT A 7  ? 0.72525 0.49481 0.99060 -0.32950 0.07044  0.01356  7  DT B "O3'" 
130 C "C2'" . DT A 7  ? 0.72152 0.51334 0.99051 -0.33682 0.08037  0.01942  7  DT B "C2'" 
131 C "C1'" . DT A 7  ? 0.73165 0.52767 1.00524 -0.34790 0.07328  0.03154  7  DT B "C1'" 
132 N N1    . DT A 7  ? 0.73288 0.53949 1.00784 -0.35363 0.07592  0.03918  7  DT B N1    
133 C C2    . DT A 7  ? 0.73774 0.54072 1.00980 -0.35695 0.07005  0.04864  7  DT B C2    
134 O O2    . DT A 7  ? 0.74207 0.53235 1.00881 -0.35546 0.06356  0.05085  7  DT B O2    
135 N N3    . DT A 7  ? 0.73831 0.55267 1.01358 -0.36208 0.07281  0.05565  7  DT B N3    
136 C C4    . DT A 7  ? 0.73634 0.56280 1.01500 -0.36410 0.08136  0.05324  7  DT B C4    
137 O O4    . DT A 7  ? 0.73861 0.57363 1.01946 -0.36874 0.08376  0.05967  7  DT B O4    
138 C C5    . DT A 7  ? 0.73248 0.56043 1.01165 -0.36040 0.08802  0.04288  7  DT B C5    
139 C C7    . DT A 7  ? 0.73241 0.57096 1.01232 -0.36229 0.09901  0.03940  7  DT B C7    
140 C C6    . DT A 7  ? 0.73005 0.54912 1.00850 -0.35532 0.08476  0.03681  7  DT B C6    
141 P P     . DA A 8  ? 0.71641 0.47443 0.97561 -0.31558 0.07356  0.00244  8  DA B P     
142 O OP1   . DA A 8  ? 0.72260 0.46910 0.98157 -0.31444 0.06685  0.00052  8  DA B OP1   
143 O OP2   . DA A 8  ? 0.70674 0.47479 0.96924 -0.31149 0.08339  -0.00510 8  DA B OP2   
144 O "O5'" . DA A 8  ? 0.71493 0.46314 0.96373 -0.31000 0.07277  0.00476  8  DA B "O5'" 
145 C "C5'" . DA A 8  ? 0.72206 0.45482 0.96445 -0.30800 0.06586  0.00833  8  DA B "C5'" 
146 C "C4'" . DA A 8  ? 0.72612 0.45886 0.96400 -0.31248 0.06357  0.01835  8  DA B "C4'" 
147 O "O4'" . DA A 8  ? 0.72862 0.47687 0.97309 -0.32338 0.06426  0.02537  8  DA B "O4'" 
148 C "C3'" . DA A 8  ? 0.71728 0.45008 0.94941 -0.30557 0.06769  0.01684  8  DA B "C3'" 
149 O "O3'" . DA A 8  ? 0.71702 0.43416 0.94190 -0.29619 0.06579  0.01458  8  DA B "O3'" 
150 C "C2'" . DA A 8  ? 0.72188 0.46320 0.95437 -0.31516 0.06548  0.02889  8  DA B "C2'" 
151 C "C1'" . DA A 8  ? 0.72894 0.48003 0.96983 -0.32601 0.06363  0.03356  8  DA B "C1'" 
152 N N9    . DA A 8  ? 0.72587 0.49392 0.97255 -0.33212 0.06816  0.03615  8  DA B N9    
153 C C8    . DA A 8  ? 0.72119 0.49868 0.97251 -0.33190 0.07500  0.02907  8  DA B C8    
154 N N7    . DA A 8  ? 0.72156 0.51158 0.97574 -0.33781 0.07911  0.03307  8  DA B N7    
155 C C5    . DA A 8  ? 0.72555 0.51612 0.97885 -0.34240 0.07371  0.04415  8  DA B C5    
156 C C6    . DA A 8  ? 0.72786 0.52973 0.98466 -0.34939 0.07435  0.05335  8  DA B C6    
157 N N6    . DA A 8  ? 0.72799 0.54107 0.98772 -0.35300 0.08163  0.05160  8  DA B N6    
158 N N1    . DA A 8  ? 0.73105 0.53188 0.98800 -0.35257 0.06788  0.06473  8  DA B N1    
159 C C2    . DA A 8  ? 0.73352 0.52074 0.98415 -0.34916 0.06207  0.06601  8  DA B C2    
160 N N3    . DA A 8  ? 0.73318 0.50694 0.97848 -0.34231 0.06158  0.05700  8  DA B N3    
161 C C4    . DA A 8  ? 0.72827 0.50549 0.97656 -0.33916 0.06713  0.04646  8  DA B C4    
162 P P     . DT B 1  ? 0.32811 0.41361 0.92260 -0.08036 -0.17926 0.29528  16 DT C P     
163 O OP1   . DT B 1  ? 0.33119 0.41734 0.92173 -0.08177 -0.18204 0.29735  16 DT C OP1   
164 O OP2   . DT B 1  ? 0.32939 0.41525 0.92661 -0.08234 -0.18092 0.29720  16 DT C OP2   
165 O "O5'" . DT B 1  ? 0.32356 0.40553 0.91466 -0.07544 -0.17505 0.28797  16 DT C "O5'" 
166 C "C5'" . DT B 1  ? 0.32169 0.40315 0.91090 -0.07319 -0.17283 0.28559  16 DT C "C5'" 
167 C "C4'" . DT B 1  ? 0.39183 0.46991 0.97440 -0.06991 -0.17158 0.27999  16 DT C "C4'" 
168 O "O4'" . DT B 1  ? 0.50458 0.58047 1.08684 -0.06689 -0.16827 0.27506  16 DT C "O4'" 
169 C "C3'" . DT B 1  ? 0.32258 0.39928 0.90044 -0.07076 -0.17461 0.28000  16 DT C "C3'" 
170 O "O3'" . DT B 1  ? 0.32248 0.39748 0.89503 -0.06889 -0.17443 0.27732  16 DT C "O3'" 
171 C "C2'" . DT B 1  ? 0.32060 0.39511 0.89785 -0.06909 -0.17329 0.27646  16 DT C "C2'" 
172 C "C1'" . DT B 1  ? 0.31633 0.38971 0.89420 -0.06581 -0.16903 0.27212  16 DT C "C1'" 
173 N N1    . DT B 1  ? 0.31407 0.38651 0.89465 -0.06464 -0.16702 0.26992  16 DT C N1    
174 C C2    . DT B 1  ? 0.38366 0.45389 0.96205 -0.06123 -0.16374 0.26460  16 DT C C2    
175 O O2    . DT B 1  ? 0.62552 0.69453 1.19971 -0.05918 -0.16246 0.26161  16 DT C O2    
176 N N3    . DT B 1  ? 0.36266 0.43222 0.94416 -0.06042 -0.16212 0.26302  16 DT C N3    
177 C C4    . DT B 1  ? 0.31018 0.38103 0.89718 -0.06253 -0.16327 0.26617  16 DT C C4    
178 O O4    . DT B 1  ? 0.30853 0.37859 0.89862 -0.06148 -0.16153 0.26441  16 DT C O4    
179 C C5    . DT B 1  ? 0.31382 0.38705 0.90290 -0.06617 -0.16677 0.27180  16 DT C C5    
180 C C7    . DT B 1  ? 0.31569 0.39056 0.91081 -0.06891 -0.16849 0.27581  16 DT C C7    
181 C C6    . DT B 1  ? 0.31564 0.38957 0.90123 -0.06710 -0.16853 0.27342  16 DT C C6    
182 P P     . DA B 2  ? 0.75721 0.82959 1.32348 -0.06814 -0.17630 0.27503  17 DA C P     
183 O OP1   . DA B 2  ? 0.62639 0.69910 1.19033 -0.06863 -0.17785 0.27639  17 DA C OP1   
184 O OP2   . DA B 2  ? 0.77830 0.85093 1.34529 -0.07039 -0.17892 0.27733  17 DA C OP2   
185 O "O5'" . DA B 2  ? 0.37919 0.44834 0.94164 -0.06392 -0.17284 0.26830  17 DA C "O5'" 
186 C "C5'" . DA B 2  ? 0.31716 0.38592 0.87917 -0.06151 -0.16984 0.26551  17 DA C "C5'" 
187 C "C4'" . DA B 2  ? 0.31403 0.37972 0.87160 -0.05797 -0.16732 0.25942  17 DA C "C4'" 
188 O "O4'" . DA B 2  ? 0.31185 0.37727 0.87186 -0.05730 -0.16556 0.25792  17 DA C "O4'" 
189 C "C3'" . DA B 2  ? 0.31528 0.37837 0.86693 -0.05709 -0.16896 0.25702  17 DA C "C3'" 
190 O "O3'" . DA B 2  ? 0.31280 0.37356 0.86003 -0.05393 -0.16681 0.25199  17 DA C "O3'" 
191 C "C2'" . DA B 2  ? 0.31533 0.37793 0.86808 -0.05764 -0.16950 0.25690  17 DA C "C2'" 
192 C "C1'" . DA B 2  ? 0.31204 0.37520 0.86853 -0.05645 -0.16633 0.25541  17 DA C "C1'" 
193 N N9    . DA B 2  ? 0.31220 0.37625 0.87321 -0.05781 -0.16659 0.25717  17 DA C N9    
194 C C8    . DA B 2  ? 0.31498 0.38115 0.88014 -0.06105 -0.16910 0.26217  17 DA C C8    
195 N N7    . DA B 2  ? 0.31439 0.38092 0.88370 -0.06156 -0.16862 0.26268  17 DA C N7    
196 C C5    . DA B 2  ? 0.31105 0.37550 0.87868 -0.05841 -0.16558 0.25762  17 DA C C5    
197 C C6    . DA B 2  ? 0.30904 0.37271 0.87952 -0.05721 -0.16367 0.25553  17 DA C C6    
198 N N6    . DA B 2  ? 0.31001 0.37492 0.88630 -0.05904 -0.16441 0.25836  17 DA C N6    
199 N N1    . DA B 2  ? 0.30612 0.36775 0.87349 -0.05412 -0.16103 0.25052  17 DA C N1    
200 C C2    . DA B 2  ? 0.30525 0.36574 0.86716 -0.05242 -0.16039 0.24787  17 DA C C2    
201 N N3    . DA B 2  ? 0.30681 0.36779 0.86605 -0.05317 -0.16183 0.24935  17 DA C N3    
202 C C4    . DA B 2  ? 0.30972 0.37268 0.87203 -0.05617 -0.16440 0.25426  17 DA C C4    
203 P P     . DC B 3  ? 0.44780 0.50586 0.98852 -0.05260 -0.16820 0.24931  18 DC C P     
204 O OP1   . DC B 3  ? 0.34379 0.40220 0.88373 -0.05236 -0.16830 0.24988  18 DC C OP1   
205 O OP2   . DC B 3  ? 0.31694 0.37461 0.85678 -0.05437 -0.17114 0.25124  18 DC C OP2   
206 O "O5'" . DC B 3  ? 0.31075 0.36633 0.84780 -0.04941 -0.16565 0.24362  18 DC C "O5'" 
207 C "C5'" . DC B 3  ? 0.30790 0.36399 0.84779 -0.04857 -0.16314 0.24225  18 DC C "C5'" 
208 C "C4'" . DC B 3  ? 0.30702 0.36113 0.84456 -0.04734 -0.16291 0.23922  18 DC C "C4'" 
209 O "O4'" . DC B 3  ? 0.30741 0.36287 0.84985 -0.04900 -0.16326 0.24171  18 DC C "O4'" 
210 C "C3'" . DC B 3  ? 0.30919 0.36119 0.84170 -0.04712 -0.16523 0.23814  18 DC C "C3'" 
211 O "O3'" . DC B 3  ? 0.30737 0.35700 0.83572 -0.04463 -0.16402 0.23348  18 DC C "O3'" 
212 C "C2'" . DC B 3  ? 0.31143 0.36439 0.84716 -0.04949 -0.16732 0.24153  18 DC C "C2'" 
213 C "C1'" . DC B 3  ? 0.30902 0.36307 0.84945 -0.04930 -0.16510 0.24133  18 DC C "C1'" 
214 N N1    . DC B 3  ? 0.31062 0.36647 0.85651 -0.05185 -0.16646 0.24532  18 DC C N1    
215 C C2    . DC B 3  ? 0.30907 0.36485 0.85830 -0.05140 -0.16508 0.24436  18 DC C C2    
216 O O2    . DC B 3  ? 0.30648 0.36075 0.85379 -0.04894 -0.16283 0.24026  18 DC C O2    
217 N N3    . DC B 3  ? 0.31056 0.36799 0.86530 -0.05374 -0.16632 0.24807  18 DC C N3    
218 C C4    . DC B 3  ? 0.31361 0.37281 0.87006 -0.05661 -0.16904 0.25269  18 DC C C4    
219 N N4    . DC B 3  ? 0.47519 0.53611 1.03724 -0.05907 -0.17037 0.25647  18 DC C N4    
220 C C5    . DC B 3  ? 0.31538 0.37470 0.86814 -0.05719 -0.17062 0.25379  18 DC C C5    
221 C C6    . DC B 3  ? 0.31375 0.37131 0.86150 -0.05467 -0.16916 0.24995  18 DC C C6    
222 P P     . DA B 4  ? 0.30825 0.35530 0.82994 -0.04301 -0.16504 0.23052  19 DA C P     
223 O OP1   . DA B 4  ? 0.30616 0.35291 0.82604 -0.04122 -0.16310 0.22804  19 DA C OP1   
224 O OP2   . DA B 4  ? 0.31185 0.35901 0.83305 -0.04493 -0.16805 0.23367  19 DA C OP2   
225 O "O5'" . DA B 4  ? 0.30742 0.35242 0.82639 -0.04149 -0.16478 0.22718  19 DA C "O5'" 
226 C "C5'" . DA B 4  ? 0.30446 0.34942 0.82454 -0.04005 -0.16238 0.22461  19 DA C "C5'" 
227 C "C4'" . DA B 4  ? 0.30474 0.34942 0.82691 -0.04045 -0.16276 0.22477  19 DA C "C4'" 
228 O "O4'" . DA B 4  ? 0.30636 0.35305 0.83393 -0.04300 -0.16388 0.22919  19 DA C "O4'" 
229 C "C3'" . DA B 4  ? 0.30657 0.34904 0.82465 -0.03990 -0.16465 0.22332  19 DA C "C3'" 
230 O "O3'" . DA B 4  ? 0.30485 0.34605 0.82173 -0.03812 -0.16343 0.21997  19 DA C "O3'" 
231 C "C2'" . DA B 4  ? 0.30925 0.35277 0.83114 -0.04240 -0.16682 0.22737  19 DA C "C2'" 
232 C "C1'" . DA B 4  ? 0.30794 0.35391 0.83616 -0.04365 -0.16540 0.22978  19 DA C "C1'" 
233 N N9    . DA B 4  ? 0.31035 0.35824 0.84306 -0.04653 -0.16732 0.23462  19 DA C N9    
234 C C8    . DA B 4  ? 0.31281 0.36167 0.84517 -0.04837 -0.16938 0.23780  19 DA C C8    
235 N N7    . DA B 4  ? 0.31482 0.36564 0.85199 -0.05111 -0.17104 0.24223  19 DA C N7    
236 C C5    . DA B 4  ? 0.31341 0.36454 0.85470 -0.05094 -0.16979 0.24182  19 DA C C5    
237 C C6    . DA B 4  ? 0.31437 0.36730 0.86213 -0.05312 -0.17053 0.24531  19 DA C C6    
238 N N6    . DA B 4  ? 0.31720 0.37217 0.86811 -0.05623 -0.17300 0.25027  19 DA C N6    
239 N N1    . DA B 4  ? 0.31247 0.36506 0.86354 -0.05209 -0.16871 0.24362  19 DA C N1    
240 C C2    . DA B 4  ? 0.30992 0.36059 0.85767 -0.04918 -0.16650 0.23887  19 DA C C2    
241 N N3    . DA B 4  ? 0.30888 0.35787 0.85030 -0.04710 -0.16581 0.23542  19 DA C N3    
242 C C4    . DA B 4  ? 0.31068 0.35998 0.84927 -0.04808 -0.16747 0.23710  19 DA C C4    
243 P P     . DC B 5  ? 0.30488 0.34345 0.81505 -0.03595 -0.16387 0.21597  20 DC C P     
244 O OP1   . DC B 5  ? 0.30440 0.34194 0.81475 -0.03502 -0.16363 0.21403  20 DC C OP1   
245 O OP2   . DC B 5  ? 0.30304 0.34152 0.81046 -0.03459 -0.16242 0.21383  20 DC C OP2   
246 O "O5'" . DC B 5  ? 0.30829 0.34594 0.81590 -0.03704 -0.16668 0.21782  20 DC C "O5'" 
247 C "C5'" . DC B 5  ? 0.30990 0.34536 0.81360 -0.03621 -0.16821 0.21613  20 DC C "C5'" 
248 C "C4'" . DC B 5  ? 0.31069 0.34451 0.80879 -0.03506 -0.16894 0.21431  20 DC C "C4'" 
249 O "O4'" . DC B 5  ? 0.31001 0.34511 0.80888 -0.03547 -0.16819 0.21541  20 DC C "O4'" 
250 C "C3'" . DC B 5  ? 0.35071 0.38974 1.00381 -0.07708 -0.20686 0.26574  20 DC C "C3'" 
251 O "O3'" . DC B 5  ? 0.33819 0.31382 0.81128 -0.05709 -0.15486 0.21447  20 DC C "O3'" 
252 C "C2'" . DC B 5  ? 0.27981 0.36208 0.80935 -0.06159 -0.16464 0.19310  20 DC C "C2'" 
253 C "C1'" . DC B 5  ? 0.30923 0.34292 0.80353 -0.03364 -0.16768 0.21240  20 DC C "C1'" 
254 N N1    . DC B 5  ? 0.30747 0.34278 0.80367 -0.03369 -0.16604 0.21293  20 DC C N1    
255 C C2    . DC B 5  ? 0.27814 0.36239 0.80694 -0.06123 -0.16254 0.19422  20 DC C C2    
256 O O2    . DC B 5  ? 0.33426 0.31219 0.80666 -0.05600 -0.15120 0.21390  20 DC C O2    
257 N N3    . DC B 5  ? 0.30491 0.34100 0.80040 -0.03228 -0.16374 0.21119  20 DC C N3    
258 C C4    . DC B 5  ? 0.30467 0.34300 0.80520 -0.03392 -0.16316 0.21436  20 DC C C4    
259 N N4    . DC B 5  ? 0.52969 0.56956 1.03276 -0.03405 -0.16173 0.21522  20 DC C N4    
260 C C5    . DC B 5  ? 0.30584 0.34501 0.80943 -0.03557 -0.16409 0.21696  20 DC C C5    
261 C C6    . DC B 5  ? 0.30717 0.34480 0.80854 -0.03540 -0.16547 0.21612  20 DC C C6    
262 P P     . DC B 6  ? 0.35570 0.39083 1.01254 -0.07814 -0.21207 0.26504  21 DC C P     
263 O OP1   . DC B 6  ? 0.28700 0.36687 0.81978 -0.06419 -0.17171 0.19463  21 DC C OP1   
264 O OP2   . DC B 6  ? 0.35180 0.38790 1.00837 -0.07640 -0.20819 0.26312  21 DC C OP2   
265 O "O5'" . DC B 6  ? 0.34098 0.31266 0.81739 -0.05682 -0.15767 0.21210  21 DC C "O5'" 
266 C "C5'" . DC B 6  ? 0.28603 0.36319 0.82018 -0.06285 -0.17139 0.19099  21 DC C "C5'" 
267 C "C4'" . DC B 6  ? 0.28508 0.36087 0.82006 -0.06190 -0.17076 0.18883  21 DC C "C4'" 
268 O "O4'" . DC B 6  ? 0.33614 0.30779 0.81252 -0.05472 -0.15407 0.20813  21 DC C "O4'" 
269 C "C3'" . DC B 6  ? 0.33888 0.30852 0.81722 -0.05510 -0.15644 0.20793  21 DC C "C3'" 
270 O "O3'" . DC B 6  ? 0.33947 0.30721 0.81912 -0.05466 -0.15729 0.20611  21 DC C "O3'" 
271 C "C2'" . DC B 6  ? 0.33501 0.30699 0.81205 -0.05420 -0.15294 0.20753  21 DC C "C2'" 
272 C "C1'" . DC B 6  ? 0.34933 0.38185 1.00781 -0.07400 -0.20669 0.25703  21 DC C "C1'" 
273 N N1    . DC B 6  ? 0.33044 0.30552 0.80497 -0.05336 -0.14886 0.20752  21 DC C N1    
274 C C2    . DC B 6  ? 0.27524 0.35507 0.80622 -0.05845 -0.16070 0.18753  21 DC C C2    
275 O O2    . DC B 6  ? 0.34537 0.38000 1.00182 -0.07278 -0.20262 0.25648  21 DC C O2    
276 N N3    . DC B 6  ? 0.32635 0.30456 0.79882 -0.05261 -0.14499 0.20786  21 DC C N3    
277 C C4    . DC B 6  ? 0.29967 0.33524 0.79815 -0.03010 -0.16058 0.20549  21 DC C C4    
278 N N4    . DC B 6  ? 0.29899 0.33662 0.80205 -0.03140 -0.15955 0.20813  21 DC C N4    
279 C C5    . DC B 6  ? 0.30112 0.33577 0.79982 -0.03036 -0.16182 0.20569  21 DC C C5    
280 C C6    . DC B 6  ? 0.34442 0.38169 0.99963 -0.07309 -0.20110 0.25879  21 DC C C6    
281 P P     . DG B 7  ? 0.28794 0.35971 0.82714 -0.06164 -0.17402 0.18565  22 DG C P     
282 O OP1   . DG B 7  ? 0.34579 0.31049 0.82785 -0.05620 -0.16256 0.20763  22 DG C OP1   
283 O OP2   . DG B 7  ? 0.28618 0.35829 0.82600 -0.06071 -0.17218 0.18481  22 DG C OP2   
284 O "O5'" . DG B 7  ? 0.34400 0.30714 0.82656 -0.05494 -0.16172 0.20424  22 DG C "O5'" 
285 C "C5'" . DG B 7  ? 0.28986 0.35946 0.82912 -0.06207 -0.17643 0.18446  22 DG C "C5'" 
286 C "C4'" . DG B 7  ? 0.34274 0.30539 0.82445 -0.05442 -0.16116 0.20267  22 DG C "C4'" 
287 O "O4'" . DG B 7  ? 0.28460 0.35550 0.82179 -0.06012 -0.17141 0.18283  22 DG C "O4'" 
288 C "C3'" . DG B 7  ? 0.28842 0.35599 0.82814 -0.06074 -0.17560 0.18116  22 DG C "C3'" 
289 O "O3'" . DG B 7  ? 0.28831 0.35476 0.82780 -0.06044 -0.17584 0.17985  22 DG C "O3'" 
290 C "C2'" . DG B 7  ? 0.28508 0.35430 0.82400 -0.05963 -0.17210 0.18097  22 DG C "C2'" 
291 C "C1'" . DG B 7  ? 0.35323 0.37693 1.01681 -0.07296 -0.21222 0.24947  22 DG C "C1'" 
292 N N9    . DG B 7  ? 0.34967 0.37634 1.01182 -0.07214 -0.20822 0.25022  22 DG C N9    
293 C C8    . DG B 7  ? 0.27960 0.35319 0.81602 -0.05834 -0.16595 0.18272  22 DG C C8    
294 N N7    . DG B 7  ? 0.33064 0.30150 0.80903 -0.05182 -0.14971 0.20252  22 DG C N7    
295 C C5    . DG B 7  ? 0.27512 0.35111 0.80907 -0.05704 -0.16126 0.18286  22 DG C C5    
296 C C6    . DG B 7  ? 0.30370 0.38148 0.83612 -0.05615 -0.15801 0.18315  22 DG C C6    
297 O O6    . DG B 7  ? 0.49006 0.46587 0.96519 -0.05051 -0.14319 0.20284  22 DG C O6    
298 N N1    . DG B 7  ? 0.33907 0.37321 0.99591 -0.06937 -0.19664 0.25091  22 DG C N1    
299 C C2    . DG B 7  ? 0.32638 0.29908 0.80247 -0.05081 -0.14624 0.20132  22 DG C C2    
300 N N2    . DG B 7  ? 0.27170 0.34855 0.80376 -0.05581 -0.15792 0.18189  22 DG C N2    
301 N N3    . DG B 7  ? 0.32944 0.29984 0.80675 -0.05138 -0.14920 0.20107  22 DG C N3    
302 C C4    . DG B 7  ? 0.33047 0.30059 0.80832 -0.05167 -0.14999 0.20155  22 DG C C4    
303 O "O5'" . DC C 1  ? 1.17209 0.97070 0.86137 0.11928  -0.21942 0.48498  2  DC A "O5'" 
304 C "C5'" . DC C 1  ? 1.39904 1.14859 1.03611 0.14337  -0.21915 0.49271  2  DC A "C5'" 
305 C "C4'" . DC C 1  ? 1.78122 1.50114 1.39892 0.15612  -0.21719 0.49695  2  DC A "C4'" 
306 O "O4'" . DC C 1  ? 1.39555 1.12401 1.01454 0.16970  -0.22886 0.49514  2  DC A "O4'" 
307 C "C3'" . DC C 1  ? 1.91842 1.64967 1.56652 0.13502  -0.20612 0.49470  2  DC A "C3'" 
308 O "O3'" . DC C 1  ? 2.28461 1.97809 1.90781 0.13747  -0.19625 0.50148  2  DC A "O3'" 
309 C "C2'" . DC C 1  ? 1.70912 1.44378 1.36292 0.14283  -0.21107 0.49297  2  DC A "C2'" 
310 C "C1'" . DC C 1  ? 1.63044 1.35017 1.25338 0.16979  -0.22481 0.49564  2  DC A "C1'" 
311 N N1    . DC C 1  ? 1.32585 1.07270 0.97054 0.17319  -0.23406 0.49178  2  DC A N1    
312 C C2    . DC C 1  ? 1.26799 1.00215 0.90795 0.18154  -0.23434 0.49238  2  DC A C2    
313 O O2    . DC C 1  ? 1.33918 1.03952 0.95730 0.18518  -0.22723 0.49567  2  DC A O2    
314 N N3    . DC C 1  ? 1.25271 1.01116 0.91212 0.18578  -0.24245 0.48984  2  DC A N3    
315 C C4    . DC C 1  ? 1.22613 1.02104 0.91097 0.18117  -0.24985 0.48737  2  DC A C4    
316 N N4    . DC C 1  ? 1.21290 1.03192 0.91892 0.18568  -0.25701 0.48637  2  DC A N4    
317 C C5    . DC C 1  ? 1.21439 1.02144 0.90364 0.17230  -0.25038 0.48632  2  DC A C5    
318 C C6    . DC C 1  ? 1.23084 1.01243 0.89818 0.16936  -0.24252 0.48837  2  DC A C6    
319 P P     . DT C 2  ? 2.50857 2.14931 2.08801 0.15989  -0.19517 0.50963  3  DT A P     
320 O OP1   . DT C 2  ? 1.71133 1.32954 1.25384 0.18737  -0.20838 0.51169  3  DT A OP1   
321 O OP2   . DT C 2  ? 1.82385 1.43157 1.38284 0.15786  -0.18446 0.51728  3  DT A OP2   
322 O "O5'" . DT C 2  ? 2.11670 1.77122 1.72407 0.14899  -0.19205 0.50546  3  DT A "O5'" 
323 C "C5'" . DT C 2  ? 1.62094 1.30357 1.26916 0.12201  -0.18473 0.50019  3  DT A "C5'" 
324 C "C4'" . DT C 2  ? 1.30484 0.99518 0.96945 0.11834  -0.18526 0.49555  3  DT A "C4'" 
325 O "O4'" . DT C 2  ? 1.22079 0.92646 0.88658 0.12963  -0.19426 0.49225  3  DT A "O4'" 
326 C "C3'" . DT C 2  ? 1.16305 0.88840 0.87198 0.09073  -0.18195 0.48701  3  DT A "C3'" 
327 O "O3'" . DT C 2  ? 1.27533 0.98115 0.98092 0.09109  -0.17882 0.48712  3  DT A "O3'" 
328 C "C2'" . DT C 2  ? 1.12396 0.88802 0.85768 0.08614  -0.18814 0.47973  3  DT A "C2'" 
329 C "C1'" . DT C 2  ? 1.16889 0.90893 0.87167 0.11273  -0.19371 0.48423  3  DT A "C1'" 
330 N N1    . DT C 2  ? 1.14993 0.91952 0.86731 0.11632  -0.20148 0.48100  3  DT A N1    
331 C C2    . DT C 2  ? 1.15648 0.92527 0.87165 0.12772  -0.20516 0.48007  3  DT A C2    
332 O O2    . DT C 2  ? 1.18046 0.92194 0.87778 0.13663  -0.20274 0.48125  3  DT A O2    
333 N N3    . DT C 2  ? 1.13694 0.93674 0.87078 0.12929  -0.21203 0.47833  3  DT A N3    
334 C C4    . DT C 2  ? 1.11227 0.94223 0.86592 0.12038  -0.21586 0.47716  3  DT A C4    
335 O O4    . DT C 2  ? 1.13730 0.99434 0.90904 0.12230  -0.22222 0.47660  3  DT A O4    
336 C C5    . DT C 2  ? 1.10812 0.93442 0.85939 0.10930  -0.21203 0.47722  3  DT A C5    
337 C C7    . DT C 2  ? 1.22297 1.07583 0.99002 0.10058  -0.21634 0.47562  3  DT A C7    
338 C C6    . DT C 2  ? 1.12614 0.92374 0.86040 0.10779  -0.20484 0.47924  3  DT A C6    
339 P P     . DG C 3  ? 1.25569 0.98607 0.99717 0.06770  -0.17749 0.47808  4  DG A P     
340 O OP1   . DG C 3  ? 1.24784 0.97782 1.00197 0.05092  -0.17357 0.47924  4  DG A OP1   
341 O OP2   . DG C 3  ? 1.07507 0.84573 0.84421 0.05831  -0.18127 0.46929  4  DG A OP2   
342 O "O5'" . DG C 3  ? 1.15344 0.85186 0.87481 0.08100  -0.17659 0.47992  4  DG A "O5'" 
343 C "C5'" . DG C 3  ? 1.18811 0.86863 0.88233 0.10528  -0.17954 0.48288  4  DG A "C5'" 
344 C "C4'" . DG C 3  ? 1.16852 0.86046 0.87200 0.10596  -0.18131 0.47589  4  DG A "C4'" 
345 O "O4'" . DG C 3  ? 1.15103 0.87032 0.86357 0.11074  -0.18632 0.47298  4  DG A "O4'" 
346 C "C3'" . DG C 3  ? 1.18492 0.89938 0.91938 0.08254  -0.17949 0.46745  4  DG A "C3'" 
347 O "O3'" . DG C 3  ? 1.23916 0.93029 0.95990 0.09076  -0.17831 0.46616  4  DG A "O3'" 
348 C "C2'" . DG C 3  ? 1.13982 0.89855 0.90267 0.07196  -0.18174 0.46044  4  DG A "C2'" 
349 C "C1'" . DG C 3  ? 1.10142 0.85473 0.84526 0.09428  -0.18544 0.46466  4  DG A "C1'" 
350 N N9    . DG C 3  ? 1.07082 0.86198 0.83750 0.08827  -0.18870 0.46319  4  DG A N9    
351 C C8    . DG C 3  ? 1.04952 0.86199 0.83278 0.07543  -0.18941 0.46327  4  DG A C8    
352 N N7    . DG C 3  ? 1.02714 0.87072 0.82863 0.07346  -0.19299 0.46238  4  DG A N7    
353 C C5    . DG C 3  ? 1.03285 0.87776 0.83192 0.08537  -0.19441 0.46235  4  DG A C5    
354 C C6    . DG C 3  ? 1.11867 0.99268 0.93563 0.08872  -0.19791 0.46301  4  DG A C6    
355 O O6    . DG C 3  ? 0.99306 0.89769 0.83204 0.08109  -0.20099 0.46350  4  DG A O6    
356 N N1    . DG C 3  ? 1.24750 1.11134 1.05444 0.10297  -0.19789 0.46376  4  DG A N1    
357 C C2    . DG C 3  ? 1.06284 0.88947 0.84191 0.11341  -0.19554 0.46301  4  DG A C2    
358 N N2    . DG C 3  ? 1.07882 0.89733 0.84801 0.12809  -0.19671 0.46366  4  DG A N2    
359 N N3    . DG C 3  ? 1.07861 0.87723 0.84081 0.11008  -0.19248 0.46236  4  DG A N3    
360 C C4    . DG C 3  ? 1.06105 0.87236 0.83644 0.09545  -0.19187 0.46245  4  DG A C4    
361 P P     . DC C 4  ? 1.24305 0.94739 0.98552 0.07277  -0.17807 0.45707  5  DC A P     
362 O OP1   . DC C 4  ? 1.14386 0.81008 0.86673 0.08086  -0.17691 0.46048  5  DC A OP1   
363 O OP2   . DC C 4  ? 1.05732 0.79466 0.83343 0.04678  -0.17920 0.45199  5  DC A OP2   
364 O "O5'" . DC C 4  ? 1.08882 0.80981 0.83187 0.08109  -0.17827 0.45151  5  DC A "O5'" 
365 C "C5'" . DC C 4  ? 1.12888 0.82714 0.84178 0.10765  -0.17877 0.45576  5  DC A "C5'" 
366 C "C4'" . DC C 4  ? 1.11304 0.82595 0.82893 0.11249  -0.17853 0.45017  5  DC A "C4'" 
367 O "O4'" . DC C 4  ? 1.20303 0.95280 0.94117 0.10772  -0.18089 0.45032  5  DC A "O4'" 
368 C "C3'" . DC C 4  ? 1.14544 0.87147 0.87822 0.09644  -0.17555 0.44192  5  DC A "C3'" 
369 O "O3'" . DC C 4  ? 1.42617 1.13483 1.13672 0.11336  -0.17361 0.43955  5  DC A "O3'" 
370 C "C2'" . DC C 4  ? 1.02582 0.79972 0.79649 0.07599  -0.17558 0.43799  5  DC A "C2'" 
371 C "C1'" . DC C 4  ? 1.07108 0.85629 0.84007 0.08917  -0.17798 0.44371  5  DC A "C1'" 
372 N N1    . DC C 4  ? 1.30188 1.12689 1.10322 0.07319  -0.17933 0.44442  5  DC A N1    
373 C C2    . DC C 4  ? 1.16496 1.02166 0.98498 0.07480  -0.18009 0.44631  5  DC A C2    
374 O O2    . DC C 4  ? 1.02608 0.87874 0.83712 0.08896  -0.17954 0.44772  5  DC A O2    
375 N N3    . DC C 4  ? 1.15508 1.04525 1.00249 0.06120  -0.18169 0.44718  5  DC A N3    
376 C C4    . DC C 4  ? 1.04514 0.93586 0.89844 0.04756  -0.18251 0.44573  5  DC A C4    
377 N N4    . DC C 4  ? 0.92753 0.84748 0.80326 0.03624  -0.18460 0.44633  5  DC A N4    
378 C C5    . DC C 4  ? 1.05073 0.91122 0.88711 0.04542  -0.18146 0.44431  5  DC A C5    
379 C C6    . DC C 4  ? 1.22891 1.05832 1.04127 0.05782  -0.17999 0.44395  5  DC A C6    
380 P P     . DT C 5  ? 1.58217 1.28443 1.29148 0.10739  -0.17024 0.43232  6  DT A P     
381 O OP1   . DT C 5  ? 1.19013 0.84928 0.86496 0.12865  -0.16840 0.43584  6  DT A OP1   
382 O OP2   . DT C 5  ? 1.30417 1.03188 1.04691 0.07862  -0.17183 0.42736  6  DT A OP2   
383 O "O5'" . DT C 5  ? 1.07167 0.79130 0.78231 0.11225  -0.16781 0.42823  6  DT A "O5'" 
384 C "C5'" . DT C 5  ? 1.09744 0.80992 0.79137 0.13157  -0.17026 0.43245  6  DT A "C5'" 
385 C "C4'" . DT C 5  ? 1.05934 0.81330 0.78260 0.12231  -0.16839 0.43185  6  DT A "C4'" 
386 O "O4'" . DT C 5  ? 1.02106 0.81675 0.78287 0.10499  -0.16915 0.43481  6  DT A "O4'" 
387 C "C3'" . DT C 5  ? 1.03008 0.79656 0.76316 0.11066  -0.16234 0.42468  6  DT A "C3'" 
388 O "O3'" . DT C 5  ? 1.13733 0.91062 0.86767 0.11984  -0.16000 0.42624  6  DT A "O3'" 
389 C "C2'" . DT C 5  ? 0.97450 0.78737 0.75326 0.08355  -0.16102 0.42301  6  DT A "C2'" 
390 C "C1'" . DT C 5  ? 0.97196 0.80674 0.76722 0.08612  -0.16425 0.43094  6  DT A "C1'" 
391 N N1    . DT C 5  ? 1.10457 0.97348 0.93454 0.06468  -0.16593 0.43100  6  DT A N1    
392 C C2    . DT C 5  ? 1.01971 0.93035 0.88180 0.05746  -0.16528 0.43492  6  DT A C2    
393 O O2    . DT C 5  ? 0.90290 0.82814 0.77136 0.06679  -0.16283 0.43952  6  DT A O2    
394 N N3    . DT C 5  ? 0.91109 0.84548 0.79798 0.03925  -0.16789 0.43404  6  DT A N3    
395 C C4    . DT C 5  ? 0.89430 0.81694 0.77897 0.02748  -0.17063 0.43019  6  DT A C4    
396 O O4    . DT C 5  ? 0.84910 0.79263 0.75436 0.01273  -0.17302 0.42982  6  DT A O4    
397 C C5    . DT C 5  ? 1.08757 0.97079 0.94373 0.03432  -0.17070 0.42734  6  DT A C5    
398 C C7    . DT C 5  ? 0.98704 0.85794 0.84364 0.02161  -0.17365 0.42484  6  DT A C7    
399 C C6    . DT C 5  ? 1.10986 0.96783 0.93972 0.05250  -0.16841 0.42764  6  DT A C6    
400 P P     . DG C 6  ? 1.17262 0.94083 0.89383 0.11803  -0.15400 0.41974  7  DG A P     
401 O OP1   . DG C 6  ? 1.08132 0.78988 0.74841 0.13853  -0.15782 0.41581  7  DG A OP1   
402 O OP2   . DG C 6  ? 0.97591 0.77617 0.72938 0.09410  -0.14978 0.41418  7  DG A OP2   
403 O "O5'" . DG C 6  ? 1.01297 0.81215 0.75453 0.12172  -0.14982 0.42700  7  DG A "O5'" 
404 C "C5'" . DG C 6  ? 0.99357 0.83245 0.76997 0.12012  -0.14989 0.43646  7  DG A "C5'" 
405 C "C4'" . DG C 6  ? 0.94212 0.83844 0.76797 0.10109  -0.14184 0.43853  7  DG A "C4'" 
406 O "O4'" . DG C 6  ? 1.17207 1.08808 1.02123 0.08255  -0.14571 0.43567  7  DG A "O4'" 
407 C "C3'" . DG C 6  ? 0.91636 0.81790 0.74384 0.09273  -0.13366 0.43260  7  DG A "C3'" 
408 O "O3'" . DG C 6  ? 0.88597 0.83304 0.74958 0.08949  -0.12436 0.44049  7  DG A "O3'" 
409 C "C2'" . DG C 6  ? 0.88390 0.79530 0.72638 0.07092  -0.13610 0.42391  7  DG A "C2'" 
410 C "C1'" . DG C 6  ? 0.86468 0.80608 0.73771 0.06263  -0.14092 0.42975  7  DG A "C1'" 
411 N N9    . DG C 6  ? 0.84703 0.79027 0.72957 0.04533  -0.14663 0.42399  7  DG A N9    
412 C C8    . DG C 6  ? 0.86600 0.77478 0.72426 0.04447  -0.15081 0.41763  7  DG A C8    
413 N N7    . DG C 6  ? 0.84266 0.76540 0.72089 0.02648  -0.15523 0.41503  7  DG A N7    
414 C C5    . DG C 6  ? 0.80842 0.77415 0.72220 0.01567  -0.15448 0.41892  7  DG A C5    
415 C C6    . DG C 6  ? 0.78177 0.77489 0.72421 -0.00318 -0.15856 0.41817  7  DG A C6    
416 O O6    . DG C 6  ? 0.78375 0.76998 0.72732 -0.01461 -0.16323 0.41419  7  DG A O6    
417 N N1    . DG C 6  ? 0.91104 0.94225 0.88270 -0.00794 -0.15695 0.42337  7  DG A N1    
418 C C2    . DG C 6  ? 0.81288 0.85781 0.79010 0.00324  -0.15151 0.42971  7  DG A C2    
419 N N2    . DG C 6  ? 0.72749 0.81123 0.73738 -0.00433 -0.15115 0.43541  7  DG A N2    
420 N N3    . DG C 6  ? 0.80673 0.82791 0.75873 0.02107  -0.14695 0.43103  7  DG A N3    
421 C C4    . DG C 6  ? 0.80967 0.78972 0.72830 0.02671  -0.14912 0.42482  7  DG A C4    
422 P P     . DA C 7  ? 1.37555 1.32378 1.23403 0.09111  -0.11336 0.43916  8  DA A P     
423 O OP1   . DA C 7  ? 1.43557 1.38108 1.28649 0.11152  -0.10718 0.44987  8  DA A OP1   
424 O OP2   . DA C 7  ? 1.43185 1.33832 1.25390 0.08777  -0.11723 0.42597  8  DA A OP2   
425 O "O5'" . DA C 7  ? 1.09242 1.09895 1.00356 0.07108  -0.10635 0.44184  8  DA A "O5'" 
426 C "C5'" . DA C 7  ? 0.85986 0.91241 0.81117 0.07259  -0.09995 0.45518  8  DA A "C5'" 
427 C "C4'" . DA C 7  ? 0.75539 0.85220 0.75163 0.05025  -0.10381 0.45556  8  DA A "C4'" 
428 O "O4'" . DA C 7  ? 0.75618 0.83485 0.74150 0.03999  -0.11574 0.44656  8  DA A "O4'" 
429 C "C3'" . DA C 7  ? 0.71628 0.84030 0.73679 0.03327  -0.09769 0.45162  8  DA A "C3'" 
430 O "O3'" . DA C 7  ? 0.67937 0.85316 0.74818 0.02047  -0.09787 0.45987  8  DA A "O3'" 
431 C "C2'" . DA C 7  ? 0.70881 0.81157 0.71421 0.01857  -0.10655 0.43697  8  DA A "C2'" 
432 C "C1'" . DA C 7  ? 0.71862 0.81533 0.72358 0.01783  -0.11726 0.43835  8  DA A "C1'" 
433 N N9    . DA C 7  ? 0.72881 0.79381 0.71015 0.01165  -0.12542 0.42747  8  DA A N9    
434 C C8    . DA C 7  ? 0.76613 0.78376 0.70478 0.02383  -0.12697 0.42167  8  DA A C8    
435 N N7    . DA C 7  ? 0.84627 0.84759 0.77722 0.01371  -0.13434 0.41389  8  DA A N7    
436 C C5    . DA C 7  ? 0.80719 0.84622 0.77610 -0.00612 -0.13792 0.41407  8  DA A C5    
437 C C6    . DA C 7  ? 0.83890 0.88287 0.82000 -0.02374 -0.14551 0.40849  8  DA A C6    
438 N N6    . DA C 7  ? 0.96510 0.97855 0.92527 -0.02518 -0.15044 0.40238  8  DA A N6    
439 N N1    . DA C 7  ? 0.79674 0.87767 0.81233 -0.03953 -0.14802 0.41018  8  DA A N1    
440 C C2    . DA C 7  ? 0.80465 0.91686 0.84349 -0.03870 -0.14362 0.41738  8  DA A C2    
441 N N3    . DA C 7  ? 0.86043 0.97564 0.89584 -0.02395 -0.13592 0.42420  8  DA A N3    
442 C C4    . DA C 7  ? 0.78724 0.86399 0.78577 -0.00750 -0.13316 0.42196  8  DA A C4    
443 P P     . DC C 8  ? 0.73864 0.95014 0.84136 0.00751  -0.08977 0.46179  9  DC A P     
444 O OP1   . DC C 8  ? 0.63984 0.88184 0.76952 0.01832  -0.07947 0.47848  9  DC A OP1   
445 O OP2   . DC C 8  ? 0.65994 0.84506 0.73498 0.00627  -0.08608 0.44976  9  DC A OP2   
446 O "O5'" . DC C 8  ? 0.60301 0.84377 0.73898 -0.01720 -0.10113 0.45819  9  DC A "O5'" 
447 C "C5'" . DC C 8  ? 0.60839 0.82950 0.73020 -0.02495 -0.11316 0.44963  9  DC A "C5'" 
448 C "C4'" . DC C 8  ? 0.57153 0.81547 0.71889 -0.04929 -0.12077 0.44302  9  DC A "C4'" 
449 O "O4'" . DC C 8  ? 0.57736 0.79347 0.70234 -0.05621 -0.12840 0.43072  9  DC A "O4'" 
450 C "C3'" . DC C 8  ? 0.54251 0.80684 0.70707 -0.05967 -0.11543 0.43920  9  DC A "C3'" 
451 O "O3'" . DC C 8  ? 0.57236 0.86239 0.76512 -0.08146 -0.12396 0.43577  9  DC A "O3'" 
452 C "C2'" . DC C 8  ? 0.55765 0.78476 0.68610 -0.05607 -0.11454 0.42637  9  DC A "C2'" 
453 C "C1'" . DC C 8  ? 0.56446 0.77384 0.68236 -0.06313 -0.12577 0.42028  9  DC A "C1'" 
454 N N1    . DC C 8  ? 0.59442 0.75966 0.67262 -0.05400 -0.12700 0.41232  9  DC A N1    
455 C C2    . DC C 8  ? 0.62940 0.78162 0.70210 -0.06627 -0.13598 0.40317  9  DC A C2    
456 O O2    . DC C 8  ? 0.62708 0.80317 0.72526 -0.08325 -0.14212 0.40149  9  DC A O2    
457 N N3    . DC C 8  ? 0.70259 0.81565 0.74198 -0.05881 -0.13784 0.39718  9  DC A N3    
458 C C4    . DC C 8  ? 0.65107 0.73484 0.65907 -0.03930 -0.13170 0.39904  9  DC A C4    
459 N N4    . DC C 8  ? 0.68012 0.72330 0.65448 -0.03255 -0.13493 0.39314  9  DC A N4    
460 C C5    . DC C 8  ? 0.65850 0.75268 0.66809 -0.02551 -0.12211 0.40778  9  DC A C5    
461 C C6    . DC C 8  ? 0.62818 0.76518 0.67555 -0.03373 -0.11971 0.41472  9  DC A C6    
462 P P     . DT C 9  ? 0.48610 0.80511 0.70497 -0.09527 -0.12208 0.43302  10 DT A P     
463 O OP1   . DT C 9  ? 0.46351 0.81771 0.71616 -0.09485 -0.11825 0.44763  10 DT A OP1   
464 O OP2   . DT C 9  ? 0.48261 0.77973 0.67631 -0.08851 -0.11549 0.42405  10 DT A OP2   
465 O "O5'" . DT C 9  ? 0.45183 0.77803 0.68241 -0.11762 -0.13475 0.42360  10 DT A "O5'" 
466 C "C5'" . DT C 9  ? 0.46580 0.76707 0.67664 -0.11989 -0.14224 0.41713  10 DT A "C5'" 
467 C "C4'" . DT C 9  ? 0.44959 0.74328 0.65549 -0.13415 -0.14814 0.40304  10 DT A "C4'" 
468 O "O4'" . DT C 9  ? 0.47123 0.73019 0.64516 -0.12517 -0.14666 0.39570  10 DT A "O4'" 
469 C "C3'" . DT C 9  ? 0.42334 0.73554 0.64353 -0.14278 -0.14628 0.39766  10 DT A "C3'" 
470 O "O3'" . DT C 9  ? 0.40533 0.71739 0.62839 -0.15911 -0.15476 0.38635  10 DT A "O3'" 
471 C "C2'" . DT C 9  ? 0.44320 0.73003 0.63528 -0.12729 -0.13758 0.39430  10 DT A "C2'" 
472 C "C1'" . DT C 9  ? 0.46268 0.71768 0.62979 -0.12595 -0.14281 0.38787  10 DT A "C1'" 
473 N N1    . DT C 9  ? 0.49507 0.71384 0.62653 -0.10882 -0.13681 0.38606  10 DT A N1    
474 C C2    . DT C 9  ? 0.50819 0.69791 0.61775 -0.11071 -0.14232 0.37759  10 DT A C2    
475 O O2    . DT C 9  ? 0.49347 0.68775 0.61300 -0.12527 -0.15092 0.37202  10 DT A O2    
476 N N3    . DT C 9  ? 0.57416 0.72793 0.64878 -0.09439 -0.13749 0.37651  10 DT A N3    
477 C C4    . DT C 9  ? 0.56507 0.70718 0.62162 -0.07545 -0.12714 0.38271  10 DT A C4    
478 O O4    . DT C 9  ? 0.59958 0.70391 0.61957 -0.06046 -0.12397 0.38085  10 DT A O4    
479 C C5    . DT C 9  ? 0.54861 0.72487 0.63160 -0.07407 -0.12056 0.39219  10 DT A C5    
480 C C7    . DT C 9  ? 0.57281 0.74110 0.64079 -0.05365 -0.10810 0.40087  10 DT A C7    
481 C C6    . DT C 9  ? 0.51382 0.72731 0.63404 -0.09118 -0.12608 0.39356  10 DT A C6    
482 P P     . DG C 10 ? 0.38663 0.71834 0.63202 -0.17673 -0.16416 0.38668  11 DG A P     
483 O OP1   . DG C 10 ? 0.40052 0.73671 0.65208 -0.17262 -0.16484 0.39850  11 DG A OP1   
484 O OP2   . DG C 10 ? 0.36293 0.71298 0.62280 -0.18548 -0.16457 0.38119  11 DG A OP2   
485 O "O5'" . DG C 10 ? 0.39026 0.70072 0.61984 -0.18370 -0.17087 0.37627  11 DG A "O5'" 
486 C "C5'" . DG C 10 ? 0.41064 0.69216 0.61460 -0.17388 -0.16876 0.37209  11 DG A "C5'" 
487 C "C4'" . DG C 10 ? 0.39971 0.67210 0.59720 -0.18304 -0.17310 0.35969  11 DG A "C4'" 
488 O "O4'" . DG C 10 ? 0.41599 0.66454 0.59053 -0.17225 -0.16832 0.35586  11 DG A "O4'" 
489 C "C3'" . DG C 10 ? 0.37118 0.66510 0.58572 -0.19502 -0.17528 0.35351  11 DG A "C3'" 
490 O "O3'" . DG C 10 ? 0.36851 0.64593 0.56986 -0.19999 -0.17857 0.34041  11 DG A "O3'" 
491 C "C2'" . DG C 10 ? 0.37659 0.66759 0.58278 -0.18334 -0.16675 0.35457  11 DG A "C2'" 
492 C "C1'" . DG C 10 ? 0.40183 0.65869 0.57901 -0.17371 -0.16507 0.35081  11 DG A "C1'" 
493 N N9    . DG C 10 ? 0.51825 0.75802 0.67487 -0.15622 -0.15540 0.35444  11 DG A N9    
494 C C8    . DG C 10 ? 0.68927 0.94217 0.85158 -0.14613 -0.14670 0.36274  11 DG A C8    
495 N N7    . DG C 10 ? 0.72381 0.95181 0.85904 -0.12874 -0.13789 0.36477  11 DG A N7    
496 C C5    . DG C 10 ? 0.53612 0.73199 0.64628 -0.12825 -0.14221 0.35684  11 DG A C5    
497 C C6    . DG C 10 ? 0.59148 0.74784 0.66394 -0.11285 -0.13756 0.35489  11 DG A C6    
498 O O6    . DG C 10 ? 0.69138 0.83049 0.74113 -0.09487 -0.12757 0.35951  11 DG A O6    
499 N N1    . DG C 10 ? 0.51249 0.64699 0.57267 -0.11953 -0.14607 0.34714  11 DG A N1    
500 C C2    . DG C 10 ? 0.48885 0.63858 0.57051 -0.13783 -0.15638 0.34254  11 DG A C2    
501 N N2    . DG C 10 ? 0.50014 0.62660 0.56826 -0.14186 -0.16338 0.33679  11 DG A N2    
502 N N3    . DG C 10 ? 0.45880 0.64279 0.57188 -0.15075 -0.15980 0.34405  11 DG A N3    
503 C C4    . DG C 10 ? 0.45148 0.65646 0.57698 -0.14535 -0.15283 0.35104  11 DG A C4    
504 P P     . DT C 11 ? 0.36997 0.63546 0.56209 -0.20270 -0.18017 0.33040  12 DT A P     
505 O OP1   . DT C 11 ? 0.82945 1.10207 1.03201 -0.20610 -0.18552 0.34384  12 DT A OP1   
506 O OP2   . DT C 11 ? 0.36161 0.62550 0.54726 -0.19982 -0.17441 0.31833  12 DT A OP2   
507 O "O5'" . DT C 11 ? 0.37246 0.61977 0.55152 -0.20526 -0.18338 0.32134  12 DT A "O5'" 
508 C "C5'" . DT C 11 ? 0.36545 0.60233 0.53200 -0.20313 -0.17941 0.30701  12 DT A "C5'" 
509 C "C4'" . DT C 11 ? 0.36962 0.59794 0.53115 -0.20508 -0.18297 0.30790  12 DT A "C4'" 
510 O "O4'" . DT C 11 ? 0.37144 0.61308 0.54379 -0.20461 -0.18363 0.32134  12 DT A "O4'" 
511 C "C3'" . DT C 11 ? 0.36407 0.58097 0.51209 -0.20357 -0.17970 0.29431  12 DT A "C3'" 
512 O "O3'" . DT C 11 ? 0.37017 0.57035 0.50856 -0.20672 -0.18434 0.28890  12 DT A "O3'" 
513 C "C2'" . DT C 11 ? 0.36396 0.58921 0.51562 -0.20310 -0.17923 0.30203  12 DT A "C2'" 
514 C "C1'" . DT C 11 ? 0.37738 0.60450 0.53413 -0.20073 -0.18129 0.31618  12 DT A "C1'" 
515 N N1    . DT C 11 ? 0.39080 0.61497 0.53766 -0.18562 -0.17077 0.32236  12 DT A N1    
516 C C2    . DT C 11 ? 0.42106 0.61427 0.53882 -0.17075 -0.16485 0.32342  12 DT A C2    
517 O O2    . DT C 11 ? 0.43689 0.60518 0.53775 -0.17033 -0.16885 0.31947  12 DT A O2    
518 N N3    . DT C 11 ? 0.43464 0.62603 0.54287 -0.15563 -0.15410 0.33005  12 DT A N3    
519 C C4    . DT C 11 ? 0.41921 0.63897 0.54747 -0.15497 -0.14928 0.33632  12 DT A C4    
520 O O4    . DT C 11 ? 0.43461 0.65110 0.55334 -0.14008 -0.13890 0.34343  12 DT A O4    
521 C C5    . DT C 11 ? 0.39134 0.64351 0.55155 -0.17243 -0.15740 0.33466  12 DT A C5    
522 C C7    . DT C 11 ? 0.36858 0.65282 0.55351 -0.17419 -0.15484 0.34166  12 DT A C7    
523 C C6    . DT C 11 ? 0.37493 0.62624 0.54093 -0.18626 -0.16734 0.32747  12 DT A C6    
524 P P     . DG C 12 ? 0.36829 0.56018 0.50115 -0.20614 -0.18326 0.27912  13 DG A P     
525 O OP1   . DG C 12 ? 0.37663 0.55375 0.50279 -0.20959 -0.18915 0.27744  13 DG A OP1   
526 O OP2   . DG C 12 ? 0.36901 0.57149 0.51118 -0.20633 -0.18331 0.28576  13 DG A OP2   
527 O "O5'" . DG C 12 ? 0.35702 0.54644 0.48161 -0.20164 -0.17568 0.26514  13 DG A "O5'" 
528 C "C5'" . DG C 12 ? 0.35231 0.54088 0.47500 -0.19975 -0.17247 0.25786  13 DG A "C5'" 
529 C "C4'" . DG C 12 ? 0.34458 0.52530 0.45731 -0.19653 -0.16749 0.24448  13 DG A "C4'" 
530 O "O4'" . DG C 12 ? 0.33703 0.52443 0.45045 -0.19348 -0.16223 0.24058  13 DG A "O4'" 
531 C "C3'" . DG C 12 ? 0.34388 0.51797 0.45261 -0.19612 -0.16717 0.23804  13 DG A "C3'" 
532 O "O3'" . DG C 12 ? 0.34663 0.50977 0.44891 -0.19693 -0.16923 0.23416  13 DG A "O3'" 
533 C "C2'" . DG C 12 ? 0.33494 0.51003 0.43989 -0.19249 -0.16109 0.22868  13 DG A "C2'" 
534 C "C1'" . DG C 12 ? 0.33258 0.51682 0.44214 -0.19171 -0.15921 0.23232  13 DG A "C1'" 
535 N N9    . DG C 12 ? 0.34953 0.54191 0.46572 -0.19296 -0.16002 0.23792  13 DG A N9    
536 C C8    . DG C 12 ? 0.33977 0.54158 0.46503 -0.19512 -0.16290 0.24913  13 DG A C8    
537 N N7    . DG C 12 ? 0.34258 0.54952 0.47165 -0.19683 -0.16390 0.25297  13 DG A N7    
538 C C5    . DG C 12 ? 0.33925 0.53988 0.46117 -0.19584 -0.16157 0.24392  13 DG A C5    
539 C C6    . DG C 12 ? 0.34219 0.54406 0.46356 -0.19798 -0.16242 0.24467  13 DG A C6    
540 O O6    . DG C 12 ? 0.34922 0.55747 0.47596 -0.20168 -0.16590 0.25373  13 DG A O6    
541 N N1    . DG C 12 ? 0.39025 0.58504 0.50394 -0.19622 -0.15960 0.23504  13 DG A N1    
542 C C2    . DG C 12 ? 0.37420 0.56171 0.48192 -0.19261 -0.15628 0.22569  13 DG A C2    
543 N N2    . DG C 12 ? 0.40195 0.58434 0.50378 -0.19132 -0.15400 0.21826  13 DG A N2    
544 N N3    . DG C 12 ? 0.32925 0.51467 0.43674 -0.19112 -0.15596 0.22498  13 DG A N3    
545 C C4    . DG C 12 ? 0.33367 0.52586 0.44822 -0.19298 -0.15875 0.23443  13 DG A C4    
546 P P     . DG C 13 ? 0.35308 0.51118 0.45643 -0.19926 -0.17377 0.23624  14 DG A P     
547 O OP1   . DG C 13 ? 0.35737 0.50316 0.45372 -0.20050 -0.17662 0.23272  14 DG A OP1   
548 O OP2   . DG C 13 ? 0.36112 0.52637 0.47375 -0.20287 -0.17904 0.24862  14 DG A OP2   
549 O "O5'" . DG C 13 ? 0.34588 0.50614 0.44785 -0.19627 -0.16903 0.22914  14 DG A "O5'" 
550 C "C5'" . DG C 13 ? 0.33857 0.49255 0.43281 -0.19287 -0.16426 0.21797  14 DG A "C5'" 
551 C "C4'" . DG C 13 ? 0.33240 0.49062 0.42662 -0.19050 -0.16006 0.21341  14 DG A "C4'" 
552 O "O4'" . DG C 13 ? 0.33187 0.49832 0.43023 -0.19092 -0.15920 0.21746  14 DG A "O4'" 
553 C "C3'" . DG C 13 ? 0.33641 0.49712 0.43450 -0.19222 -0.16282 0.21762  14 DG A "C3'" 
554 O "O3'" . DG C 13 ? 0.41599 0.57580 0.51035 -0.18960 -0.15872 0.21032  14 DG A "O3'" 
555 C "C2'" . DG C 13 ? 0.34210 0.51233 0.44745 -0.19542 -0.16592 0.22821  14 DG A "C2'" 
556 C "C1'" . DG C 13 ? 0.33631 0.50857 0.43934 -0.19332 -0.16163 0.22379  14 DG A "C1'" 
557 N N9    . DG C 13 ? 0.34186 0.52179 0.45132 -0.19627 -0.16466 0.23360  14 DG A N9    
558 C C8    . DG C 13 ? 0.40325 0.58524 0.51717 -0.19799 -0.16780 0.24064  14 DG A C8    
559 N N7    . DG C 13 ? 0.51763 0.70772 0.63790 -0.20065 -0.17030 0.24985  14 DG A N7    
560 C C5    . DG C 13 ? 0.47053 0.66319 0.58956 -0.20129 -0.16927 0.24891  14 DG A C5    
561 C C6    . DG C 13 ? 0.44554 0.64552 0.56878 -0.20496 -0.17208 0.25753  14 DG A C6    
562 O O6    . DG C 13 ? 0.36377 0.57027 0.49365 -0.20791 -0.17575 0.26782  14 DG A O6    
563 N N1    . DG C 13 ? 0.56641 0.76570 0.68547 -0.20570 -0.17110 0.25454  14 DG A N1    
564 C C2    . DG C 13 ? 0.56574 0.75902 0.67844 -0.20261 -0.16729 0.24445  14 DG A C2    
565 N N2    . DG C 13 ? 0.78237 0.97640 0.89202 -0.20441 -0.16742 0.24434  14 DG A N2    
566 N N3    . DG C 13 ? 0.34413 0.53111 0.45362 -0.19873 -0.16432 0.23625  14 DG A N3    
567 C C4    . DG C 13 ? 0.38479 0.57143 0.49729 -0.19856 -0.16574 0.23903  14 DG A C4    
568 P P     . DT C 14 ? 0.88845 1.05050 0.98600 -0.19086 -0.16107 0.21381  15 DT A P     
569 O OP1   . DT C 14 ? 0.38250 0.53650 0.47443 -0.18808 -0.15857 0.20485  15 DT A OP1   
570 O OP2   . DT C 14 ? 0.55436 0.72155 0.66024 -0.19536 -0.16791 0.22671  15 DT A OP2   
571 O "O5'" . DT C 14 ? 0.72912 0.89789 0.82716 -0.19108 -0.15911 0.21487  15 DT A "O5'" 
572 C "C5'" . DT C 14 ? 0.50593 0.68038 0.60626 -0.19327 -0.16009 0.22035  15 DT A "C5'" 
573 C "C4'" . DT C 14 ? 0.43039 0.61335 0.53462 -0.19720 -0.16320 0.22991  15 DT A "C4'" 
574 O "O4'" . DT C 14 ? 0.37873 0.56773 0.48678 -0.20112 -0.16662 0.23926  15 DT A "O4'" 
575 C "C3'" . DT C 14 ? 0.46949 0.65861 0.58099 -0.20034 -0.16821 0.24087  15 DT A "C3'" 
576 O "O3'" . DT C 14 ? 0.46299 0.65944 0.57612 -0.20284 -0.16937 0.24714  15 DT A "O3'" 
577 C "C2'" . DT C 14 ? 0.39765 0.59275 0.51676 -0.20478 -0.17407 0.25406  15 DT A "C2'" 
578 C "C1'" . DT C 14 ? 0.52756 0.72471 0.64418 -0.20610 -0.17325 0.25455  15 DT A "C1'" 
579 N N1    . DT C 14 ? 0.64228 0.84158 0.76325 -0.20832 -0.17648 0.26147  15 DT A N1    
580 C C2    . DT C 14 ? 0.72493 0.93108 0.84886 -0.21281 -0.18003 0.27146  15 DT A C2    
581 O O2    . DT C 14 ? 0.83826 1.04810 0.96048 -0.21563 -0.18110 0.27502  15 DT A O2    
582 N N3    . DT C 14 ? 0.60284 0.81131 0.73176 -0.21460 -0.18314 0.27835  15 DT A N3    
583 C C4    . DT C 14 ? 0.50461 0.70921 0.63550 -0.21265 -0.18319 0.27654  15 DT A C4    
584 O O4    . DT C 14 ? 0.37975 0.58748 0.51574 -0.21472 -0.18642 0.28425  15 DT A O4    
585 C C5    . DT C 14 ? 0.51611 0.71261 0.64263 -0.20868 -0.18001 0.26615  15 DT A C5    
586 C C7    . DT C 14 ? 0.47702 0.66757 0.60400 -0.20773 -0.18127 0.26466  15 DT A C7    
587 C C6    . DT C 14 ? 0.48895 0.68340 0.61102 -0.20662 -0.17680 0.25918  15 DT A C6    
588 P P     . DC D 1  ? 1.20430 1.13855 0.84928 0.24902  -0.40289 0.32680  9  DC E P     
589 O OP1   . DC D 1  ? 1.20415 1.14162 0.85184 0.24921  -0.40481 0.32680  9  DC E OP1   
590 O OP2   . DC D 1  ? 1.20359 1.13184 0.84402 0.24748  -0.40035 0.32549  9  DC E OP2   
591 O "O5'" . DC D 1  ? 1.20598 1.14100 0.85290 0.25111  -0.40370 0.32750  9  DC E "O5'" 
592 C "C5'" . DC D 1  ? 1.20612 1.13680 0.85096 0.25125  -0.40225 0.32662  9  DC E "C5'" 
593 C "C4'" . DC D 1  ? 1.20711 1.13897 0.85458 0.25276  -0.40377 0.32666  9  DC E "C4'" 
594 O "O4'" . DC D 1  ? 1.23399 1.16533 0.88190 0.25433  -0.40365 0.32717  9  DC E "O4'" 
595 C "C3'" . DC D 1  ? 1.20806 1.14539 0.85991 0.25402  -0.40661 0.32768  9  DC E "C3'" 
596 O "O3'" . DC D 1  ? 1.20830 1.14562 0.86179 0.25466  -0.40765 0.32714  9  DC E "O3'" 
597 C "C2'" . DC D 1  ? 1.21025 1.15029 0.86409 0.25596  -0.40783 0.32919  9  DC E "C2'" 
598 C "C1'" . DC D 1  ? 1.21017 1.14620 0.86163 0.25609  -0.40581 0.32876  9  DC E "C1'" 
599 N N1    . DC D 1  ? 1.21061 1.14664 0.86096 0.25619  -0.40492 0.32964  9  DC E N1    
600 C C2    . DC D 1  ? 1.21119 1.14485 0.86038 0.25698  -0.40373 0.32967  9  DC E C2    
601 O O2    . DC D 1  ? 1.21144 1.14306 0.86047 0.25763  -0.40346 0.32895  9  DC E O2    
602 N N3    . DC D 1  ? 1.21151 1.14526 0.85981 0.25702  -0.40294 0.33049  9  DC E N3    
603 C C4    . DC D 1  ? 1.21135 1.14728 0.85976 0.25630  -0.40329 0.33125  9  DC E C4    
604 N N4    . DC D 1  ? 1.21171 1.14762 0.85923 0.25634  -0.40250 0.33208  9  DC E N4    
605 C C5    . DC D 1  ? 1.21086 1.14916 0.86028 0.25553  -0.40449 0.33119  9  DC E C5    
606 C C6    . DC D 1  ? 1.21047 1.14878 0.86088 0.25552  -0.40526 0.33037  9  DC E C6    
607 P P     . DG D 2  ? 1.20910 1.15128 0.86678 0.25570  -0.41059 0.32765  10 DG E P     
608 O OP1   . DG D 2  ? 1.20728 1.14800 0.86410 0.25412  -0.41010 0.32648  10 DG E OP1   
609 O OP2   . DG D 2  ? 1.21030 1.15662 0.86960 0.25631  -0.41211 0.32887  10 DG E OP2   
610 O "O5'" . DG D 2  ? 1.21120 1.15436 0.87169 0.25804  -0.41224 0.32808  10 DG E "O5'" 
611 C "C5'" . DG D 2  ? 1.21086 1.14989 0.86938 0.25798  -0.41059 0.32729  10 DG E "C5'" 
612 C "C4'" . DG D 2  ? 1.21326 1.15332 0.87356 0.26030  -0.41158 0.32828  10 DG E "C4'" 
613 O "O4'" . DG D 2  ? 1.21396 1.15461 0.87329 0.26047  -0.41099 0.32928  10 DG E "O4'" 
614 C "C3'" . DG D 2  ? 1.21590 1.16047 0.88081 0.26269  -0.41492 0.32929  10 DG E "C3'" 
615 O "O3'" . DG D 2  ? 1.21757 1.16125 0.88349 0.26448  -0.41534 0.32950  10 DG E "O3'" 
616 C "C2'" . DG D 2  ? 1.21788 1.16577 0.88373 0.26351  -0.41624 0.33079  10 DG E "C2'" 
617 C "C1'" . DG D 2  ? 1.21702 1.16177 0.87960 0.26270  -0.41363 0.33085  10 DG E "C1'" 
618 N N9    . DG D 2  ? 1.21766 1.16405 0.87953 0.26238  -0.41363 0.33189  10 DG E N9    
619 C C8    . DG D 2  ? 1.21785 1.16718 0.88042 0.26186  -0.41485 0.33232  10 DG E C8    
620 N N7    . DG D 2  ? 1.21862 1.16870 0.88008 0.26166  -0.41452 0.33329  10 DG E N7    
621 C C5    . DG D 2  ? 1.21882 1.16636 0.87888 0.26207  -0.41298 0.33353  10 DG E C5    
622 C C6    . DG D 2  ? 1.21951 1.16658 0.87809 0.26209  -0.41200 0.33449  10 DG E C6    
623 O O6    . DG D 2  ? 1.22021 1.16891 0.87826 0.26170  -0.41231 0.33536  10 DG E O6    
624 N N1    . DG D 2  ? 1.21946 1.16384 0.87711 0.26266  -0.41059 0.33437  10 DG E N1    
625 C C2    . DG D 2  ? 1.21892 1.16125 0.87685 0.26317  -0.41017 0.33341  10 DG E C2    
626 N N2    . DG D 2  ? 1.21910 1.15904 0.87594 0.26378  -0.40882 0.33340  10 DG E N2    
627 N N3    . DG D 2  ? 1.21834 1.16094 0.87751 0.26311  -0.41105 0.33251  10 DG E N3    
628 C C4    . DG D 2  ? 1.21825 1.16355 0.87854 0.26255  -0.41243 0.33265  10 DG E C4    
629 P P     . DG D 3  ? 1.21764 1.16079 0.88544 0.26524  -0.41633 0.32866  11 DG E P     
630 O OP1   . DG D 3  ? 1.21466 1.15374 0.87918 0.26278  -0.41395 0.32705  11 DG E OP1   
631 O OP2   . DG D 3  ? 1.21978 1.16760 0.89191 0.26698  -0.41973 0.32939  11 DG E OP2   
632 O "O5'" . DG D 3  ? 1.21949 1.16108 0.88740 0.26709  -0.41612 0.32902  11 DG E "O5'" 
633 C "C5'" . DG D 3  ? 1.21846 1.15626 0.88275 0.26622  -0.41340 0.32861  11 DG E "C5'" 
634 C "C4'" . DG D 3  ? 1.22100 1.15995 0.88614 0.26820  -0.41394 0.33004  11 DG E "C4'" 
635 O "O4'" . DG D 3  ? 1.22190 1.16346 0.88730 0.26814  -0.41458 0.33130  11 DG E "O4'" 
636 C "C3'" . DG D 3  ? 1.22431 1.16565 0.89304 0.27104  -0.41654 0.33100  11 DG E "C3'" 
637 O "O3'" . DG D 3  ? 1.22564 1.16553 0.89347 0.27224  -0.41566 0.33159  11 DG E "O3'" 
638 C "C2'" . DG D 3  ? 1.22693 1.17280 0.89832 0.27218  -0.41933 0.33247  11 DG E "C2'" 
639 C "C1'" . DG D 3  ? 1.22580 1.17107 0.89450 0.27065  -0.41758 0.33291  11 DG E "C1'" 
640 N N9    . DG D 3  ? 1.22657 1.17502 0.89611 0.27030  -0.41908 0.33366  11 DG E N9    
641 C C8    . DG D 3  ? 1.22605 1.17668 0.89720 0.26983  -0.42057 0.33320  11 DG E C8    
642 N N7    . DG D 3  ? 1.22700 1.18012 0.89824 0.26954  -0.42160 0.33398  11 DG E N7    
643 C C5    . DG D 3  ? 1.22811 1.18051 0.89759 0.26972  -0.42063 0.33504  11 DG E C5    
644 C C6    . DG D 3  ? 1.22956 1.18363 0.89816 0.26951  -0.42105 0.33623  11 DG E C6    
645 O O6    . DG D 3  ? 1.23028 1.18690 0.89940 0.26919  -0.42248 0.33654  11 DG E O6    
646 N N1    . DG D 3  ? 1.23035 1.18289 0.89726 0.26979  -0.41973 0.33711  11 DG E N1    
647 C C2    . DG D 3  ? 1.22976 1.17960 0.89600 0.27025  -0.41818 0.33682  11 DG E C2    
648 N N2    . DG D 3  ? 1.23064 1.17947 0.89539 0.27050  -0.41709 0.33780  11 DG E N2    
649 N N3    . DG D 3  ? 1.29543 1.24364 0.96235 0.27048  -0.41778 0.33567  11 DG E N3    
650 C C4    . DG D 3  ? 1.22775 1.17733 0.89626 0.27016  -0.41904 0.33486  11 DG E C4    
651 P P     . DA D 4  ? 1.33464 1.27590 1.00534 0.27532  -0.41774 0.33261  12 DA E P     
652 O OP1   . DA D 4  ? 1.22815 1.16576 0.89702 0.27531  -0.41574 0.33155  12 DA E OP1   
653 O OP2   . DA D 4  ? 1.42215 1.36662 1.09654 0.27683  -0.42091 0.33296  12 DA E OP2   
654 O "O5'" . DA D 4  ? 1.23222 1.17516 0.90298 0.27657  -0.41839 0.33455  12 DA E "O5'" 
655 C "C5'" . DA D 4  ? 1.23061 1.17302 0.89891 0.27481  -0.41668 0.33479  12 DA E "C5'" 
656 C "C4'" . DA D 4  ? 1.23440 1.17917 0.90351 0.27638  -0.41825 0.33693  12 DA E "C4'" 
657 O "O4'" . DA D 4  ? 1.23496 1.18225 0.90433 0.27565  -0.41949 0.33753  12 DA E "O4'" 
658 C "C3'" . DA D 4  ? 1.23936 1.18616 0.91133 0.27952  -0.42125 0.33830  12 DA E "C3'" 
659 O "O3'" . DA D 4  ? 1.31724 1.26430 0.98867 0.28083  -0.42151 0.34007  12 DA E "O3'" 
660 C "C2'" . DA D 4  ? 1.28443 1.23463 0.95857 0.28012  -0.42423 0.33877  12 DA E "C2'" 
661 C "C1'" . DA D 4  ? 1.24001 1.19054 0.91201 0.27811  -0.42304 0.33906  12 DA E "C1'" 
662 N N9    . DA D 4  ? 1.24005 1.19309 0.91300 0.27746  -0.42468 0.33888  12 DA E N9    
663 C C8    . DA D 4  ? 1.23893 1.19304 0.91376 0.27729  -0.42583 0.33776  12 DA E C8    
664 N N7    . DA D 4  ? 1.35918 1.31571 1.03453 0.27668  -0.42721 0.33786  12 DA E N7    
665 C C5    . DA D 4  ? 1.33432 1.29129 1.00786 0.27641  -0.42692 0.33913  12 DA E C5    
666 C C6    . DA D 4  ? 1.26757 1.22669 0.94048 0.27580  -0.42796 0.33983  12 DA E C6    
667 N N6    . DA D 4  ? 1.24164 1.20309 0.91583 0.27537  -0.42954 0.33929  12 DA E N6    
668 N N1    . DA D 4  ? 1.24335 1.20216 0.91424 0.27564  -0.42728 0.34111  12 DA E N1    
669 C C2    . DA D 4  ? 1.24353 1.20015 0.91331 0.27609  -0.42572 0.34165  12 DA E C2    
670 N N3    . DA D 4  ? 1.24252 1.19711 0.91279 0.27673  -0.42468 0.34107  12 DA E N3    
671 C C4    . DA D 4  ? 1.24119 1.19601 0.91328 0.27685  -0.42536 0.33979  12 DA E C4    
672 P P     . DC D 5  ? 1.24525 1.19129 0.91742 0.28320  -0.42180 0.34087  13 DC E P     
673 O OP1   . DC D 5  ? 1.24103 1.18368 0.91114 0.28176  -0.41848 0.33935  13 DC E OP1   
674 O OP2   . DC D 5  ? 1.24899 1.19690 0.92420 0.28569  -0.42494 0.34123  13 DC E OP2   
675 O "O5'" . DC D 5  ? 1.24928 1.19628 0.92070 0.28435  -0.42260 0.34318  13 DC E "O5'" 
676 C "C5'" . DC D 5  ? 1.24803 1.19535 0.91754 0.28254  -0.42158 0.34361  13 DC E "C5'" 
677 C "C4'" . DC D 5  ? 1.25347 1.20361 0.92365 0.28400  -0.42473 0.34558  13 DC E "C4'" 
678 O "O4'" . DC D 5  ? 1.25264 1.20469 0.92359 0.28307  -0.42601 0.34482  13 DC E "O4'" 
679 C "C3'" . DC D 5  ? 1.26012 1.21157 0.93223 0.28744  -0.42807 0.34721  13 DC E "C3'" 
680 O "O3'" . DC D 5  ? 1.26531 1.21770 0.93633 0.28862  -0.42966 0.34946  13 DC E "O3'" 
681 C "C2'" . DC D 5  ? 1.26141 1.21505 0.93577 0.28817  -0.43074 0.34653  13 DC E "C2'" 
682 C "C1'" . DC D 5  ? 1.25865 1.21319 0.93165 0.28572  -0.42996 0.34605  13 DC E "C1'" 
683 N N1    . DC D 5  ? 1.25730 1.21363 0.93197 0.28516  -0.43134 0.34478  13 DC E N1    
684 C C2    . DC D 5  ? 1.25751 1.21568 0.93153 0.28406  -0.43219 0.34497  13 DC E C2    
685 O O2    . DC D 5  ? 1.25880 1.21697 0.93079 0.28354  -0.43176 0.34617  13 DC E O2    
686 N N3    . DC D 5  ? 1.25628 1.21620 0.93191 0.28356  -0.43346 0.34385  13 DC E N3    
687 C C4    . DC D 5  ? 1.25492 1.21475 0.93276 0.28412  -0.43390 0.34261  13 DC E C4    
688 N N4    . DC D 5  ? 1.25371 1.21536 0.93319 0.28360  -0.43519 0.34156  13 DC E N4    
689 C C5    . DC D 5  ? 1.25479 1.21267 0.93325 0.28527  -0.43308 0.34240  13 DC E C5    
690 C C6    . DC D 5  ? 1.25603 1.21225 0.93285 0.28577  -0.43182 0.34350  13 DC E C6    
691 P P     . DA D 6  ? 1.27059 1.22213 0.94131 0.29115  -0.43054 0.35153  14 DA E P     
692 O OP1   . DA D 6  ? 1.26621 1.21535 0.93544 0.28963  -0.42693 0.35109  14 DA E OP1   
693 O OP2   . DA D 6  ? 1.27500 1.22724 0.94806 0.29411  -0.43331 0.35184  14 DA E OP2   
694 O "O5'" . DA D 6  ? 1.27641 1.22929 0.94552 0.29194  -0.43274 0.35381  14 DA E "O5'" 
695 C "C5'" . DA D 6  ? 1.27329 1.22639 0.94050 0.28938  -0.43112 0.35358  14 DA E "C5'" 
696 C "C4'" . DA D 6  ? 1.27772 1.23319 0.94470 0.28996  -0.43424 0.35441  14 DA E "C4'" 
697 O "O4'" . DA D 6  ? 1.27540 1.23229 0.94438 0.28952  -0.43517 0.35265  14 DA E "O4'" 
698 C "C3'" . DA D 6  ? 1.28740 1.24381 0.95424 0.29339  -0.43842 0.35679  14 DA E "C3'" 
699 O "O3'" . DA D 6  ? 1.29109 1.24845 0.95575 0.29314  -0.43981 0.35814  14 DA E "O3'" 
700 C "C2'" . DA D 6  ? 1.28963 1.24769 0.95915 0.29520  -0.44136 0.35593  14 DA E "C2'" 
701 C "C1'" . DA D 6  ? 1.28268 1.24164 0.95274 0.29224  -0.43958 0.35377  14 DA E "C1'" 
702 N N9    . DA D 6  ? 1.28092 1.24093 0.95381 0.29269  -0.44064 0.35209  14 DA E N9    
703 C C8    . DA D 6  ? 1.27958 1.23871 0.95449 0.29374  -0.44025 0.35122  14 DA E C8    
704 N N7    . DA D 6  ? 1.27806 1.23849 0.95535 0.29386  -0.44141 0.34973  14 DA E N7    
705 C C5    . DA D 6  ? 1.27833 1.24071 0.95519 0.29282  -0.44262 0.34961  14 DA E C5    
706 C C6    . DA D 6  ? 1.27719 1.24170 0.95590 0.29240  -0.44420 0.34835  14 DA E C6    
707 N N6    . DA D 6  ? 1.27544 1.24048 0.95696 0.29298  -0.44484 0.34693  14 DA E N6    
708 N N1    . DA D 6  ? 1.27794 1.24409 0.95552 0.29135  -0.44512 0.34862  14 DA E N1    
709 C C2    . DA D 6  ? 1.27976 1.24537 0.95450 0.29076  -0.44449 0.35006  14 DA E C2    
710 N N3    . DA D 6  ? 1.28096 1.24459 0.95379 0.29105  -0.44304 0.35134  14 DA E N3    
711 C C4    . DA D 6  ? 1.28012 1.24224 0.95421 0.29209  -0.44215 0.35104  14 DA E C4    
712 P P     . DG D 7  ? 1.30037 1.25725 0.96276 0.29566  -0.44244 0.36113  15 DG E P     
713 O OP1   . DG D 7  ? 1.29750 1.25286 0.95762 0.29374  -0.43936 0.36184  15 DG E OP1   
714 O OP2   . DG D 7  ? 1.30593 1.26237 0.96973 0.29897  -0.44480 0.36201  15 DG E OP2   
715 O "O5'" . DG D 7  ? 1.30632 1.26523 0.96758 0.29647  -0.44612 0.36194  15 DG E "O5'" 
716 C "C5'" . DG D 7  ? 1.30145 1.26151 0.96212 0.29369  -0.44474 0.36075  15 DG E "C5'" 
717 C "C4'" . DG D 7  ? 1.30456 1.26704 0.96645 0.29467  -0.44821 0.36013  15 DG E "C4'" 
718 O "O4'" . DG D 7  ? 1.30076 1.26384 0.96602 0.29493  -0.44807 0.35823  15 DG E "O4'" 
719 C "C3'" . DG D 7  ? 1.31619 1.27943 0.97698 0.29832  -0.45349 0.36224  15 DG E "C3'" 
720 O "O3'" . DG D 7  ? 1.31896 1.28387 0.97823 0.29781  -0.45553 0.36247  15 DG E "O3'" 
721 C "C2'" . DG D 7  ? 1.31829 1.28246 0.98238 0.30080  -0.45599 0.36139  15 DG E "C2'" 
722 C "C1'" . DG D 7  ? 1.30792 1.27280 0.97452 0.29786  -0.45276 0.35864  15 DG E "C1'" 
723 N N9    . DG D 7  ? 1.30598 1.27097 0.97593 0.29904  -0.45296 0.35734  15 DG E N9    
724 C C8    . DG D 7  ? 1.30548 1.26872 0.97630 0.30016  -0.45174 0.35753  15 DG E C8    
725 N N7    . DG D 7  ? 1.30362 1.26741 0.97753 0.30103  -0.45225 0.35610  15 DG E N7    
726 C C5    . DG D 7  ? 1.30272 1.26881 0.97796 0.30043  -0.45390 0.35489  15 DG E C5    
727 C C6    . DG D 7  ? 1.30072 1.26839 0.97932 0.30089  -0.45513 0.35314  15 DG E C6    
728 O O6    . DG D 7  ? 1.29936 1.26660 0.98040 0.30198  -0.45498 0.35226  15 DG E O6    
729 N N1    . DG D 7  ? 1.30044 1.27040 0.97947 0.29997  -0.45670 0.35240  15 DG E N1    
730 C C2    . DG D 7  ? 1.30197 1.27256 0.97838 0.29877  -0.45702 0.35324  15 DG E C2    
731 N N2    . DG D 7  ? 1.30146 1.27439 0.97873 0.29803  -0.45862 0.35231  15 DG E N2    
732 N N3    . DG D 7  ? 1.30388 1.27296 0.97706 0.29833  -0.45587 0.35486  15 DG E N3    
733 C C4    . DG D 7  ? 1.30412 1.27100 0.97697 0.29920  -0.45435 0.35562  15 DG E C4    
734 P P     . DT D 8  ? 1.33141 1.29733 0.98917 0.30142  -0.46153 0.36429  16 DT E P     
735 O OP1   . DT D 8  ? 1.33326 1.29984 0.98799 0.30003  -0.46209 0.36498  16 DT E OP1   
736 O OP2   . DT D 8  ? 1.33925 1.30339 0.99605 0.30470  -0.46352 0.36631  16 DT E OP2   
737 O "O5'" . DT D 8  ? 1.33118 1.29952 0.99255 0.30253  -0.46412 0.36250  16 DT E "O5'" 
738 C "C5'" . DT D 8  ? 1.32274 1.29273 0.98591 0.29958  -0.46197 0.36025  16 DT E "C5'" 
739 C "C4'" . DT D 8  ? 1.32692 1.29959 0.99206 0.30129  -0.46629 0.35948  16 DT E "C4'" 
740 O "O4'" . DT D 8  ? 1.32396 1.29728 0.99311 0.30223  -0.46643 0.35792  16 DT E "O4'" 
741 C "C3'" . DT D 8  ? 1.33993 1.31304 1.00328 0.30522  -0.47212 0.36146  16 DT E "C3'" 
742 O "O3'" . DT D 8  ? 1.34269 1.31832 1.00638 0.30544  -0.47532 0.36080  16 DT E "O3'" 
743 C "C2'" . DT D 8  ? 1.34407 1.31685 1.01002 0.30865  -0.47437 0.36155  16 DT E "C2'" 
744 C "C1'" . DT D 8  ? 1.33380 1.30765 1.00391 0.30657  -0.47143 0.35894  16 DT E "C1'" 
745 N N1    . DT D 8  ? 1.33184 1.30428 1.00414 0.30777  -0.47004 0.35864  16 DT E N1    
746 C C2    . DT D 8  ? 1.32913 1.30293 1.00549 0.30855  -0.47076 0.35688  16 DT E C2    
747 O O2    . DT D 8  ? 1.32824 1.30441 1.00667 0.30834  -0.47254 0.35554  16 DT E O2    
748 N N3    . DT D 8  ? 1.32755 1.29986 1.00552 0.30961  -0.46935 0.35674  16 DT E N3    
749 C C4    . DT D 8  ? 1.32834 1.29805 1.00439 0.30995  -0.46733 0.35815  16 DT E C4    
750 O O4    . DT D 8  ? 1.32686 1.29541 1.00455 0.31095  -0.46621 0.35789  16 DT E O4    
751 C C5    . DT D 8  ? 1.33109 1.29957 1.00303 0.30906  -0.46668 0.35997  16 DT E C5    
752 C C7    . DT D 8  ? 1.33216 1.29792 1.00190 0.30934  -0.46459 0.36163  16 DT E C7    
753 C C6    . DT D 8  ? 1.33268 1.30253 1.00294 0.30802  -0.46802 0.36013  16 DT E C6    
754 P P     . DC D 9  ? 1.35680 1.33318 1.01850 0.30952  -0.48206 0.36250  17 DC E P     
755 O OP1   . DC D 9  ? 1.35762 1.33553 1.01732 0.30793  -0.48316 0.36237  17 DC E OP1   
756 O OP2   . DC D 9  ? 1.36489 1.33861 1.02362 0.31213  -0.48329 0.36493  17 DC E OP2   
757 O "O5'" . DC D 9  ? 1.35943 1.33788 1.02555 0.31242  -0.48575 0.36113  17 DC E "O5'" 
758 C "C5'" . DC D 9  ? 1.35193 1.33292 1.02173 0.31047  -0.48487 0.35871  17 DC E "C5'" 
759 C "C4'" . DC D 9  ? 1.35438 1.33683 1.02854 0.31351  -0.48794 0.35763  17 DC E "C4'" 
760 O "O4'" . DC D 9  ? 1.35014 1.33070 1.02584 0.31366  -0.48490 0.35750  17 DC E "O4'" 
761 C "C3'" . DC D 9  ? 1.36851 1.35156 1.04209 0.31872  -0.49482 0.35892  17 DC E "C3'" 
762 O "O3'" . DC D 9  ? 1.36953 1.35548 1.04738 0.32045  -0.49820 0.35718  17 DC E "O3'" 
763 C "C2'" . DC D 9  ? 1.37215 1.35271 1.04532 0.32128  -0.49450 0.36025  17 DC E "C2'" 
764 C "C1'" . DC D 9  ? 1.35972 1.34014 1.03643 0.31842  -0.48931 0.35840  17 DC E "C1'" 
765 N N1    . DC D 9  ? 1.35859 1.33624 1.03465 0.31891  -0.48657 0.35940  17 DC E N1    
766 C C2    . DC D 9  ? 1.35506 1.33269 1.03488 0.31993  -0.48562 0.35825  17 DC E C2    
767 O O2    . DC D 9  ? 1.35276 1.33267 1.03646 0.32034  -0.48700 0.35640  17 DC E O2    
768 N N3    . DC D 9  ? 1.35432 1.32944 1.03344 0.32044  -0.48322 0.35919  17 DC E N3    
769 C C4    . DC D 9  ? 1.35687 1.32968 1.03192 0.31997  -0.48185 0.36121  17 DC E C4    
770 N N4    . DC D 9  ? 1.35602 1.32651 1.03065 0.32048  -0.47955 0.36207  17 DC E N4    
771 C C5    . DC D 9  ? 1.36051 1.33328 1.03173 0.31895  -0.48280 0.36242  17 DC E C5    
772 C C6    . DC D 9  ? 1.36133 1.33652 1.03313 0.31850  -0.48517 0.36147  17 DC E C6    
773 P P     . DA D 10 ? 1.38394 1.37142 1.06200 0.32594  -0.50604 0.35780  18 DA E P     
774 O OP1   . DA D 10 ? 1.38901 1.37747 1.06395 0.32541  -0.50876 0.35836  18 DA E OP1   
775 O OP2   . DA D 10 ? 1.39293 1.37826 1.06960 0.33019  -0.50821 0.35956  18 DA E OP2   
776 O "O5'" . DA D 10 ? 1.38003 1.37060 1.06427 0.32672  -0.50750 0.35527  18 DA E "O5'" 
777 C "C5'" . DA D 10 ? 1.36730 1.35784 1.05489 0.32346  -0.50218 0.35359  18 DA E "C5'" 
778 C "C4'" . DA D 10 ? 1.36881 1.36022 1.06096 0.32675  -0.50415 0.35256  18 DA E "C4'" 
779 O "O4'" . DA D 10 ? 1.36647 1.35503 1.05794 0.32692  -0.50079 0.35341  18 DA E "O4'" 
780 C "C3'" . DA D 10 ? 1.38262 1.37550 1.07558 0.33272  -0.51145 0.35308  18 DA E "C3'" 
781 O "O3'" . DA D 10 ? 1.38138 1.37676 1.07994 0.33468  -0.51345 0.35109  18 DA E "O3'" 
782 C "C2'" . DA D 10 ? 1.38983 1.37968 1.07966 0.33573  -0.51175 0.35531  18 DA E "C2'" 
783 C "C1'" . DA D 10 ? 1.42598 1.41389 1.11698 0.33234  -0.50525 0.35481  18 DA E "C1'" 
784 N N9    . DA D 10 ? 1.61304 1.59750 1.29991 0.33205  -0.50259 0.35696  18 DA E N9    
785 C C8    . DA D 10 ? 1.52198 1.50466 1.20373 0.33087  -0.50207 0.35887  18 DA E C8    
786 N N7    . DA D 10 ? 1.48299 1.46272 1.16209 0.33081  -0.49949 0.36054  18 DA E N7    
787 C C5    . DA D 10 ? 1.38224 1.36173 1.06487 0.33201  -0.49817 0.35968  18 DA E C5    
788 C C6    . DA D 10 ? 1.37845 1.35545 1.06071 0.33252  -0.49543 0.36060  18 DA E C6    
789 N N6    . DA D 10 ? 1.38039 1.35462 1.05849 0.33190  -0.49353 0.36270  18 DA E N6    
790 N N1    . DA D 10 ? 1.37517 1.35268 1.06152 0.33378  -0.49483 0.35930  18 DA E N1    
791 C C2    . DA D 10 ? 1.37327 1.35361 1.06391 0.33443  -0.49678 0.35720  18 DA E C2    
792 N N3    . DA D 10 ? 1.37416 1.35711 1.06580 0.33402  -0.49944 0.35613  18 DA E N3    
793 C C4    . DA D 10 ? 1.43479 1.41715 1.12219 0.33278  -0.50001 0.35748  18 DA E C4    
794 P P     . DG D 11 ? 1.39369 1.39209 1.09467 0.34041  -0.52133 0.35051  19 DG E P     
795 O OP1   . DG D 11 ? 1.38780 1.38969 1.09344 0.33864  -0.52211 0.34807  19 DG E OP1   
796 O OP2   . DG D 11 ? 1.40589 1.40330 1.10171 0.34304  -0.52540 0.35258  19 DG E OP2   
797 O "O5'" . DG D 11 ? 1.39777 1.39586 1.10154 0.34505  -0.52271 0.35043  19 DG E "O5'" 
798 C "C5'" . DG D 11 ? 1.38744 1.38413 1.09336 0.34256  -0.51737 0.34978  19 DG E "C5'" 
799 C "C4'" . DG D 11 ? 1.39388 1.38858 1.09894 0.34671  -0.51801 0.35119  19 DG E "C4'" 
800 O "O4'" . DG D 11 ? 1.39273 1.38373 1.09261 0.34444  -0.51424 0.35339  19 DG E "O4'" 
801 C "C3'" . DG D 11 ? 1.40970 1.40575 1.11419 0.35390  -0.52510 0.35206  19 DG E "C3'" 
802 O "O3'" . DG D 11 ? 1.53860 1.53622 1.24751 0.35829  -0.52691 0.35098  19 DG E "O3'" 
803 C "C2'" . DG D 11 ? 1.44052 1.43309 1.13880 0.35505  -0.52477 0.35505  19 DG E "C2'" 
804 C "C1'" . DG D 11 ? 1.40458 1.39424 1.10208 0.34968  -0.51750 0.35537  19 DG E "C1'" 
805 N N9    . DG D 11 ? 1.40648 1.39285 1.09810 0.34793  -0.51534 0.35784  19 DG E N9    
806 C C8    . DG D 11 ? 1.40952 1.39535 1.09687 0.34620  -0.51617 0.35893  19 DG E C8    
807 N N7    . DG D 11 ? 1.41084 1.39351 1.09347 0.34505  -0.51381 0.36114  19 DG E N7    
808 C C5    . DG D 11 ? 1.40872 1.38973 1.09260 0.34613  -0.51138 0.36154  19 DG E C5    
809 C C6    . DG D 11 ? 1.40893 1.38658 1.08954 0.34567  -0.50836 0.36359  19 DG E C6    
810 O O6    . DG D 11 ? 1.41102 1.38642 1.08685 0.34415  -0.50714 0.36552  19 DG E O6    
811 N N1    . DG D 11 ? 1.45146 1.42852 1.13494 0.34714  -0.50666 0.36324  19 DG E N1    
812 C C2    . DG D 11 ? 1.40387 1.38327 1.09264 0.34892  -0.50776 0.36117  19 DG E C2    
813 N N2    . DG D 11 ? 1.40169 1.38008 1.09248 0.35022  -0.50584 0.36116  19 DG E N2    
814 N N3    . DG D 11 ? 1.40365 1.38624 1.09561 0.34941  -0.51059 0.35923  19 DG E N3    
815 C C4    . DG D 11 ? 1.40611 1.38934 1.09542 0.34793  -0.51228 0.35953  19 DG E C4    
816 P P     . DC D 12 ? 1.42424 1.42596 1.13618 0.36543  -0.53438 0.34985  20 DC E P     
817 O OP1   . DC D 12 ? 1.49170 1.49668 1.21018 0.36415  -0.53429 0.34689  20 DC E OP1   
818 O OP2   . DC D 12 ? 1.43444 1.43634 1.14192 0.36700  -0.53864 0.35109  20 DC E OP2   
819 O "O5'" . DC D 12 ? 1.43315 1.43439 1.14484 0.37192  -0.53596 0.35108  20 DC E "O5'" 
820 C "C5'" . DC D 12 ? 1.43959 1.43732 1.14547 0.37310  -0.53518 0.35407  20 DC E "C5'" 
821 C "C4'" . DC D 12 ? 1.43407 1.42936 1.14062 0.37243  -0.53065 0.35481  20 DC E "C4'" 
822 O "O4'" . DC D 12 ? 1.42701 1.41813 1.12931 0.36659  -0.52542 0.35643  20 DC E "O4'" 
823 C "C3'" . DC D 12 ? 1.44655 1.44187 1.15160 0.37979  -0.53356 0.35665  20 DC E "C3'" 
824 O "O3'" . DC D 12 ? 1.44122 1.43646 1.14994 0.38060  -0.53069 0.35607  20 DC E "O3'" 
825 C "C2'" . DC D 12 ? 1.46727 1.45843 1.16543 0.37839  -0.53230 0.35976  20 DC E "C2'" 
826 C "C1'" . DC D 12 ? 1.43598 1.42446 1.13369 0.36972  -0.52600 0.35928  20 DC E "C1'" 
827 N N1    . DC D 12 ? 1.43809 1.42404 1.12989 0.36673  -0.52543 0.36120  20 DC E N1    
828 C C2    . DC D 12 ? 1.43779 1.41986 1.12527 0.36507  -0.52210 0.36359  20 DC E C2    
829 O O2    . DC D 12 ? 1.43531 1.41605 1.12400 0.36583  -0.51957 0.36404  20 DC E O2    
830 N N3    . DC D 12 ? 1.44003 1.42001 1.12223 0.36261  -0.52169 0.36530  20 DC E N3    
831 C C4    . DC D 12 ? 1.44273 1.42426 1.12375 0.36186  -0.52450 0.36474  20 DC E C4    
832 N N4    . DC D 12 ? 1.44493 1.42434 1.12064 0.35947  -0.52394 0.36648  20 DC E N4    
833 C C5    . DC D 12 ? 1.44328 1.42870 1.12861 0.36354  -0.52803 0.36234  20 DC E C5    
834 C C6    . DC D 12 ? 1.44101 1.42855 1.13167 0.36600  -0.52840 0.36063  20 DC E C6    
835 P P     . DA D 13 ? 1.45278 1.45085 1.16322 0.38963  -0.53431 0.35669  21 DA E P     
836 O OP1   . DA D 13 ? 1.44609 1.44738 1.16338 0.39053  -0.53364 0.35395  21 DA E OP1   
837 O OP2   . DA D 13 ? 1.46824 1.46874 1.17545 0.39609  -0.54027 0.35789  21 DA E OP2   
838 O "O5'" . DA D 13 ? 1.45321 1.44712 1.16029 0.38941  -0.53081 0.35943  21 DA E "O5'" 
839 C "C5'" . DA D 13 ? 1.45167 1.44093 1.15305 0.38477  -0.52810 0.36162  21 DA E "C5'" 
840 C "C4'" . DA D 13 ? 1.46598 1.45381 1.16205 0.39022  -0.53083 0.36499  21 DA E "C4'" 
841 O "O4'" . DA D 13 ? 1.46492 1.44850 1.15530 0.38558  -0.52869 0.36699  21 DA E "O4'" 
842 C "C3'" . DA D 13 ? 1.48129 1.47274 1.17581 0.39765  -0.53740 0.36554  21 DA E "C3'" 
843 O "O3'" . DA D 13 ? 1.48700 1.48297 1.18557 0.40487  -0.53973 0.36490  21 DA E "O3'" 
844 C "C2'" . DA D 13 ? 1.49207 1.48009 1.17941 0.39959  -0.53841 0.36922  21 DA E "C2'" 
845 C "C1'" . DA D 13 ? 1.48033 1.46342 1.16531 0.39079  -0.53307 0.36965  21 DA E "C1'" 
846 N N9    . DA D 13 ? 1.48117 1.46332 1.16245 0.38744  -0.53425 0.36977  21 DA E N9    
847 C C8    . DA D 13 ? 1.48005 1.46515 1.16325 0.38661  -0.53680 0.36758  21 DA E C8    
848 N N7    . DA D 13 ? 1.48135 1.46484 1.16026 0.38348  -0.53734 0.36835  21 DA E N7    
849 C C5    . DA D 13 ? 1.48349 1.46274 1.15731 0.38223  -0.53494 0.37122  21 DA E C5    
850 C C6    . DA D 13 ? 1.48561 1.46159 1.15343 0.37914  -0.53413 0.37326  21 DA E C6    
851 N N6    . DA D 13 ? 1.48590 1.46243 1.15172 0.37665  -0.53567 0.37271  21 DA E N6    
852 N N1    . DA D 13 ? 1.48743 1.45965 1.15144 0.37875  -0.53165 0.37589  21 DA E N1    
853 C C2    . DA D 13 ? 1.48717 1.45889 1.15324 0.38122  -0.53014 0.37648  21 DA E C2    
854 N N3    . DA D 13 ? 1.48528 1.45983 1.15680 0.38423  -0.53064 0.37479  21 DA E N3    
855 C C4    . DA D 13 ? 1.48346 1.46178 1.15867 0.38460  -0.53308 0.37214  21 DA E C4    
# 
